data_8TSI
#
_entry.id   8TSI
#
_cell.length_a   1.00
_cell.length_b   1.00
_cell.length_c   1.00
_cell.angle_alpha   90.00
_cell.angle_beta   90.00
_cell.angle_gamma   90.00
#
_symmetry.space_group_name_H-M   'P 1'
#
loop_
_entity.id
_entity.type
_entity.pdbx_description
1 polymer 'ABC transporter ATP-binding protein'
2 polymer 'Transport permease protein'
3 polymer 'Capsular biosynthesis protein'
4 non-polymer "ADENOSINE-5'-DIPHOSPHATE"
5 non-polymer 'TETRAFLUOROALUMINATE ION'
#
loop_
_entity_poly.entity_id
_entity_poly.type
_entity_poly.pdbx_seq_one_letter_code
_entity_poly.pdbx_strand_id
1 'polypeptide(L)'
;MIELRNLTKWYPTPHGRRYVFRNLNFRFPDDVSIGLIGRNGAGKSTLMRLLGGIEAPNEGEVVTDVSISWPVGLSGGFQG
SLTARENVKFVCRIYGTSHEDMLRKVRFVEEFAEIGEHFDLPMKTYSSGMRSRVAFGLSMAFDFDYYLIDEAMAVGDAQF
RAKSRAVFDSRVGQANMILVSHNMNDIKEYCDVVVLVDQGQATLYEDVEAGIAAYQGSLKKAAAKPDYKDDDDK
;
A,B
2 'polypeptide(L)'
;MGKIHLAVSERSPRVKRSPWQIQQAVLFALFLRELKTRLGGRWLGVFWVLLEPVAHIAVMTTLFSLAHRAAMPSIEYPVF
LITGLIPFFMFRGLVTRLMEAIDSNRGLFAYRQVKPIDTVIARAMLEISLQSIVYLIALGTLGWLGFHFLPVRALELAGV
SAVLIMLGASLGLFFAVVTNEIPQARAIVRISLLPLYFVSGVIFPVHTIPPQYLPLLQLNPVLHLIELSRASFFPQYRVL
QGINLAYPAGFALLSLFLALMLYRLRRHQLASVV
;
C,D
3 'polypeptide(L)'
;MGKIHMKLVSRLTAKRLQWALVYLPMLVATVYFLVFSADRYVSESVITVRQTSSNAPTGGMSGAALLLAGLTPASREDTC
YLQTYIHSMGLLQKLDQQLKLREHFGTPLRDPLFRLWGGTSQEWFLEYYRSRVEVLMDDICGLLTVRVQGFEPEFAQALN
RAILEESERFVNELSHRMAREQGQFAEAELERATARLQEAKRQLIAFQAKHKLLDPLAQAQATGTLTAELQAALTRQEAE
LRNALTYLNEDSYQVKALRSQINALRQQIDEERLRATAGKNGDRINAVAAEFHDLQLQVGFAEDAYKLALAAVESARIEA
TRKLKSLVVVEPPVLPEIAEYPRRWYNLATLLVVCCLIYGVVSLVVATIRDHQDGSGSGSHHHHHHHHHH
;
E,F,G,H,I,J,K,L
#
loop_
_chem_comp.id
_chem_comp.type
_chem_comp.name
_chem_comp.formula
ADP non-polymer ADENOSINE-5'-DIPHOSPHATE 'C10 H15 N5 O10 P2'
ALF non-polymer 'TETRAFLUOROALUMINATE ION' 'Al F4 -1'
#
# COMPACT_ATOMS: atom_id res chain seq x y z
N ILE A 2 -44.85 -25.62 30.10
CA ILE A 2 -43.92 -26.06 29.07
C ILE A 2 -44.19 -27.51 28.70
N GLU A 3 -43.74 -27.92 27.52
CA GLU A 3 -43.97 -29.27 27.04
C GLU A 3 -42.69 -30.05 26.74
N LEU A 4 -41.69 -29.40 26.14
CA LEU A 4 -40.41 -30.02 25.79
C LEU A 4 -40.61 -31.24 24.89
N ARG A 5 -41.08 -30.95 23.67
CA ARG A 5 -41.39 -31.98 22.70
C ARG A 5 -40.11 -32.64 22.18
N ASN A 6 -40.29 -33.52 21.19
CA ASN A 6 -39.20 -34.31 20.64
C ASN A 6 -38.11 -33.41 20.08
N LEU A 7 -36.85 -33.78 20.32
CA LEU A 7 -35.72 -32.99 19.86
C LEU A 7 -34.51 -33.90 19.70
N THR A 8 -33.52 -33.40 18.96
CA THR A 8 -32.24 -34.07 18.80
C THR A 8 -31.15 -33.01 18.87
N LYS A 9 -30.19 -33.21 19.77
CA LYS A 9 -29.12 -32.25 19.99
C LYS A 9 -27.77 -32.93 19.83
N TRP A 10 -26.95 -32.41 18.91
CA TRP A 10 -25.60 -32.88 18.68
C TRP A 10 -24.70 -31.68 18.46
N TYR A 11 -23.40 -31.93 18.44
CA TYR A 11 -22.42 -30.89 18.19
C TYR A 11 -21.46 -31.34 17.10
N PRO A 12 -20.89 -30.40 16.33
CA PRO A 12 -19.97 -30.78 15.25
C PRO A 12 -18.61 -31.22 15.76
N THR A 13 -18.56 -32.41 16.35
CA THR A 13 -17.28 -32.95 16.82
C THR A 13 -16.46 -33.45 15.64
N PRO A 14 -15.13 -33.40 15.75
CA PRO A 14 -14.29 -33.96 14.67
C PRO A 14 -14.51 -35.44 14.42
N HIS A 15 -14.79 -36.21 15.48
CA HIS A 15 -15.00 -37.65 15.35
C HIS A 15 -16.48 -37.92 15.06
N GLY A 16 -16.90 -37.53 13.86
CA GLY A 16 -18.27 -37.70 13.43
C GLY A 16 -19.19 -36.67 14.04
N ARG A 17 -20.04 -37.09 14.98
CA ARG A 17 -20.97 -36.20 15.65
C ARG A 17 -21.45 -36.87 16.93
N ARG A 18 -21.32 -36.16 18.05
CA ARG A 18 -21.74 -36.68 19.34
C ARG A 18 -23.21 -36.31 19.57
N TYR A 19 -24.08 -37.30 19.44
CA TYR A 19 -25.53 -37.09 19.60
C TYR A 19 -25.83 -37.08 21.10
N VAL A 20 -25.77 -35.88 21.68
CA VAL A 20 -25.95 -35.75 23.13
C VAL A 20 -27.38 -36.07 23.53
N PHE A 21 -28.36 -35.58 22.77
CA PHE A 21 -29.77 -35.80 23.08
C PHE A 21 -30.46 -36.43 21.88
N ARG A 22 -31.23 -37.49 22.14
CA ARG A 22 -31.96 -38.21 21.09
C ARG A 22 -33.37 -38.53 21.54
N ASN A 23 -34.34 -38.03 20.76
CA ASN A 23 -35.75 -38.39 20.89
C ASN A 23 -36.27 -38.18 22.31
N LEU A 24 -35.91 -37.03 22.89
CA LEU A 24 -36.32 -36.69 24.25
C LEU A 24 -37.73 -36.11 24.21
N ASN A 25 -38.67 -36.82 24.83
CA ASN A 25 -40.06 -36.37 24.95
C ASN A 25 -40.41 -36.47 26.44
N PHE A 26 -40.07 -35.41 27.18
CA PHE A 26 -40.29 -35.37 28.62
C PHE A 26 -41.10 -34.14 28.97
N ARG A 27 -42.15 -34.33 29.77
CA ARG A 27 -43.01 -33.24 30.21
C ARG A 27 -42.61 -32.87 31.64
N PHE A 28 -42.18 -31.61 31.82
CA PHE A 28 -41.75 -31.17 33.13
C PHE A 28 -42.95 -31.03 34.07
N PRO A 29 -42.73 -31.21 35.38
CA PRO A 29 -43.82 -31.00 36.35
C PRO A 29 -44.21 -29.53 36.47
N ASP A 30 -45.26 -29.24 37.21
CA ASP A 30 -45.82 -27.90 37.29
C ASP A 30 -45.87 -27.43 38.74
N ASP A 31 -45.62 -26.13 38.94
CA ASP A 31 -45.74 -25.44 40.22
C ASP A 31 -44.80 -26.02 41.28
N VAL A 32 -43.70 -26.63 40.89
CA VAL A 32 -42.72 -27.18 41.82
C VAL A 32 -41.32 -26.83 41.33
N SER A 33 -40.42 -26.56 42.27
CA SER A 33 -39.03 -26.33 41.93
C SER A 33 -38.40 -27.63 41.45
N ILE A 34 -37.62 -27.55 40.38
CA ILE A 34 -37.02 -28.73 39.75
C ILE A 34 -35.52 -28.72 40.05
N GLY A 35 -34.99 -29.89 40.39
CA GLY A 35 -33.56 -30.02 40.58
C GLY A 35 -32.91 -30.95 39.57
N LEU A 36 -32.05 -30.40 38.72
CA LEU A 36 -31.29 -31.20 37.77
C LEU A 36 -30.00 -31.67 38.44
N ILE A 37 -29.81 -32.99 38.47
CA ILE A 37 -28.63 -33.59 39.10
C ILE A 37 -27.60 -33.99 38.05
N GLY A 38 -27.99 -34.83 37.09
CA GLY A 38 -27.17 -35.26 35.98
C GLY A 38 -25.88 -35.91 36.42
N ARG A 39 -24.84 -35.70 35.61
CA ARG A 39 -23.49 -36.18 35.89
C ARG A 39 -22.56 -35.49 34.90
N ASN A 40 -21.26 -35.71 35.08
CA ASN A 40 -20.28 -35.20 34.14
C ASN A 40 -20.42 -35.95 32.82
N GLY A 41 -20.44 -35.19 31.71
CA GLY A 41 -20.71 -35.76 30.41
C GLY A 41 -22.17 -35.73 30.00
N ALA A 42 -23.07 -35.36 30.91
CA ALA A 42 -24.49 -35.25 30.57
C ALA A 42 -24.76 -33.88 29.96
N GLY A 43 -26.03 -33.56 29.77
CA GLY A 43 -26.41 -32.32 29.12
C GLY A 43 -27.23 -31.36 29.95
N LYS A 44 -26.87 -31.20 31.23
CA LYS A 44 -27.61 -30.28 32.09
C LYS A 44 -27.47 -28.84 31.61
N SER A 45 -26.23 -28.40 31.35
CA SER A 45 -26.00 -27.05 30.87
C SER A 45 -26.61 -26.84 29.49
N THR A 46 -26.45 -27.84 28.62
CA THR A 46 -27.05 -27.77 27.25
C THR A 46 -28.57 -27.66 27.40
N LEU A 47 -29.17 -28.55 28.20
CA LEU A 47 -30.63 -28.49 28.45
C LEU A 47 -30.96 -27.14 29.10
N MET A 48 -30.08 -26.66 29.98
CA MET A 48 -30.31 -25.35 30.67
C MET A 48 -30.43 -24.25 29.61
N ARG A 49 -29.48 -24.20 28.66
CA ARG A 49 -29.51 -23.17 27.60
C ARG A 49 -30.76 -23.35 26.73
N LEU A 50 -31.11 -24.61 26.43
CA LEU A 50 -32.31 -24.89 25.59
C LEU A 50 -33.55 -24.30 26.29
N LEU A 51 -33.62 -24.45 27.61
CA LEU A 51 -34.76 -23.90 28.39
C LEU A 51 -34.74 -22.37 28.27
N GLY A 52 -33.55 -21.78 28.16
CA GLY A 52 -33.44 -20.34 28.05
C GLY A 52 -33.53 -19.79 26.66
N GLY A 53 -33.63 -20.65 25.65
CA GLY A 53 -33.72 -20.18 24.27
C GLY A 53 -32.46 -19.57 23.73
N ILE A 54 -31.31 -19.90 24.32
CA ILE A 54 -30.04 -19.33 23.85
C ILE A 54 -29.71 -19.85 22.45
N GLU A 55 -29.85 -21.16 22.26
CA GLU A 55 -29.67 -21.78 20.95
C GLU A 55 -30.89 -22.65 20.65
N ALA A 56 -31.44 -22.49 19.45
CA ALA A 56 -32.62 -23.24 19.07
C ALA A 56 -32.27 -24.68 18.69
N PRO A 57 -33.17 -25.62 18.95
CA PRO A 57 -32.94 -27.00 18.48
C PRO A 57 -32.91 -27.06 16.96
N ASN A 58 -32.07 -27.94 16.43
CA ASN A 58 -31.94 -28.10 14.99
C ASN A 58 -32.79 -29.23 14.45
N GLU A 59 -33.06 -30.26 15.24
CA GLU A 59 -33.93 -31.36 14.85
C GLU A 59 -35.01 -31.56 15.90
N GLY A 60 -35.64 -30.47 16.32
CA GLY A 60 -36.70 -30.54 17.30
C GLY A 60 -37.15 -29.15 17.69
N GLU A 61 -38.04 -29.12 18.70
CA GLU A 61 -38.57 -27.85 19.19
C GLU A 61 -39.08 -28.06 20.60
N VAL A 62 -39.30 -26.93 21.29
CA VAL A 62 -39.81 -26.93 22.66
C VAL A 62 -40.94 -25.91 22.74
N VAL A 63 -42.05 -26.31 23.35
CA VAL A 63 -43.20 -25.43 23.55
C VAL A 63 -43.13 -24.87 24.96
N THR A 64 -43.08 -23.54 25.06
CA THR A 64 -42.98 -22.84 26.35
C THR A 64 -44.01 -21.71 26.36
N ASP A 65 -45.19 -22.00 26.90
CA ASP A 65 -46.24 -20.98 27.03
C ASP A 65 -46.18 -20.27 28.38
N VAL A 66 -44.99 -19.78 28.73
CA VAL A 66 -44.75 -19.05 29.97
C VAL A 66 -43.41 -18.34 29.86
N SER A 67 -43.26 -17.21 30.56
CA SER A 67 -42.05 -16.43 30.47
C SER A 67 -40.88 -17.15 31.15
N ILE A 68 -39.78 -17.29 30.43
CA ILE A 68 -38.58 -17.97 30.91
C ILE A 68 -37.48 -16.92 31.09
N SER A 69 -36.91 -16.87 32.30
CA SER A 69 -35.78 -15.99 32.55
C SER A 69 -34.52 -16.57 31.92
N TRP A 70 -33.58 -15.67 31.62
CA TRP A 70 -32.32 -16.09 31.02
C TRP A 70 -31.49 -16.89 32.04
N PRO A 71 -30.69 -17.85 31.56
CA PRO A 71 -29.86 -18.63 32.48
C PRO A 71 -28.82 -17.77 33.18
N VAL A 72 -28.50 -18.13 34.42
CA VAL A 72 -27.53 -17.39 35.21
C VAL A 72 -26.14 -17.95 34.94
N GLY A 73 -25.93 -19.22 35.28
CA GLY A 73 -24.67 -19.87 35.03
C GLY A 73 -23.52 -19.31 35.87
N LEU A 74 -22.32 -19.79 35.55
CA LEU A 74 -21.10 -19.31 36.17
C LEU A 74 -20.16 -18.63 35.18
N SER A 75 -20.46 -18.69 33.89
CA SER A 75 -19.67 -18.03 32.86
C SER A 75 -20.56 -17.69 31.69
N GLY A 76 -20.30 -16.56 31.06
CA GLY A 76 -21.11 -16.08 29.96
C GLY A 76 -22.34 -15.35 30.43
N GLY A 77 -22.99 -14.67 29.48
CA GLY A 77 -24.16 -13.88 29.76
C GLY A 77 -23.90 -12.44 30.15
N PHE A 78 -22.64 -12.06 30.33
CA PHE A 78 -22.26 -10.68 30.64
C PHE A 78 -21.23 -10.20 29.63
N GLN A 79 -20.97 -8.89 29.66
CA GLN A 79 -20.03 -8.25 28.75
C GLN A 79 -18.82 -7.78 29.54
N GLY A 80 -17.63 -8.18 29.10
CA GLY A 80 -16.40 -7.81 29.77
C GLY A 80 -15.97 -6.38 29.47
N SER A 81 -14.88 -5.98 30.13
CA SER A 81 -14.26 -4.67 30.00
C SER A 81 -15.22 -3.53 30.33
N LEU A 82 -16.23 -3.79 31.17
CA LEU A 82 -17.20 -2.80 31.57
C LEU A 82 -17.54 -2.99 33.04
N THR A 83 -18.02 -1.92 33.67
CA THR A 83 -18.49 -2.05 35.04
C THR A 83 -19.90 -2.63 35.04
N ALA A 84 -20.33 -3.07 36.23
CA ALA A 84 -21.67 -3.66 36.36
C ALA A 84 -22.76 -2.63 36.12
N ARG A 85 -22.47 -1.34 36.27
CA ARG A 85 -23.48 -0.31 36.11
C ARG A 85 -24.01 -0.28 34.68
N GLU A 86 -23.12 -0.17 33.69
CA GLU A 86 -23.58 -0.14 32.31
C GLU A 86 -24.18 -1.47 31.89
N ASN A 87 -23.71 -2.58 32.47
CA ASN A 87 -24.30 -3.87 32.19
C ASN A 87 -25.75 -3.93 32.65
N VAL A 88 -26.05 -3.41 33.85
CA VAL A 88 -27.43 -3.47 34.32
C VAL A 88 -28.31 -2.46 33.58
N LYS A 89 -27.77 -1.30 33.19
CA LYS A 89 -28.55 -0.43 32.30
C LYS A 89 -28.87 -1.12 30.99
N PHE A 90 -27.90 -1.85 30.41
CA PHE A 90 -28.18 -2.57 29.17
C PHE A 90 -29.25 -3.65 29.39
N VAL A 91 -29.18 -4.36 30.51
CA VAL A 91 -30.11 -5.47 30.71
C VAL A 91 -31.53 -4.97 31.00
N CYS A 92 -31.69 -3.80 31.64
CA CYS A 92 -33.05 -3.27 31.75
C CYS A 92 -33.50 -2.56 30.48
N ARG A 93 -32.58 -2.08 29.65
CA ARG A 93 -32.97 -1.52 28.38
C ARG A 93 -33.33 -2.59 27.35
N ILE A 94 -32.83 -3.82 27.52
CA ILE A 94 -33.02 -4.83 26.49
C ILE A 94 -34.45 -5.35 26.50
N TYR A 95 -35.17 -5.17 27.60
CA TYR A 95 -36.56 -5.63 27.71
C TYR A 95 -37.56 -4.51 27.51
N GLY A 96 -37.15 -3.38 26.95
CA GLY A 96 -38.05 -2.28 26.66
C GLY A 96 -38.73 -1.70 27.89
N THR A 97 -37.95 -1.09 28.77
CA THR A 97 -38.45 -0.52 30.01
C THR A 97 -38.33 0.99 30.00
N SER A 98 -39.07 1.63 30.89
CA SER A 98 -39.03 3.08 31.05
C SER A 98 -37.80 3.46 31.88
N HIS A 99 -37.75 4.70 32.34
CA HIS A 99 -36.61 5.16 33.12
C HIS A 99 -36.78 4.89 34.61
N GLU A 100 -37.98 5.09 35.15
CA GLU A 100 -38.20 4.95 36.58
C GLU A 100 -38.00 3.50 37.04
N ASP A 101 -38.63 2.55 36.34
CA ASP A 101 -38.49 1.15 36.70
C ASP A 101 -37.05 0.68 36.50
N MET A 102 -36.41 1.12 35.42
CA MET A 102 -35.00 0.78 35.19
C MET A 102 -34.12 1.28 36.33
N LEU A 103 -34.31 2.53 36.76
CA LEU A 103 -33.49 3.08 37.83
C LEU A 103 -33.76 2.36 39.15
N ARG A 104 -35.03 2.08 39.47
CA ARG A 104 -35.33 1.42 40.74
C ARG A 104 -34.80 -0.01 40.74
N LYS A 105 -34.80 -0.67 39.57
CA LYS A 105 -34.32 -2.04 39.51
C LYS A 105 -32.79 -2.08 39.60
N VAL A 106 -32.12 -1.09 39.00
CA VAL A 106 -30.68 -0.95 39.19
C VAL A 106 -30.35 -0.70 40.66
N ARG A 107 -31.13 0.16 41.32
CA ARG A 107 -30.92 0.44 42.73
C ARG A 107 -31.11 -0.82 43.57
N PHE A 108 -32.12 -1.63 43.24
CA PHE A 108 -32.30 -2.92 43.90
C PHE A 108 -31.09 -3.82 43.68
N VAL A 109 -30.52 -3.78 42.48
CA VAL A 109 -29.34 -4.59 42.17
C VAL A 109 -28.17 -4.19 43.06
N GLU A 110 -27.95 -2.88 43.21
CA GLU A 110 -26.85 -2.45 44.07
C GLU A 110 -27.15 -2.73 45.54
N GLU A 111 -28.43 -2.66 45.93
CA GLU A 111 -28.78 -2.89 47.34
C GLU A 111 -28.59 -4.35 47.72
N PHE A 112 -28.95 -5.28 46.84
CA PHE A 112 -28.82 -6.70 47.16
C PHE A 112 -27.37 -7.11 47.33
N ALA A 113 -26.49 -6.62 46.45
CA ALA A 113 -25.09 -7.01 46.45
C ALA A 113 -24.31 -6.09 47.39
N GLU A 114 -23.69 -6.68 48.42
CA GLU A 114 -22.89 -5.92 49.37
C GLU A 114 -21.52 -5.63 48.75
N ILE A 115 -21.54 -4.76 47.74
CA ILE A 115 -20.35 -4.39 46.99
C ILE A 115 -20.19 -2.88 47.08
N GLY A 116 -18.98 -2.44 47.44
CA GLY A 116 -18.71 -1.03 47.59
C GLY A 116 -18.26 -0.38 46.30
N GLU A 117 -17.05 0.18 46.29
CA GLU A 117 -16.53 0.83 45.09
C GLU A 117 -16.29 -0.16 43.96
N HIS A 118 -16.20 -1.45 44.26
CA HIS A 118 -15.94 -2.45 43.23
C HIS A 118 -17.08 -2.55 42.22
N PHE A 119 -18.25 -2.01 42.55
CA PHE A 119 -19.34 -1.95 41.58
C PHE A 119 -19.04 -1.02 40.42
N ASP A 120 -18.12 -0.07 40.61
CA ASP A 120 -17.72 0.87 39.57
C ASP A 120 -16.37 0.49 38.98
N LEU A 121 -16.13 -0.81 38.83
CA LEU A 121 -14.88 -1.34 38.32
C LEU A 121 -15.15 -2.25 37.13
N PRO A 122 -14.22 -2.32 36.17
CA PRO A 122 -14.48 -3.12 34.96
C PRO A 122 -14.60 -4.60 35.28
N MET A 123 -15.22 -5.33 34.33
CA MET A 123 -15.53 -6.73 34.54
C MET A 123 -14.29 -7.60 34.72
N LYS A 124 -13.12 -7.12 34.31
CA LYS A 124 -11.89 -7.88 34.52
C LYS A 124 -11.57 -8.00 36.01
N THR A 125 -11.73 -6.92 36.76
CA THR A 125 -11.33 -6.89 38.17
C THR A 125 -12.47 -7.25 39.12
N TYR A 126 -13.10 -8.39 38.89
CA TYR A 126 -13.97 -9.02 39.86
C TYR A 126 -13.43 -10.39 40.24
N SER A 127 -13.69 -10.79 41.48
CA SER A 127 -13.38 -12.14 41.91
C SER A 127 -14.42 -13.11 41.38
N SER A 128 -14.21 -14.40 41.68
CA SER A 128 -15.15 -15.42 41.23
C SER A 128 -16.51 -15.29 41.91
N GLY A 129 -16.59 -14.58 43.03
CA GLY A 129 -17.84 -14.47 43.76
C GLY A 129 -18.64 -13.22 43.45
N MET A 130 -17.96 -12.12 43.16
CA MET A 130 -18.65 -10.85 42.91
C MET A 130 -19.51 -10.92 41.65
N ARG A 131 -18.96 -11.51 40.58
CA ARG A 131 -19.71 -11.64 39.33
C ARG A 131 -20.94 -12.52 39.53
N SER A 132 -20.78 -13.63 40.25
CA SER A 132 -21.91 -14.51 40.53
C SER A 132 -22.96 -13.80 41.38
N ARG A 133 -22.51 -12.99 42.35
CA ARG A 133 -23.46 -12.23 43.18
C ARG A 133 -24.24 -11.23 42.34
N VAL A 134 -23.55 -10.53 41.44
CA VAL A 134 -24.24 -9.55 40.58
C VAL A 134 -25.24 -10.26 39.68
N ALA A 135 -24.84 -11.38 39.07
CA ALA A 135 -25.74 -12.11 38.19
C ALA A 135 -26.95 -12.65 38.96
N PHE A 136 -26.72 -13.16 40.17
CA PHE A 136 -27.82 -13.70 40.95
C PHE A 136 -28.78 -12.61 41.40
N GLY A 137 -28.25 -11.45 41.79
CA GLY A 137 -29.13 -10.33 42.11
C GLY A 137 -29.90 -9.84 40.90
N LEU A 138 -29.29 -9.92 39.72
CA LEU A 138 -30.00 -9.54 38.50
C LEU A 138 -31.08 -10.55 38.16
N SER A 139 -30.88 -11.83 38.50
CA SER A 139 -31.84 -12.87 38.15
C SER A 139 -33.19 -12.63 38.83
N MET A 140 -33.17 -12.29 40.11
CA MET A 140 -34.40 -12.00 40.85
C MET A 140 -34.82 -10.54 40.75
N ALA A 141 -34.06 -9.71 40.02
CA ALA A 141 -34.52 -8.36 39.75
C ALA A 141 -35.74 -8.36 38.84
N PHE A 142 -35.67 -9.07 37.73
CA PHE A 142 -36.79 -9.11 36.78
C PHE A 142 -37.88 -10.04 37.26
N ASP A 143 -39.10 -9.78 36.79
CA ASP A 143 -40.28 -10.56 37.12
C ASP A 143 -40.46 -11.65 36.08
N PHE A 144 -40.47 -12.90 36.52
CA PHE A 144 -40.62 -14.05 35.63
C PHE A 144 -41.40 -15.12 36.37
N ASP A 145 -41.36 -16.34 35.83
CA ASP A 145 -42.02 -17.46 36.48
C ASP A 145 -41.03 -18.58 36.74
N TYR A 146 -40.06 -18.75 35.84
CA TYR A 146 -39.13 -19.87 35.87
C TYR A 146 -37.72 -19.30 36.02
N TYR A 147 -37.11 -19.53 37.18
CA TYR A 147 -35.78 -19.01 37.48
C TYR A 147 -34.74 -20.10 37.27
N LEU A 148 -33.79 -19.86 36.37
CA LEU A 148 -32.82 -20.86 35.94
C LEU A 148 -31.50 -20.63 36.65
N ILE A 149 -31.09 -21.60 37.48
CA ILE A 149 -29.90 -21.47 38.33
C ILE A 149 -28.93 -22.59 38.00
N ASP A 150 -27.68 -22.23 37.73
CA ASP A 150 -26.63 -23.25 37.46
C ASP A 150 -25.54 -23.13 38.53
N GLU A 151 -25.73 -23.75 39.69
CA GLU A 151 -24.72 -23.71 40.79
C GLU A 151 -24.09 -22.32 40.86
N ALA A 152 -24.92 -21.29 41.06
CA ALA A 152 -24.44 -19.89 41.05
C ALA A 152 -24.02 -19.47 42.48
N MET A 153 -24.17 -20.38 43.45
CA MET A 153 -23.84 -20.06 44.87
C MET A 153 -22.51 -20.73 45.25
N ALA A 154 -22.05 -21.69 44.43
CA ALA A 154 -20.83 -22.40 44.75
C ALA A 154 -19.64 -21.48 45.01
N VAL A 155 -19.76 -20.20 44.68
CA VAL A 155 -18.66 -19.25 44.88
C VAL A 155 -19.12 -18.09 45.75
N GLY A 156 -20.12 -18.34 46.60
CA GLY A 156 -20.63 -17.31 47.48
C GLY A 156 -20.44 -17.63 48.94
N ASP A 157 -20.55 -16.61 49.80
CA ASP A 157 -20.40 -16.81 51.23
C ASP A 157 -21.75 -17.15 51.86
N ALA A 158 -21.75 -17.30 53.19
CA ALA A 158 -22.98 -17.66 53.90
C ALA A 158 -24.02 -16.55 53.81
N GLN A 159 -23.57 -15.29 53.86
CA GLN A 159 -24.51 -14.17 53.74
C GLN A 159 -25.15 -14.14 52.36
N PHE A 160 -24.42 -14.57 51.33
CA PHE A 160 -24.99 -14.63 49.99
C PHE A 160 -26.18 -15.57 49.95
N ARG A 161 -25.99 -16.80 50.45
CA ARG A 161 -27.10 -17.75 50.54
C ARG A 161 -28.21 -17.22 51.42
N ALA A 162 -27.84 -16.54 52.51
CA ALA A 162 -28.84 -16.05 53.46
C ALA A 162 -29.78 -15.03 52.81
N LYS A 163 -29.23 -13.98 52.19
CA LYS A 163 -30.13 -13.01 51.61
C LYS A 163 -30.71 -13.47 50.27
N SER A 164 -30.08 -14.41 49.58
CA SER A 164 -30.73 -15.02 48.41
C SER A 164 -31.97 -15.79 48.83
N ARG A 165 -31.87 -16.57 49.91
CA ARG A 165 -33.03 -17.29 50.44
C ARG A 165 -34.08 -16.31 50.94
N ALA A 166 -33.66 -15.21 51.58
CA ALA A 166 -34.61 -14.21 52.04
C ALA A 166 -35.37 -13.59 50.87
N VAL A 167 -34.66 -13.24 49.79
CA VAL A 167 -35.30 -12.65 48.63
C VAL A 167 -36.27 -13.65 47.99
N PHE A 168 -35.84 -14.91 47.84
CA PHE A 168 -36.70 -15.92 47.24
C PHE A 168 -37.95 -16.15 48.07
N ASP A 169 -37.80 -16.25 49.40
CA ASP A 169 -38.96 -16.42 50.27
C ASP A 169 -39.84 -15.17 50.29
N SER A 170 -39.27 -14.01 49.97
CA SER A 170 -40.10 -12.84 49.73
C SER A 170 -40.80 -12.91 48.38
N ARG A 171 -40.31 -13.74 47.46
CA ARG A 171 -40.89 -13.86 46.13
C ARG A 171 -41.48 -15.24 45.84
N VAL A 172 -41.74 -16.06 46.86
CA VAL A 172 -42.37 -17.35 46.64
C VAL A 172 -43.87 -17.15 46.41
N GLY A 173 -44.53 -18.20 45.92
CA GLY A 173 -45.96 -18.16 45.67
C GLY A 173 -46.35 -17.76 44.26
N GLN A 174 -45.45 -17.13 43.51
CA GLN A 174 -45.73 -16.72 42.14
C GLN A 174 -44.71 -17.21 41.12
N ALA A 175 -43.56 -17.74 41.56
CA ALA A 175 -42.53 -18.22 40.65
C ALA A 175 -41.92 -19.49 41.20
N ASN A 176 -41.31 -20.28 40.30
CA ASN A 176 -40.61 -21.50 40.69
C ASN A 176 -39.21 -21.49 40.10
N MET A 177 -38.35 -22.35 40.65
CA MET A 177 -36.93 -22.36 40.34
C MET A 177 -36.49 -23.72 39.84
N ILE A 178 -35.74 -23.72 38.74
CA ILE A 178 -35.08 -24.90 38.21
C ILE A 178 -33.58 -24.68 38.43
N LEU A 179 -32.96 -25.54 39.24
CA LEU A 179 -31.57 -25.34 39.60
C LEU A 179 -30.78 -26.64 39.44
N VAL A 180 -29.49 -26.48 39.13
CA VAL A 180 -28.55 -27.59 39.05
C VAL A 180 -27.34 -27.24 39.90
N SER A 181 -26.92 -28.17 40.76
CA SER A 181 -25.80 -27.94 41.65
C SER A 181 -25.20 -29.29 42.05
N HIS A 182 -23.99 -29.25 42.56
CA HIS A 182 -23.27 -30.45 42.99
C HIS A 182 -23.29 -30.63 44.50
N ASN A 183 -23.85 -29.68 45.25
CA ASN A 183 -23.99 -29.78 46.71
C ASN A 183 -25.44 -30.10 47.05
N MET A 184 -25.70 -31.39 47.28
CA MET A 184 -27.08 -31.84 47.38
C MET A 184 -27.68 -31.60 48.76
N ASN A 185 -26.88 -31.17 49.74
CA ASN A 185 -27.45 -30.62 50.96
C ASN A 185 -28.26 -29.37 50.64
N ASP A 186 -27.85 -28.62 49.63
CA ASP A 186 -28.58 -27.43 49.21
C ASP A 186 -29.80 -27.80 48.38
N ILE A 187 -29.64 -28.74 47.44
CA ILE A 187 -30.74 -29.08 46.54
C ILE A 187 -31.81 -29.89 47.28
N LYS A 188 -31.45 -30.49 48.43
CA LYS A 188 -32.44 -31.20 49.23
C LYS A 188 -33.50 -30.25 49.78
N GLU A 189 -33.08 -29.06 50.21
CA GLU A 189 -33.98 -28.07 50.79
C GLU A 189 -34.35 -26.94 49.83
N TYR A 190 -33.81 -26.94 48.62
CA TYR A 190 -34.16 -25.92 47.63
C TYR A 190 -35.05 -26.42 46.51
N CYS A 191 -35.40 -27.70 46.47
CA CYS A 191 -36.18 -28.24 45.37
C CYS A 191 -37.26 -29.18 45.89
N ASP A 192 -38.28 -29.37 45.05
CA ASP A 192 -39.41 -30.25 45.35
C ASP A 192 -39.26 -31.62 44.68
N VAL A 193 -38.97 -31.64 43.38
CA VAL A 193 -38.77 -32.89 42.65
C VAL A 193 -37.46 -32.80 41.88
N VAL A 194 -36.93 -33.97 41.52
CA VAL A 194 -35.60 -34.09 40.95
C VAL A 194 -35.71 -34.73 39.57
N VAL A 195 -34.78 -34.38 38.68
CA VAL A 195 -34.71 -34.96 37.35
C VAL A 195 -33.27 -35.39 37.09
N LEU A 196 -33.09 -36.65 36.70
CA LEU A 196 -31.78 -37.22 36.41
C LEU A 196 -31.68 -37.54 34.93
N VAL A 197 -30.58 -37.06 34.34
CA VAL A 197 -30.32 -37.34 32.89
C VAL A 197 -29.07 -38.21 32.84
N ASP A 198 -29.11 -39.28 32.03
CA ASP A 198 -27.94 -40.19 31.89
C ASP A 198 -27.98 -40.80 30.49
N GLN A 199 -26.83 -40.87 29.81
CA GLN A 199 -26.79 -41.43 28.43
C GLN A 199 -27.80 -40.69 27.56
N GLY A 200 -27.85 -39.36 27.65
CA GLY A 200 -28.81 -38.56 26.87
C GLY A 200 -30.22 -38.67 27.41
N GLN A 201 -30.58 -39.82 27.98
CA GLN A 201 -31.96 -40.04 28.50
C GLN A 201 -32.18 -39.17 29.74
N ALA A 202 -33.41 -38.68 29.93
CA ALA A 202 -33.74 -37.86 31.12
C ALA A 202 -34.86 -38.55 31.92
N THR A 203 -34.79 -38.50 33.25
CA THR A 203 -35.81 -39.17 34.12
C THR A 203 -36.18 -38.23 35.27
N LEU A 204 -37.43 -38.33 35.76
CA LEU A 204 -37.90 -37.43 36.85
C LEU A 204 -38.07 -38.23 38.15
N TYR A 205 -37.73 -37.61 39.29
CA TYR A 205 -37.88 -38.29 40.61
C TYR A 205 -38.59 -37.33 41.58
N GLU A 206 -39.76 -37.74 42.07
CA GLU A 206 -40.53 -36.89 43.02
C GLU A 206 -39.73 -36.74 44.32
N ASP A 207 -39.57 -37.84 45.06
CA ASP A 207 -38.85 -37.80 46.33
C ASP A 207 -37.42 -37.36 46.10
N VAL A 208 -36.95 -36.38 46.89
CA VAL A 208 -35.60 -35.87 46.72
C VAL A 208 -34.57 -36.93 47.12
N GLU A 209 -34.87 -37.71 48.15
CA GLU A 209 -33.96 -38.78 48.57
C GLU A 209 -33.85 -39.85 47.51
N ALA A 210 -34.96 -40.17 46.83
CA ALA A 210 -34.92 -41.12 45.74
C ALA A 210 -34.05 -40.62 44.60
N GLY A 211 -34.16 -39.34 44.27
CA GLY A 211 -33.29 -38.77 43.25
C GLY A 211 -31.83 -38.79 43.65
N ILE A 212 -31.55 -38.54 44.94
CA ILE A 212 -30.17 -38.59 45.43
C ILE A 212 -29.62 -40.01 45.29
N ALA A 213 -30.42 -41.01 45.68
CA ALA A 213 -30.00 -42.40 45.58
C ALA A 213 -29.79 -42.81 44.13
N ALA A 214 -30.66 -42.34 43.24
CA ALA A 214 -30.49 -42.61 41.81
C ALA A 214 -29.22 -41.95 41.28
N TYR A 215 -28.89 -40.77 41.80
CA TYR A 215 -27.63 -40.12 41.44
C TYR A 215 -26.44 -40.98 41.85
N GLN A 216 -26.43 -41.43 43.09
CA GLN A 216 -25.33 -42.22 43.62
C GLN A 216 -25.45 -43.71 43.31
N GLY A 217 -26.51 -44.11 42.61
CA GLY A 217 -26.68 -45.50 42.24
C GLY A 217 -25.90 -45.90 41.00
N LYS B 16 -48.64 -8.44 24.68
CA LYS B 16 -47.38 -8.77 23.99
C LYS B 16 -47.08 -7.74 22.92
N ARG B 17 -45.92 -7.09 23.04
CA ARG B 17 -45.52 -6.07 22.08
C ARG B 17 -45.09 -6.71 20.76
N SER B 18 -45.20 -5.92 19.68
CA SER B 18 -44.86 -6.41 18.37
C SER B 18 -43.35 -6.64 18.25
N PRO B 19 -42.93 -7.57 17.39
CA PRO B 19 -41.49 -7.80 17.21
C PRO B 19 -40.74 -6.59 16.67
N TRP B 20 -41.41 -5.67 15.98
CA TRP B 20 -40.75 -4.47 15.49
C TRP B 20 -40.33 -3.57 16.65
N GLN B 21 -41.18 -3.45 17.67
CA GLN B 21 -40.83 -2.64 18.82
C GLN B 21 -39.63 -3.21 19.58
N ILE B 22 -39.60 -4.53 19.75
CA ILE B 22 -38.47 -5.14 20.43
C ILE B 22 -37.21 -5.07 19.57
N GLN B 23 -37.37 -5.11 18.24
CA GLN B 23 -36.24 -4.84 17.36
C GLN B 23 -35.69 -3.43 17.56
N GLN B 24 -36.58 -2.44 17.65
CA GLN B 24 -36.15 -1.07 17.85
C GLN B 24 -35.42 -0.93 19.19
N ALA B 25 -35.96 -1.54 20.24
CA ALA B 25 -35.32 -1.48 21.55
C ALA B 25 -33.95 -2.16 21.52
N VAL B 26 -33.87 -3.33 20.89
CA VAL B 26 -32.59 -4.05 20.81
C VAL B 26 -31.57 -3.24 20.05
N LEU B 27 -31.99 -2.66 18.92
CA LEU B 27 -31.07 -1.87 18.10
C LEU B 27 -30.60 -0.62 18.84
N PHE B 28 -31.50 0.07 19.54
CA PHE B 28 -31.09 1.24 20.29
C PHE B 28 -30.11 0.88 21.40
N ALA B 29 -30.41 -0.18 22.16
CA ALA B 29 -29.54 -0.59 23.25
C ALA B 29 -28.17 -0.99 22.74
N LEU B 30 -28.13 -1.75 21.64
CA LEU B 30 -26.85 -2.10 21.03
C LEU B 30 -26.15 -0.86 20.48
N PHE B 31 -26.92 0.14 20.05
CA PHE B 31 -26.33 1.36 19.45
C PHE B 31 -25.42 2.05 20.47
N LEU B 32 -26.02 2.62 21.52
CA LEU B 32 -25.22 3.37 22.54
C LEU B 32 -24.15 2.42 23.12
N ARG B 33 -24.53 1.17 23.40
CA ARG B 33 -23.54 0.17 23.90
C ARG B 33 -22.30 0.24 23.00
N GLU B 34 -22.47 0.00 21.69
CA GLU B 34 -21.35 0.06 20.76
C GLU B 34 -20.71 1.44 20.72
N LEU B 35 -21.46 2.49 21.03
CA LEU B 35 -20.92 3.84 20.91
C LEU B 35 -19.77 4.08 21.89
N LYS B 36 -19.96 3.67 23.15
CA LYS B 36 -18.96 3.99 24.19
C LYS B 36 -17.65 3.26 23.94
N THR B 37 -17.67 2.15 23.22
CA THR B 37 -16.44 1.42 22.94
C THR B 37 -15.84 1.77 21.60
N ARG B 38 -16.66 2.02 20.57
CA ARG B 38 -16.13 2.47 19.29
C ARG B 38 -15.51 3.85 19.41
N LEU B 39 -16.18 4.77 20.10
CA LEU B 39 -15.60 6.08 20.33
C LEU B 39 -14.55 6.04 21.43
N GLY B 40 -14.74 5.21 22.44
CA GLY B 40 -13.75 5.07 23.51
C GLY B 40 -14.02 6.01 24.67
N GLY B 41 -13.69 5.53 25.87
CA GLY B 41 -13.84 6.35 27.06
C GLY B 41 -12.79 7.44 27.20
N ARG B 42 -11.68 7.31 26.49
CA ARG B 42 -10.62 8.31 26.49
C ARG B 42 -10.93 9.51 25.61
N TRP B 43 -12.05 9.46 24.87
CA TRP B 43 -12.44 10.47 23.89
C TRP B 43 -11.41 10.64 22.78
N LEU B 44 -10.56 9.61 22.59
CA LEU B 44 -9.56 9.63 21.54
C LEU B 44 -10.13 9.19 20.19
N GLY B 45 -11.32 8.56 20.20
CA GLY B 45 -11.90 8.10 18.94
C GLY B 45 -12.27 9.24 18.02
N VAL B 46 -12.90 10.28 18.56
CA VAL B 46 -13.30 11.42 17.73
C VAL B 46 -12.08 12.14 17.19
N PHE B 47 -11.07 12.37 18.04
CA PHE B 47 -9.86 13.03 17.57
C PHE B 47 -9.15 12.18 16.53
N TRP B 48 -9.17 10.86 16.69
CA TRP B 48 -8.56 9.98 15.70
C TRP B 48 -9.30 10.07 14.36
N VAL B 49 -10.63 10.02 14.39
CA VAL B 49 -11.39 9.95 13.14
C VAL B 49 -11.62 11.32 12.50
N LEU B 50 -11.26 12.41 13.16
CA LEU B 50 -11.16 13.71 12.48
C LEU B 50 -9.73 14.26 12.42
N LEU B 51 -8.72 13.48 12.81
CA LEU B 51 -7.34 13.86 12.58
C LEU B 51 -6.64 12.98 11.57
N GLU B 52 -6.98 11.69 11.53
CA GLU B 52 -6.48 10.81 10.48
C GLU B 52 -6.91 11.25 9.07
N PRO B 53 -8.18 11.60 8.79
CA PRO B 53 -8.52 12.00 7.41
C PRO B 53 -7.79 13.24 6.93
N VAL B 54 -7.67 14.27 7.77
CA VAL B 54 -6.96 15.48 7.35
C VAL B 54 -5.47 15.19 7.20
N ALA B 55 -4.93 14.29 8.02
CA ALA B 55 -3.53 13.89 7.87
C ALA B 55 -3.29 13.22 6.52
N HIS B 56 -4.16 12.26 6.14
CA HIS B 56 -4.06 11.69 4.80
C HIS B 56 -4.22 12.75 3.72
N ILE B 57 -5.16 13.68 3.89
CA ILE B 57 -5.38 14.71 2.88
C ILE B 57 -4.10 15.53 2.66
N ALA B 58 -3.47 15.93 3.77
CA ALA B 58 -2.23 16.69 3.70
C ALA B 58 -1.12 15.89 3.03
N VAL B 59 -1.08 14.59 3.33
CA VAL B 59 -0.04 13.69 2.73
C VAL B 59 -0.17 13.68 1.21
N MET B 60 -1.28 13.14 0.68
CA MET B 60 -1.41 13.01 -0.80
C MET B 60 -1.11 14.36 -1.46
N THR B 61 -1.73 15.44 -0.96
CA THR B 61 -1.55 16.76 -1.61
C THR B 61 -0.05 17.09 -1.65
N THR B 62 0.64 17.01 -0.50
CA THR B 62 2.06 17.33 -0.46
C THR B 62 2.86 16.47 -1.43
N LEU B 63 2.46 15.22 -1.65
CA LEU B 63 3.18 14.39 -2.61
C LEU B 63 2.63 14.38 -4.04
N PHE B 64 1.39 14.85 -4.30
CA PHE B 64 0.96 14.85 -5.70
C PHE B 64 0.23 16.11 -6.15
N SER B 65 0.46 17.28 -5.55
CA SER B 65 -0.20 18.48 -6.03
C SER B 65 0.25 18.83 -7.45
N LEU B 66 1.56 18.79 -7.70
CA LEU B 66 2.07 19.09 -9.04
C LEU B 66 1.59 18.06 -10.05
N ALA B 67 1.57 16.78 -9.66
CA ALA B 67 1.12 15.73 -10.56
C ALA B 67 -0.36 15.91 -10.93
N HIS B 68 -1.19 16.25 -9.96
CA HIS B 68 -2.60 16.48 -10.24
C HIS B 68 -2.80 17.71 -11.11
N ARG B 69 -2.07 18.79 -10.82
CA ARG B 69 -2.19 19.99 -11.65
C ARG B 69 -1.72 19.74 -13.07
N ALA B 70 -0.77 18.82 -13.25
CA ALA B 70 -0.36 18.45 -14.60
C ALA B 70 -1.42 17.58 -15.27
N ALA B 71 -2.06 16.68 -14.52
CA ALA B 71 -3.04 15.78 -15.11
C ALA B 71 -4.28 16.53 -15.58
N MET B 72 -4.87 17.34 -14.72
CA MET B 72 -6.04 18.14 -15.07
C MET B 72 -6.20 19.30 -14.09
N PRO B 73 -6.27 20.54 -14.58
CA PRO B 73 -6.35 21.70 -13.70
C PRO B 73 -7.76 22.26 -13.48
N SER B 74 -8.81 21.58 -13.94
CA SER B 74 -10.15 22.13 -13.83
C SER B 74 -10.59 22.27 -12.38
N ILE B 75 -10.26 21.29 -11.54
CA ILE B 75 -10.66 21.28 -10.15
C ILE B 75 -9.42 21.10 -9.28
N GLU B 76 -9.55 21.50 -8.01
CA GLU B 76 -8.43 21.51 -7.09
C GLU B 76 -8.34 20.20 -6.32
N TYR B 77 -7.11 19.82 -5.98
CA TYR B 77 -6.87 18.56 -5.27
C TYR B 77 -7.55 18.45 -3.91
N PRO B 78 -7.50 19.46 -3.01
CA PRO B 78 -8.15 19.27 -1.70
C PRO B 78 -9.63 18.97 -1.78
N VAL B 79 -10.34 19.47 -2.80
CA VAL B 79 -11.74 19.09 -2.98
C VAL B 79 -11.89 17.90 -3.92
N PHE B 80 -10.89 17.61 -4.76
CA PHE B 80 -10.98 16.44 -5.62
C PHE B 80 -10.86 15.15 -4.82
N LEU B 81 -10.04 15.15 -3.77
CA LEU B 81 -9.78 13.89 -3.07
C LEU B 81 -10.75 13.62 -1.93
N ILE B 82 -11.30 14.65 -1.29
CA ILE B 82 -12.16 14.43 -0.12
C ILE B 82 -13.42 13.67 -0.52
N THR B 83 -14.01 14.04 -1.66
CA THR B 83 -15.27 13.46 -2.10
C THR B 83 -15.12 11.99 -2.48
N GLY B 84 -13.91 11.54 -2.80
CA GLY B 84 -13.69 10.14 -3.06
C GLY B 84 -13.13 9.42 -1.85
N LEU B 85 -12.55 10.17 -0.92
CA LEU B 85 -11.92 9.56 0.24
C LEU B 85 -12.94 9.21 1.32
N ILE B 86 -13.78 10.18 1.71
CA ILE B 86 -14.70 9.95 2.81
C ILE B 86 -15.70 8.83 2.52
N PRO B 87 -16.34 8.77 1.33
CA PRO B 87 -17.13 7.56 1.03
C PRO B 87 -16.32 6.28 1.01
N PHE B 88 -15.09 6.34 0.50
CA PHE B 88 -14.23 5.16 0.52
C PHE B 88 -13.91 4.73 1.94
N PHE B 89 -13.61 5.70 2.82
CA PHE B 89 -13.34 5.38 4.21
C PHE B 89 -14.57 4.81 4.88
N MET B 90 -15.75 5.34 4.54
CA MET B 90 -16.99 4.83 5.08
C MET B 90 -17.21 3.37 4.69
N PHE B 91 -17.06 3.05 3.40
CA PHE B 91 -17.21 1.67 2.95
C PHE B 91 -16.15 0.77 3.56
N ARG B 92 -14.91 1.26 3.63
CA ARG B 92 -13.81 0.49 4.22
C ARG B 92 -14.12 0.14 5.67
N GLY B 93 -14.58 1.12 6.45
CA GLY B 93 -14.90 0.85 7.83
C GLY B 93 -16.08 -0.08 7.99
N LEU B 94 -17.13 0.11 7.20
CA LEU B 94 -18.27 -0.78 7.38
C LEU B 94 -18.05 -2.15 6.76
N VAL B 95 -16.95 -2.36 6.04
CA VAL B 95 -16.59 -3.72 5.65
C VAL B 95 -15.54 -4.33 6.58
N THR B 96 -14.80 -3.51 7.35
CA THR B 96 -13.76 -4.03 8.21
C THR B 96 -14.11 -4.06 9.69
N ARG B 97 -15.16 -3.38 10.12
CA ARG B 97 -15.56 -3.44 11.52
C ARG B 97 -16.71 -4.40 11.78
N LEU B 98 -17.40 -4.85 10.74
CA LEU B 98 -18.44 -5.86 10.90
C LEU B 98 -17.87 -7.24 11.19
N MET B 99 -16.55 -7.41 11.06
CA MET B 99 -15.92 -8.68 11.42
C MET B 99 -16.11 -8.99 12.90
N GLU B 100 -15.90 -8.00 13.77
CA GLU B 100 -16.03 -8.18 15.20
C GLU B 100 -17.43 -7.82 15.71
N ALA B 101 -18.38 -7.53 14.81
CA ALA B 101 -19.74 -7.27 15.23
C ALA B 101 -20.39 -8.48 15.88
N ILE B 102 -19.92 -9.69 15.56
CA ILE B 102 -20.42 -10.91 16.16
C ILE B 102 -19.37 -11.56 17.06
N ASP B 103 -18.12 -11.63 16.59
CA ASP B 103 -17.07 -12.31 17.33
C ASP B 103 -16.75 -11.60 18.65
N SER B 104 -16.61 -10.27 18.61
CA SER B 104 -16.37 -9.52 19.83
C SER B 104 -17.63 -9.34 20.66
N ASN B 105 -18.80 -9.54 20.06
CA ASN B 105 -20.07 -9.44 20.77
C ASN B 105 -20.66 -10.82 21.07
N ARG B 106 -19.83 -11.87 20.97
CA ARG B 106 -20.31 -13.23 21.16
C ARG B 106 -20.80 -13.48 22.57
N GLY B 107 -20.10 -12.93 23.57
CA GLY B 107 -20.45 -13.17 24.96
C GLY B 107 -21.78 -12.61 25.39
N LEU B 108 -22.40 -11.74 24.59
CA LEU B 108 -23.67 -11.15 24.93
C LEU B 108 -24.86 -11.96 24.40
N PHE B 109 -24.61 -13.00 23.61
CA PHE B 109 -25.67 -13.78 22.98
C PHE B 109 -26.32 -14.75 23.98
N ALA B 110 -26.87 -14.19 25.06
CA ALA B 110 -27.47 -15.01 26.10
C ALA B 110 -28.73 -14.38 26.68
N TYR B 111 -29.50 -13.65 25.87
CA TYR B 111 -30.68 -12.96 26.38
C TYR B 111 -31.92 -13.20 25.53
N ARG B 112 -31.90 -14.22 24.67
CA ARG B 112 -33.06 -14.75 23.94
C ARG B 112 -33.62 -13.77 22.91
N GLN B 113 -33.11 -12.55 22.82
CA GLN B 113 -33.65 -11.57 21.88
C GLN B 113 -32.56 -11.06 20.96
N VAL B 114 -31.33 -11.01 21.46
CA VAL B 114 -30.21 -10.54 20.66
C VAL B 114 -29.89 -11.56 19.59
N LYS B 115 -29.83 -11.11 18.34
CA LYS B 115 -29.52 -11.95 17.20
C LYS B 115 -28.34 -11.35 16.44
N PRO B 116 -27.57 -12.18 15.74
CA PRO B 116 -26.38 -11.65 15.03
C PRO B 116 -26.70 -10.57 14.02
N ILE B 117 -27.88 -10.63 13.38
CA ILE B 117 -28.23 -9.59 12.41
C ILE B 117 -28.36 -8.24 13.10
N ASP B 118 -28.87 -8.24 14.34
CA ASP B 118 -28.97 -6.99 15.09
C ASP B 118 -27.58 -6.41 15.36
N THR B 119 -26.63 -7.27 15.74
CA THR B 119 -25.29 -6.79 16.07
C THR B 119 -24.49 -6.40 14.84
N VAL B 120 -24.79 -6.94 13.66
CA VAL B 120 -24.06 -6.49 12.48
C VAL B 120 -24.65 -5.20 11.92
N ILE B 121 -25.97 -5.03 11.97
CA ILE B 121 -26.55 -3.78 11.45
C ILE B 121 -26.50 -2.62 12.42
N ALA B 122 -26.40 -2.86 13.74
CA ALA B 122 -26.26 -1.76 14.68
C ALA B 122 -24.94 -1.03 14.49
N ARG B 123 -23.85 -1.78 14.31
CA ARG B 123 -22.55 -1.18 14.03
C ARG B 123 -22.57 -0.40 12.72
N ALA B 124 -23.27 -0.95 11.71
CA ALA B 124 -23.39 -0.25 10.44
C ALA B 124 -24.12 1.08 10.60
N MET B 125 -25.21 1.10 11.38
CA MET B 125 -25.92 2.35 11.63
C MET B 125 -25.02 3.35 12.37
N LEU B 126 -24.30 2.87 13.38
CA LEU B 126 -23.40 3.73 14.14
C LEU B 126 -22.36 4.38 13.23
N GLU B 127 -21.71 3.58 12.39
CA GLU B 127 -20.63 4.15 11.58
C GLU B 127 -21.17 4.95 10.42
N ILE B 128 -22.39 4.65 9.94
CA ILE B 128 -23.04 5.51 8.97
C ILE B 128 -23.25 6.90 9.55
N SER B 129 -23.74 6.96 10.80
CA SER B 129 -23.90 8.25 11.46
C SER B 129 -22.57 8.96 11.63
N LEU B 130 -21.53 8.23 12.07
CA LEU B 130 -20.23 8.83 12.29
C LEU B 130 -19.65 9.42 11.00
N GLN B 131 -19.72 8.66 9.91
CA GLN B 131 -19.15 9.13 8.65
C GLN B 131 -19.99 10.23 8.02
N SER B 132 -21.31 10.21 8.24
CA SER B 132 -22.13 11.34 7.79
C SER B 132 -21.74 12.61 8.53
N ILE B 133 -21.49 12.51 9.84
CA ILE B 133 -21.05 13.68 10.60
C ILE B 133 -19.70 14.18 10.10
N VAL B 134 -18.76 13.26 9.86
CA VAL B 134 -17.44 13.69 9.40
C VAL B 134 -17.53 14.30 8.00
N TYR B 135 -18.42 13.78 7.15
CA TYR B 135 -18.62 14.36 5.83
C TYR B 135 -19.19 15.77 5.92
N LEU B 136 -20.19 15.96 6.79
CA LEU B 136 -20.79 17.28 6.93
C LEU B 136 -19.79 18.29 7.46
N ILE B 137 -19.02 17.92 8.50
CA ILE B 137 -18.06 18.87 9.07
C ILE B 137 -16.92 19.13 8.09
N ALA B 138 -16.53 18.12 7.31
CA ALA B 138 -15.47 18.33 6.33
C ALA B 138 -15.92 19.25 5.20
N LEU B 139 -17.16 19.08 4.73
CA LEU B 139 -17.69 19.99 3.72
C LEU B 139 -17.79 21.41 4.26
N GLY B 140 -18.22 21.55 5.51
CA GLY B 140 -18.30 22.86 6.12
C GLY B 140 -16.94 23.54 6.22
N THR B 141 -15.93 22.79 6.68
CA THR B 141 -14.60 23.39 6.83
C THR B 141 -13.95 23.66 5.47
N LEU B 142 -14.31 22.86 4.45
CA LEU B 142 -13.74 23.09 3.13
C LEU B 142 -14.38 24.31 2.47
N GLY B 143 -15.68 24.53 2.71
CA GLY B 143 -16.29 25.78 2.30
C GLY B 143 -15.73 26.97 3.06
N TRP B 144 -15.41 26.76 4.34
CA TRP B 144 -14.82 27.82 5.15
C TRP B 144 -13.44 28.22 4.63
N LEU B 145 -12.63 27.24 4.23
CA LEU B 145 -11.29 27.54 3.74
C LEU B 145 -11.29 28.21 2.37
N GLY B 146 -12.42 28.21 1.66
CA GLY B 146 -12.49 28.88 0.38
C GLY B 146 -12.44 27.93 -0.80
N PHE B 147 -13.18 26.82 -0.71
CA PHE B 147 -13.23 25.84 -1.77
C PHE B 147 -14.69 25.47 -2.04
N HIS B 148 -14.92 24.89 -3.22
CA HIS B 148 -16.26 24.47 -3.60
C HIS B 148 -16.77 23.40 -2.64
N PHE B 149 -18.00 23.56 -2.17
CA PHE B 149 -18.56 22.62 -1.20
C PHE B 149 -20.04 22.33 -1.43
N LEU B 150 -20.59 22.67 -2.59
CA LEU B 150 -21.98 22.36 -2.92
C LEU B 150 -22.02 21.33 -4.03
N PRO B 151 -22.60 20.15 -3.81
CA PRO B 151 -22.76 19.20 -4.91
C PRO B 151 -23.71 19.75 -5.97
N VAL B 152 -23.30 19.62 -7.23
CA VAL B 152 -24.10 20.16 -8.33
C VAL B 152 -25.38 19.36 -8.52
N ARG B 153 -25.27 18.04 -8.49
CA ARG B 153 -26.43 17.14 -8.60
C ARG B 153 -26.40 16.27 -7.35
N ALA B 154 -27.05 16.75 -6.28
CA ALA B 154 -26.97 16.08 -5.00
C ALA B 154 -27.78 14.79 -4.96
N LEU B 155 -28.86 14.72 -5.74
CA LEU B 155 -29.69 13.51 -5.73
C LEU B 155 -28.93 12.30 -6.27
N GLU B 156 -28.17 12.50 -7.35
CA GLU B 156 -27.36 11.41 -7.89
C GLU B 156 -26.30 10.97 -6.90
N LEU B 157 -25.68 11.93 -6.20
CA LEU B 157 -24.70 11.58 -5.18
C LEU B 157 -25.34 10.78 -4.05
N ALA B 158 -26.56 11.16 -3.64
CA ALA B 158 -27.25 10.42 -2.61
C ALA B 158 -27.57 9.00 -3.06
N GLY B 159 -28.01 8.84 -4.31
CA GLY B 159 -28.29 7.52 -4.82
C GLY B 159 -27.06 6.64 -4.92
N VAL B 160 -25.95 7.22 -5.39
CA VAL B 160 -24.70 6.46 -5.49
C VAL B 160 -24.20 6.07 -4.10
N SER B 161 -24.31 6.98 -3.14
CA SER B 161 -23.92 6.65 -1.77
C SER B 161 -24.81 5.55 -1.19
N ALA B 162 -26.10 5.58 -1.49
CA ALA B 162 -27.00 4.53 -1.02
C ALA B 162 -26.63 3.18 -1.60
N VAL B 163 -26.33 3.13 -2.90
CA VAL B 163 -25.97 1.84 -3.50
C VAL B 163 -24.61 1.38 -2.98
N LEU B 164 -23.69 2.31 -2.68
CA LEU B 164 -22.42 1.94 -2.08
C LEU B 164 -22.63 1.35 -0.69
N ILE B 165 -23.54 1.93 0.08
CA ILE B 165 -23.85 1.41 1.41
C ILE B 165 -24.44 0.01 1.29
N MET B 166 -25.35 -0.18 0.35
CA MET B 166 -25.94 -1.50 0.13
C MET B 166 -24.85 -2.53 -0.18
N LEU B 167 -23.97 -2.21 -1.14
CA LEU B 167 -22.92 -3.14 -1.53
C LEU B 167 -21.98 -3.44 -0.37
N GLY B 168 -21.54 -2.38 0.33
CA GLY B 168 -20.58 -2.58 1.40
C GLY B 168 -21.14 -3.35 2.58
N ALA B 169 -22.36 -3.02 3.00
CA ALA B 169 -22.99 -3.74 4.11
C ALA B 169 -23.24 -5.20 3.72
N SER B 170 -23.65 -5.44 2.48
CA SER B 170 -23.84 -6.81 2.01
C SER B 170 -22.53 -7.59 2.05
N LEU B 171 -21.44 -6.99 1.56
CA LEU B 171 -20.16 -7.68 1.56
C LEU B 171 -19.68 -7.93 2.98
N GLY B 172 -19.87 -6.96 3.87
CA GLY B 172 -19.50 -7.15 5.26
C GLY B 172 -20.27 -8.27 5.93
N LEU B 173 -21.58 -8.34 5.67
CA LEU B 173 -22.39 -9.42 6.25
C LEU B 173 -21.97 -10.77 5.70
N PHE B 174 -21.71 -10.86 4.40
CA PHE B 174 -21.28 -12.12 3.80
C PHE B 174 -19.95 -12.56 4.38
N PHE B 175 -19.00 -11.64 4.48
CA PHE B 175 -17.69 -11.97 5.04
C PHE B 175 -17.82 -12.39 6.51
N ALA B 176 -18.67 -11.70 7.28
CA ALA B 176 -18.85 -12.06 8.69
C ALA B 176 -19.47 -13.44 8.84
N VAL B 177 -20.42 -13.78 7.96
CA VAL B 177 -21.03 -15.11 8.01
C VAL B 177 -20.01 -16.18 7.66
N VAL B 178 -19.17 -15.91 6.65
CA VAL B 178 -18.20 -16.92 6.22
C VAL B 178 -17.09 -17.10 7.26
N THR B 179 -16.63 -16.01 7.86
CA THR B 179 -15.41 -16.01 8.66
C THR B 179 -15.57 -16.62 10.05
N ASN B 180 -16.77 -17.00 10.45
CA ASN B 180 -16.97 -17.45 11.83
C ASN B 180 -16.16 -18.70 12.17
N GLU B 181 -15.93 -19.58 11.18
CA GLU B 181 -15.16 -20.80 11.45
C GLU B 181 -13.68 -20.49 11.64
N ILE B 182 -13.11 -19.67 10.77
CA ILE B 182 -11.68 -19.39 10.77
C ILE B 182 -11.48 -17.90 11.00
N PRO B 183 -11.07 -17.49 12.21
CA PRO B 183 -10.84 -16.07 12.48
C PRO B 183 -9.59 -15.49 11.84
N GLN B 184 -8.84 -16.29 11.06
CA GLN B 184 -7.68 -15.77 10.34
C GLN B 184 -8.07 -14.79 9.24
N ALA B 185 -9.33 -14.84 8.79
CA ALA B 185 -9.74 -14.11 7.60
C ALA B 185 -9.54 -12.61 7.72
N ARG B 186 -9.45 -12.07 8.94
CA ARG B 186 -9.09 -10.67 9.15
C ARG B 186 -7.90 -10.30 8.28
N ALA B 187 -6.81 -11.07 8.42
CA ALA B 187 -5.60 -10.80 7.65
C ALA B 187 -5.90 -10.70 6.16
N ILE B 188 -6.72 -11.63 5.66
CA ILE B 188 -7.07 -11.63 4.24
C ILE B 188 -7.71 -10.31 3.85
N VAL B 189 -8.73 -9.88 4.60
CA VAL B 189 -9.39 -8.64 4.22
C VAL B 189 -8.42 -7.49 4.34
N ARG B 190 -7.49 -7.59 5.31
CA ARG B 190 -6.48 -6.54 5.47
C ARG B 190 -5.61 -6.44 4.22
N ILE B 191 -5.13 -7.59 3.71
CA ILE B 191 -4.37 -7.49 2.46
C ILE B 191 -5.32 -7.18 1.31
N SER B 192 -6.56 -7.67 1.40
CA SER B 192 -7.56 -7.29 0.41
C SER B 192 -7.90 -5.81 0.51
N LEU B 193 -7.49 -5.15 1.58
CA LEU B 193 -7.73 -3.73 1.72
C LEU B 193 -6.61 -2.88 1.14
N LEU B 194 -5.49 -3.50 0.75
CA LEU B 194 -4.37 -2.69 0.26
C LEU B 194 -4.59 -2.24 -1.18
N PRO B 195 -4.83 -3.12 -2.16
CA PRO B 195 -5.02 -2.62 -3.53
C PRO B 195 -6.27 -1.80 -3.71
N LEU B 196 -7.30 -2.03 -2.90
CA LEU B 196 -8.55 -1.30 -3.04
C LEU B 196 -8.37 0.19 -2.78
N TYR B 197 -7.46 0.55 -1.88
CA TYR B 197 -7.18 1.97 -1.65
C TYR B 197 -6.42 2.58 -2.83
N PHE B 198 -5.75 1.75 -3.64
CA PHE B 198 -4.93 2.24 -4.74
C PHE B 198 -5.57 2.02 -6.10
N VAL B 199 -6.14 0.84 -6.36
CA VAL B 199 -6.68 0.52 -7.67
C VAL B 199 -8.00 1.22 -7.94
N SER B 200 -8.64 1.79 -6.93
CA SER B 200 -9.93 2.45 -7.10
C SER B 200 -9.82 3.86 -7.67
N GLY B 201 -8.61 4.42 -7.75
CA GLY B 201 -8.45 5.75 -8.28
C GLY B 201 -8.90 6.86 -7.37
N VAL B 202 -8.96 6.62 -6.06
CA VAL B 202 -9.34 7.67 -5.12
C VAL B 202 -8.23 8.71 -5.00
N ILE B 203 -6.96 8.28 -4.94
CA ILE B 203 -5.87 9.21 -4.72
C ILE B 203 -5.60 10.05 -5.96
N PHE B 204 -5.67 9.46 -7.14
CA PHE B 204 -5.32 10.12 -8.38
C PHE B 204 -6.39 9.86 -9.44
N PRO B 205 -6.59 10.80 -10.36
CA PRO B 205 -7.57 10.56 -11.44
C PRO B 205 -7.14 9.42 -12.34
N VAL B 206 -8.13 8.78 -12.95
CA VAL B 206 -7.92 7.59 -13.76
C VAL B 206 -7.48 7.96 -15.17
N HIS B 207 -7.23 9.25 -15.40
CA HIS B 207 -6.77 9.71 -16.71
C HIS B 207 -5.40 9.12 -17.04
N THR B 208 -4.49 9.09 -16.07
CA THR B 208 -3.13 8.63 -16.31
C THR B 208 -3.03 7.12 -16.49
N ILE B 209 -4.09 6.37 -16.19
CA ILE B 209 -4.05 4.91 -16.34
C ILE B 209 -3.96 4.56 -17.82
N PRO B 210 -3.02 3.72 -18.24
CA PRO B 210 -2.94 3.33 -19.65
C PRO B 210 -4.19 2.59 -20.09
N PRO B 211 -4.67 2.83 -21.31
CA PRO B 211 -5.89 2.16 -21.77
C PRO B 211 -5.76 0.65 -21.87
N GLN B 212 -4.57 0.14 -22.18
CA GLN B 212 -4.39 -1.30 -22.37
C GLN B 212 -4.65 -2.08 -21.09
N TYR B 213 -4.47 -1.45 -19.93
CA TYR B 213 -4.78 -2.08 -18.66
C TYR B 213 -6.23 -1.90 -18.23
N LEU B 214 -6.99 -1.08 -18.96
CA LEU B 214 -8.28 -0.58 -18.46
C LEU B 214 -9.29 -1.64 -18.04
N PRO B 215 -9.47 -2.78 -18.74
CA PRO B 215 -10.46 -3.77 -18.27
C PRO B 215 -10.29 -4.21 -16.82
N LEU B 216 -9.06 -4.45 -16.38
CA LEU B 216 -8.86 -4.92 -15.01
C LEU B 216 -9.25 -3.84 -13.99
N LEU B 217 -9.12 -2.57 -14.36
CA LEU B 217 -9.63 -1.50 -13.50
C LEU B 217 -11.16 -1.48 -13.48
N GLN B 218 -11.79 -1.84 -14.60
CA GLN B 218 -13.24 -1.73 -14.71
C GLN B 218 -13.97 -2.82 -13.93
N LEU B 219 -13.27 -3.81 -13.40
CA LEU B 219 -13.88 -4.88 -12.64
C LEU B 219 -14.04 -4.55 -11.17
N ASN B 220 -13.64 -3.35 -10.75
CA ASN B 220 -13.77 -2.95 -9.35
C ASN B 220 -15.01 -2.09 -9.19
N PRO B 221 -16.05 -2.56 -8.49
CA PRO B 221 -17.26 -1.75 -8.34
C PRO B 221 -17.03 -0.44 -7.60
N VAL B 222 -16.14 -0.43 -6.61
CA VAL B 222 -15.91 0.78 -5.85
C VAL B 222 -15.28 1.86 -6.72
N LEU B 223 -14.53 1.47 -7.76
CA LEU B 223 -14.03 2.45 -8.72
C LEU B 223 -15.18 3.12 -9.45
N HIS B 224 -16.17 2.34 -9.89
CA HIS B 224 -17.34 2.91 -10.55
C HIS B 224 -18.09 3.84 -9.61
N LEU B 225 -18.25 3.43 -8.35
CA LEU B 225 -18.99 4.26 -7.40
C LEU B 225 -18.27 5.56 -7.11
N ILE B 226 -16.95 5.51 -6.95
CA ILE B 226 -16.18 6.74 -6.71
C ILE B 226 -16.24 7.66 -7.92
N GLU B 227 -16.12 7.09 -9.12
CA GLU B 227 -16.20 7.91 -10.33
C GLU B 227 -17.57 8.56 -10.48
N LEU B 228 -18.64 7.82 -10.18
CA LEU B 228 -19.98 8.40 -10.26
C LEU B 228 -20.18 9.48 -9.21
N SER B 229 -19.66 9.28 -8.00
CA SER B 229 -19.75 10.32 -6.98
C SER B 229 -19.02 11.58 -7.40
N ARG B 230 -17.82 11.42 -7.96
CA ARG B 230 -17.06 12.58 -8.42
C ARG B 230 -17.76 13.29 -9.57
N ALA B 231 -18.35 12.53 -10.49
CA ALA B 231 -19.05 13.13 -11.61
C ALA B 231 -20.30 13.88 -11.15
N SER B 232 -21.04 13.32 -10.21
CA SER B 232 -22.26 13.96 -9.72
C SER B 232 -21.99 15.04 -8.70
N PHE B 233 -20.77 15.16 -8.21
CA PHE B 233 -20.43 16.24 -7.29
C PHE B 233 -19.93 17.48 -8.03
N PHE B 234 -18.87 17.33 -8.82
CA PHE B 234 -18.31 18.43 -9.59
C PHE B 234 -19.17 18.72 -10.81
N PRO B 235 -19.13 19.96 -11.31
CA PRO B 235 -19.91 20.30 -12.51
C PRO B 235 -19.24 19.99 -13.84
N GLN B 236 -17.98 19.54 -13.84
CA GLN B 236 -17.29 19.30 -15.10
C GLN B 236 -16.49 17.99 -15.12
N TYR B 237 -16.64 17.14 -14.11
CA TYR B 237 -15.99 15.83 -14.15
C TYR B 237 -16.60 14.98 -15.26
N ARG B 238 -15.74 14.31 -16.01
CA ARG B 238 -16.17 13.43 -17.10
C ARG B 238 -15.80 12.00 -16.76
N VAL B 239 -16.77 11.10 -16.94
CA VAL B 239 -16.54 9.68 -16.65
C VAL B 239 -15.82 9.03 -17.82
N LEU B 240 -15.02 8.01 -17.51
CA LEU B 240 -14.38 7.22 -18.54
C LEU B 240 -15.38 6.24 -19.15
N GLN B 241 -15.16 5.90 -20.41
CA GLN B 241 -16.07 5.00 -21.11
C GLN B 241 -16.01 3.60 -20.50
N GLY B 242 -17.17 2.99 -20.34
CA GLY B 242 -17.30 1.71 -19.67
C GLY B 242 -17.75 1.80 -18.22
N ILE B 243 -17.61 2.97 -17.60
CA ILE B 243 -18.09 3.18 -16.24
C ILE B 243 -19.59 3.40 -16.26
N ASN B 244 -20.32 2.62 -15.46
CA ASN B 244 -21.77 2.67 -15.46
C ASN B 244 -22.28 2.44 -14.04
N LEU B 245 -23.61 2.45 -13.90
CA LEU B 245 -24.26 2.14 -12.63
C LEU B 245 -24.92 0.77 -12.62
N ALA B 246 -25.12 0.16 -13.78
CA ALA B 246 -25.75 -1.17 -13.82
C ALA B 246 -24.88 -2.21 -13.13
N TYR B 247 -23.56 -2.17 -13.38
CA TYR B 247 -22.66 -3.16 -12.77
C TYR B 247 -22.66 -3.05 -11.25
N PRO B 248 -22.41 -1.90 -10.62
CA PRO B 248 -22.43 -1.88 -9.15
C PRO B 248 -23.78 -2.18 -8.54
N ALA B 249 -24.88 -1.77 -9.19
CA ALA B 249 -26.20 -2.07 -8.65
C ALA B 249 -26.48 -3.57 -8.69
N GLY B 250 -26.17 -4.22 -9.82
CA GLY B 250 -26.34 -5.66 -9.90
C GLY B 250 -25.44 -6.40 -8.94
N PHE B 251 -24.20 -5.92 -8.78
CA PHE B 251 -23.28 -6.52 -7.82
C PHE B 251 -23.84 -6.42 -6.41
N ALA B 252 -24.34 -5.23 -6.04
CA ALA B 252 -24.89 -5.04 -4.71
C ALA B 252 -26.10 -5.94 -4.48
N LEU B 253 -27.00 -6.03 -5.46
CA LEU B 253 -28.20 -6.84 -5.30
C LEU B 253 -27.86 -8.32 -5.17
N LEU B 254 -27.02 -8.84 -6.08
CA LEU B 254 -26.66 -10.25 -6.03
C LEU B 254 -25.90 -10.59 -4.76
N SER B 255 -24.96 -9.71 -4.36
CA SER B 255 -24.19 -9.95 -3.15
C SER B 255 -25.09 -9.92 -1.92
N LEU B 256 -26.06 -9.01 -1.87
CA LEU B 256 -26.98 -8.96 -0.74
C LEU B 256 -27.83 -10.22 -0.69
N PHE B 257 -28.31 -10.68 -1.84
CA PHE B 257 -29.08 -11.91 -1.87
C PHE B 257 -28.27 -13.09 -1.35
N LEU B 258 -27.02 -13.22 -1.82
CA LEU B 258 -26.20 -14.36 -1.39
C LEU B 258 -25.77 -14.22 0.07
N ALA B 259 -25.57 -12.99 0.55
CA ALA B 259 -25.21 -12.80 1.96
C ALA B 259 -26.36 -13.16 2.88
N LEU B 260 -27.56 -12.66 2.56
CA LEU B 260 -28.76 -13.01 3.36
C LEU B 260 -28.99 -14.52 3.23
N MET B 261 -28.74 -15.05 2.04
CA MET B 261 -28.92 -16.50 1.79
C MET B 261 -28.01 -17.29 2.73
N LEU B 262 -26.75 -16.89 2.83
CA LEU B 262 -25.77 -17.60 3.70
C LEU B 262 -26.18 -17.44 5.16
N TYR B 263 -26.40 -16.20 5.60
CA TYR B 263 -26.76 -15.95 7.00
C TYR B 263 -27.94 -16.80 7.43
N ARG B 264 -28.95 -16.94 6.58
CA ARG B 264 -30.10 -17.75 6.93
C ARG B 264 -29.78 -19.24 6.90
N LEU B 265 -28.75 -19.63 6.15
CA LEU B 265 -28.36 -21.05 6.14
C LEU B 265 -27.65 -21.44 7.43
N ARG B 266 -26.83 -20.54 7.98
CA ARG B 266 -26.02 -20.82 9.16
C ARG B 266 -26.41 -19.91 10.32
N ARG B 267 -27.72 -19.71 10.52
CA ARG B 267 -28.16 -18.83 11.61
C ARG B 267 -27.99 -19.50 12.97
N HIS B 268 -28.32 -20.78 13.08
CA HIS B 268 -28.25 -21.46 14.37
C HIS B 268 -26.82 -21.68 14.82
N GLN B 269 -25.90 -21.87 13.87
CA GLN B 269 -24.49 -22.06 14.22
C GLN B 269 -23.83 -20.77 14.69
N LEU B 270 -24.51 -19.62 14.56
CA LEU B 270 -23.97 -18.34 15.00
C LEU B 270 -24.22 -18.19 16.50
N ALA B 271 -23.42 -18.90 17.28
CA ALA B 271 -23.52 -18.90 18.74
C ALA B 271 -22.18 -19.31 19.31
N SER B 272 -22.16 -19.65 20.60
CA SER B 272 -20.97 -20.12 21.30
C SER B 272 -19.82 -19.11 21.23
N LYS C 15 -13.85 26.31 36.31
CA LYS C 15 -14.87 27.17 35.73
C LYS C 15 -14.27 28.48 35.24
N ARG C 16 -12.99 28.69 35.56
CA ARG C 16 -12.29 29.88 35.10
C ARG C 16 -11.93 29.78 33.61
N LEU C 17 -11.75 28.56 33.11
CA LEU C 17 -11.28 28.36 31.74
C LEU C 17 -12.24 28.99 30.73
N GLN C 18 -13.51 28.58 30.76
CA GLN C 18 -14.47 29.14 29.82
C GLN C 18 -14.84 30.58 30.20
N TRP C 19 -14.75 30.92 31.49
CA TRP C 19 -15.13 32.26 31.92
C TRP C 19 -14.17 33.32 31.42
N ALA C 20 -12.89 32.97 31.28
CA ALA C 20 -11.87 33.92 30.86
C ALA C 20 -11.42 33.73 29.43
N LEU C 21 -11.06 32.50 29.04
CA LEU C 21 -10.46 32.28 27.73
C LEU C 21 -11.47 32.37 26.59
N VAL C 22 -12.77 32.45 26.88
CA VAL C 22 -13.78 32.47 25.83
C VAL C 22 -14.33 33.88 25.66
N TYR C 23 -14.96 34.43 26.70
CA TYR C 23 -15.60 35.74 26.56
C TYR C 23 -14.59 36.85 26.34
N LEU C 24 -13.57 36.93 27.20
CA LEU C 24 -12.63 38.06 27.14
C LEU C 24 -11.95 38.23 25.79
N PRO C 25 -11.45 37.18 25.11
CA PRO C 25 -11.01 37.38 23.74
C PRO C 25 -12.10 37.86 22.81
N MET C 26 -13.35 37.46 23.04
CA MET C 26 -14.44 37.92 22.17
C MET C 26 -14.68 39.41 22.34
N LEU C 27 -14.74 39.90 23.58
CA LEU C 27 -14.87 41.34 23.81
C LEU C 27 -13.68 42.10 23.25
N VAL C 28 -12.46 41.55 23.42
CA VAL C 28 -11.28 42.20 22.85
C VAL C 28 -11.43 42.30 21.33
N ALA C 29 -11.88 41.21 20.70
CA ALA C 29 -12.01 41.19 19.25
C ALA C 29 -13.05 42.19 18.76
N THR C 30 -14.20 42.28 19.43
CA THR C 30 -15.23 43.19 18.92
C THR C 30 -14.84 44.65 19.18
N VAL C 31 -14.30 44.97 20.36
CA VAL C 31 -13.90 46.35 20.61
C VAL C 31 -12.59 46.74 19.92
N TYR C 32 -11.91 45.78 19.27
CA TYR C 32 -10.77 46.12 18.44
C TYR C 32 -11.15 46.22 16.96
N PHE C 33 -11.98 45.29 16.46
CA PHE C 33 -12.25 45.22 15.02
C PHE C 33 -13.20 46.33 14.58
N LEU C 34 -14.40 46.36 15.13
CA LEU C 34 -15.42 47.31 14.69
C LEU C 34 -15.37 48.63 15.45
N VAL C 35 -14.40 48.80 16.35
CA VAL C 35 -14.20 50.06 17.07
C VAL C 35 -12.84 50.68 16.77
N PHE C 36 -11.78 49.88 16.84
CA PHE C 36 -10.41 50.38 16.70
C PHE C 36 -9.79 50.12 15.34
N SER C 37 -10.04 48.95 14.74
CA SER C 37 -9.39 48.59 13.50
C SER C 37 -9.84 49.50 12.35
N ALA C 38 -8.90 49.79 11.45
CA ALA C 38 -9.16 50.68 10.34
C ALA C 38 -9.39 49.87 9.06
N ASP C 39 -10.29 50.34 8.22
CA ASP C 39 -10.61 49.66 6.98
C ASP C 39 -9.44 49.74 6.00
N ARG C 40 -9.15 48.62 5.34
CA ARG C 40 -8.04 48.52 4.39
C ARG C 40 -8.61 48.13 3.03
N TYR C 41 -8.63 49.10 2.11
CA TYR C 41 -9.09 48.83 0.76
C TYR C 41 -8.05 48.05 -0.02
N VAL C 42 -8.52 47.12 -0.85
CA VAL C 42 -7.66 46.23 -1.63
C VAL C 42 -7.87 46.54 -3.11
N SER C 43 -6.77 46.81 -3.80
CA SER C 43 -6.78 47.00 -5.25
C SER C 43 -5.98 45.86 -5.88
N GLU C 44 -6.62 45.09 -6.75
CA GLU C 44 -5.99 43.94 -7.37
C GLU C 44 -5.72 44.22 -8.84
N SER C 45 -4.66 43.60 -9.35
CA SER C 45 -4.32 43.70 -10.76
C SER C 45 -3.71 42.39 -11.20
N VAL C 46 -4.00 41.98 -12.43
CA VAL C 46 -3.51 40.72 -12.96
C VAL C 46 -2.71 41.02 -14.22
N ILE C 47 -1.44 40.60 -14.22
CA ILE C 47 -0.49 40.88 -15.29
C ILE C 47 0.25 39.60 -15.64
N THR C 48 1.16 39.71 -16.59
CA THR C 48 2.09 38.65 -16.96
C THR C 48 3.25 39.29 -17.73
N VAL C 49 4.10 38.46 -18.32
CA VAL C 49 5.25 38.94 -19.09
C VAL C 49 5.28 38.19 -20.42
N ARG C 50 5.32 38.95 -21.51
CA ARG C 50 5.43 38.39 -22.85
C ARG C 50 6.50 39.15 -23.63
N GLN C 51 7.36 38.41 -24.31
CA GLN C 51 8.45 39.02 -25.08
C GLN C 51 7.95 39.51 -26.44
N ARG C 76 8.55 32.52 -18.76
CA ARG C 76 7.99 32.15 -17.48
C ARG C 76 8.97 32.46 -16.34
N GLU C 77 10.27 32.37 -16.63
CA GLU C 77 11.27 32.69 -15.63
C GLU C 77 11.27 34.18 -15.29
N ASP C 78 10.87 35.03 -16.24
CA ASP C 78 10.79 36.46 -15.96
C ASP C 78 9.72 36.75 -14.92
N THR C 79 8.65 35.98 -14.88
CA THR C 79 7.64 36.17 -13.85
C THR C 79 8.16 35.76 -12.47
N CYS C 80 9.04 34.75 -12.42
CA CYS C 80 9.69 34.42 -11.15
C CYS C 80 10.63 35.55 -10.72
N TYR C 81 11.38 36.11 -11.68
CA TYR C 81 12.21 37.29 -11.38
C TYR C 81 11.34 38.41 -10.82
N LEU C 82 10.18 38.63 -11.42
CA LEU C 82 9.27 39.68 -10.95
C LEU C 82 8.74 39.38 -9.55
N GLN C 83 8.37 38.13 -9.30
CA GLN C 83 7.86 37.76 -7.98
C GLN C 83 8.91 37.99 -6.90
N THR C 84 10.17 37.69 -7.21
CA THR C 84 11.23 38.00 -6.25
C THR C 84 11.42 39.51 -6.11
N TYR C 85 11.38 40.25 -7.22
CA TYR C 85 11.67 41.68 -7.19
C TYR C 85 10.60 42.48 -6.46
N ILE C 86 9.34 42.01 -6.47
CA ILE C 86 8.28 42.77 -5.83
C ILE C 86 8.53 42.91 -4.33
N HIS C 87 8.97 41.83 -3.69
CA HIS C 87 9.25 41.82 -2.26
C HIS C 87 10.70 42.15 -1.93
N SER C 88 11.37 42.93 -2.79
CA SER C 88 12.79 43.24 -2.60
C SER C 88 12.94 44.54 -1.81
N MET C 89 14.17 45.05 -1.75
CA MET C 89 14.50 46.27 -1.02
C MET C 89 14.60 47.50 -1.93
N GLY C 90 15.20 47.36 -3.11
CA GLY C 90 15.35 48.52 -3.99
C GLY C 90 14.02 49.08 -4.43
N LEU C 91 13.07 48.20 -4.78
CA LEU C 91 11.73 48.66 -5.11
C LEU C 91 11.06 49.29 -3.90
N LEU C 92 11.29 48.72 -2.71
CA LEU C 92 10.72 49.30 -1.49
C LEU C 92 11.30 50.68 -1.21
N GLN C 93 12.61 50.85 -1.43
CA GLN C 93 13.23 52.16 -1.26
C GLN C 93 12.68 53.17 -2.26
N LYS C 94 12.48 52.75 -3.51
CA LYS C 94 11.89 53.64 -4.51
C LYS C 94 10.47 54.05 -4.12
N LEU C 95 9.68 53.09 -3.64
CA LEU C 95 8.31 53.40 -3.23
C LEU C 95 8.29 54.33 -2.03
N ASP C 96 9.21 54.13 -1.07
CA ASP C 96 9.28 55.03 0.07
C ASP C 96 9.68 56.44 -0.36
N GLN C 97 10.62 56.56 -1.29
CA GLN C 97 11.04 57.89 -1.72
C GLN C 97 9.99 58.55 -2.60
N GLN C 98 9.12 57.77 -3.22
CA GLN C 98 8.14 58.35 -4.14
C GLN C 98 6.79 58.63 -3.49
N LEU C 99 6.14 57.60 -2.97
CA LEU C 99 4.76 57.69 -2.52
C LEU C 99 4.61 57.95 -1.03
N LYS C 100 5.72 58.02 -0.28
CA LYS C 100 5.72 58.28 1.16
C LYS C 100 4.86 57.25 1.91
N LEU C 101 5.31 55.99 1.82
CA LEU C 101 4.59 54.91 2.48
C LEU C 101 4.68 55.03 3.99
N ARG C 102 5.82 55.47 4.51
CA ARG C 102 6.04 55.49 5.96
C ARG C 102 5.06 56.42 6.66
N GLU C 103 4.84 57.61 6.10
CA GLU C 103 3.90 58.55 6.70
C GLU C 103 2.46 58.06 6.55
N HIS C 104 2.11 57.54 5.37
CA HIS C 104 0.73 57.14 5.11
C HIS C 104 0.31 55.95 5.96
N PHE C 105 1.22 55.00 6.18
CA PHE C 105 0.85 53.80 6.92
C PHE C 105 0.69 54.07 8.42
N GLY C 106 1.05 55.26 8.90
CA GLY C 106 0.85 55.64 10.28
C GLY C 106 -0.34 56.54 10.54
N THR C 107 -1.12 56.87 9.51
CA THR C 107 -2.28 57.74 9.72
C THR C 107 -3.34 57.18 10.66
N PRO C 108 -3.71 55.87 10.64
CA PRO C 108 -4.75 55.43 11.59
C PRO C 108 -4.19 55.24 13.00
N LEU C 109 -4.47 56.18 13.90
CA LEU C 109 -3.99 56.07 15.28
C LEU C 109 -4.86 55.16 16.13
N ARG C 110 -6.05 54.80 15.66
CA ARG C 110 -6.97 54.02 16.50
C ARG C 110 -6.46 52.60 16.71
N ASP C 111 -6.01 51.94 15.65
CA ASP C 111 -5.62 50.54 15.78
C ASP C 111 -4.12 50.42 16.06
N PRO C 112 -3.72 49.61 17.04
CA PRO C 112 -2.29 49.41 17.30
C PRO C 112 -1.66 48.28 16.50
N LEU C 113 -2.46 47.26 16.17
CA LEU C 113 -1.91 46.05 15.57
C LEU C 113 -1.53 46.26 14.11
N PHE C 114 -2.38 46.93 13.34
CA PHE C 114 -2.20 47.08 11.90
C PHE C 114 -1.76 48.49 11.53
N ARG C 115 -0.99 49.13 12.40
CA ARG C 115 -0.43 50.44 12.13
C ARG C 115 1.09 50.38 12.27
N LEU C 116 1.78 51.08 11.39
CA LEU C 116 3.24 51.14 11.42
C LEU C 116 3.67 52.26 12.35
N TRP C 117 4.37 51.91 13.43
CA TRP C 117 4.83 52.91 14.37
C TRP C 117 5.91 53.78 13.77
N GLY C 118 6.02 55.01 14.25
CA GLY C 118 7.06 55.90 13.79
C GLY C 118 8.43 55.49 14.33
N GLY C 119 9.44 55.68 13.50
CA GLY C 119 10.80 55.34 13.88
C GLY C 119 11.03 53.86 14.14
N THR C 120 10.46 52.99 13.30
CA THR C 120 10.67 51.56 13.46
C THR C 120 11.84 51.10 12.59
N SER C 121 12.31 49.89 12.88
CA SER C 121 13.49 49.35 12.21
C SER C 121 13.20 49.08 10.74
N GLN C 122 14.27 49.06 9.94
CA GLN C 122 14.13 48.86 8.49
C GLN C 122 13.58 47.48 8.17
N GLU C 123 14.07 46.45 8.88
CA GLU C 123 13.62 45.08 8.60
C GLU C 123 12.14 44.91 8.93
N TRP C 124 11.67 45.55 10.00
CA TRP C 124 10.25 45.50 10.31
C TRP C 124 9.42 46.19 9.23
N PHE C 125 9.94 47.29 8.68
CA PHE C 125 9.23 47.96 7.59
C PHE C 125 9.17 47.07 6.35
N LEU C 126 10.26 46.35 6.06
CA LEU C 126 10.24 45.40 4.96
C LEU C 126 9.21 44.30 5.20
N GLU C 127 9.15 43.79 6.43
CA GLU C 127 8.16 42.77 6.76
C GLU C 127 6.74 43.31 6.61
N TYR C 128 6.52 44.57 7.01
CA TYR C 128 5.20 45.18 6.87
C TYR C 128 4.81 45.31 5.40
N TYR C 129 5.74 45.78 4.57
CA TYR C 129 5.44 45.92 3.14
C TYR C 129 5.19 44.55 2.50
N ARG C 130 5.93 43.53 2.94
CA ARG C 130 5.71 42.18 2.42
C ARG C 130 4.34 41.65 2.85
N SER C 131 3.93 41.96 4.08
CA SER C 131 2.63 41.51 4.56
C SER C 131 1.48 42.32 4.00
N ARG C 132 1.74 43.47 3.38
CA ARG C 132 0.66 44.24 2.79
C ARG C 132 0.42 43.89 1.32
N VAL C 133 1.40 44.06 0.46
CA VAL C 133 1.27 43.74 -0.95
C VAL C 133 1.46 42.24 -1.08
N GLU C 134 0.40 41.52 -1.47
CA GLU C 134 0.45 40.07 -1.60
C GLU C 134 0.45 39.69 -3.07
N VAL C 135 1.31 38.76 -3.44
CA VAL C 135 1.54 38.37 -4.83
C VAL C 135 1.26 36.87 -4.97
N LEU C 136 0.39 36.52 -5.91
CA LEU C 136 0.09 35.15 -6.25
C LEU C 136 0.56 34.85 -7.66
N MET C 137 1.05 33.64 -7.88
CA MET C 137 1.54 33.21 -9.18
C MET C 137 0.76 31.98 -9.62
N ASP C 138 0.29 31.99 -10.87
CA ASP C 138 -0.33 30.83 -11.49
C ASP C 138 0.62 30.29 -12.55
N ASP C 139 1.10 29.07 -12.35
CA ASP C 139 2.16 28.50 -13.17
C ASP C 139 1.65 27.81 -14.42
N ILE C 140 0.44 27.23 -14.37
CA ILE C 140 -0.13 26.61 -15.57
C ILE C 140 -0.46 27.65 -16.63
N CYS C 141 -0.62 28.92 -16.24
CA CYS C 141 -0.83 30.01 -17.17
C CYS C 141 0.23 31.10 -17.06
N GLY C 142 1.03 31.12 -15.99
CA GLY C 142 2.01 32.17 -15.79
C GLY C 142 1.41 33.53 -15.55
N LEU C 143 0.36 33.62 -14.74
CA LEU C 143 -0.33 34.87 -14.48
C LEU C 143 -0.04 35.34 -13.07
N LEU C 144 0.39 36.59 -12.93
CA LEU C 144 0.76 37.16 -11.65
C LEU C 144 -0.35 38.09 -11.17
N THR C 145 -0.89 37.82 -9.99
CA THR C 145 -1.92 38.67 -9.39
C THR C 145 -1.30 39.41 -8.22
N VAL C 146 -1.33 40.74 -8.29
CA VAL C 146 -0.81 41.60 -7.23
C VAL C 146 -1.99 42.26 -6.56
N ARG C 147 -2.16 42.02 -5.25
CA ARG C 147 -3.21 42.64 -4.47
C ARG C 147 -2.54 43.57 -3.48
N VAL C 148 -2.79 44.87 -3.63
CA VAL C 148 -2.18 45.90 -2.82
C VAL C 148 -3.21 46.40 -1.83
N GLN C 149 -2.82 46.46 -0.55
CA GLN C 149 -3.68 46.97 0.50
C GLN C 149 -3.36 48.43 0.78
N GLY C 150 -4.35 49.13 1.34
CA GLY C 150 -4.17 50.52 1.70
C GLY C 150 -5.25 50.95 2.66
N PHE C 151 -5.19 52.23 3.05
CA PHE C 151 -6.20 52.82 3.90
C PHE C 151 -7.09 53.81 3.16
N GLU C 152 -6.77 54.14 1.92
CA GLU C 152 -7.57 54.99 1.06
C GLU C 152 -7.54 54.39 -0.34
N PRO C 153 -8.63 54.49 -1.11
CA PRO C 153 -8.66 53.79 -2.40
C PRO C 153 -7.77 54.43 -3.44
N GLU C 154 -7.67 55.76 -3.46
CA GLU C 154 -6.78 56.44 -4.39
C GLU C 154 -5.33 56.05 -4.13
N PHE C 155 -4.95 55.96 -2.85
CA PHE C 155 -3.59 55.56 -2.51
C PHE C 155 -3.31 54.13 -2.98
N ALA C 156 -4.27 53.22 -2.78
CA ALA C 156 -4.06 51.83 -3.21
C ALA C 156 -3.94 51.73 -4.72
N GLN C 157 -4.78 52.45 -5.46
CA GLN C 157 -4.69 52.42 -6.91
C GLN C 157 -3.37 53.01 -7.39
N ALA C 158 -2.95 54.13 -6.78
CA ALA C 158 -1.67 54.74 -7.16
C ALA C 158 -0.51 53.81 -6.86
N LEU C 159 -0.55 53.12 -5.71
CA LEU C 159 0.52 52.20 -5.36
C LEU C 159 0.58 51.02 -6.32
N ASN C 160 -0.58 50.50 -6.72
CA ASN C 160 -0.59 49.41 -7.69
C ASN C 160 -0.04 49.86 -9.04
N ARG C 161 -0.44 51.05 -9.49
CA ARG C 161 0.08 51.57 -10.75
C ARG C 161 1.58 51.79 -10.69
N ALA C 162 2.07 52.31 -9.56
CA ALA C 162 3.50 52.52 -9.40
C ALA C 162 4.25 51.21 -9.39
N ILE C 163 3.69 50.19 -8.74
CA ILE C 163 4.32 48.87 -8.71
C ILE C 163 4.43 48.31 -10.11
N LEU C 164 3.36 48.41 -10.90
CA LEU C 164 3.38 47.89 -12.27
C LEU C 164 4.39 48.64 -13.12
N GLU C 165 4.41 49.98 -13.02
CA GLU C 165 5.33 50.77 -13.82
C GLU C 165 6.78 50.48 -13.45
N GLU C 166 7.08 50.40 -12.15
CA GLU C 166 8.44 50.11 -11.72
C GLU C 166 8.86 48.69 -12.09
N SER C 167 7.91 47.75 -12.10
CA SER C 167 8.21 46.39 -12.52
C SER C 167 8.60 46.34 -13.99
N GLU C 168 7.81 47.00 -14.84
CA GLU C 168 8.14 47.06 -16.25
C GLU C 168 9.49 47.74 -16.47
N ARG C 169 9.74 48.83 -15.74
CA ARG C 169 11.00 49.54 -15.86
C ARG C 169 12.16 48.67 -15.41
N PHE C 170 11.98 47.88 -14.35
CA PHE C 170 13.06 46.99 -13.88
C PHE C 170 13.37 45.91 -14.91
N VAL C 171 12.34 45.31 -15.51
CA VAL C 171 12.59 44.28 -16.51
C VAL C 171 13.31 44.86 -17.72
N ASN C 172 12.84 46.02 -18.19
CA ASN C 172 13.50 46.67 -19.32
C ASN C 172 14.92 47.10 -18.96
N GLU C 173 15.15 47.49 -17.71
CA GLU C 173 16.48 47.89 -17.27
C GLU C 173 17.42 46.69 -17.22
N LEU C 174 16.92 45.53 -16.81
CA LEU C 174 17.75 44.32 -16.85
C LEU C 174 18.14 43.99 -18.28
N SER C 175 17.19 44.05 -19.20
CA SER C 175 17.49 43.78 -20.60
C SER C 175 18.50 44.80 -21.16
N HIS C 176 18.31 46.07 -20.82
CA HIS C 176 19.23 47.11 -21.30
C HIS C 176 20.60 46.99 -20.65
N ARG C 177 20.67 46.48 -19.42
CA ARG C 177 21.96 46.27 -18.79
C ARG C 177 22.72 45.14 -19.47
N MET C 178 22.03 44.06 -19.85
CA MET C 178 22.66 43.06 -20.70
C MET C 178 23.12 43.66 -22.03
N ALA C 179 22.29 44.51 -22.64
CA ALA C 179 22.68 45.13 -23.91
C ALA C 179 23.93 45.99 -23.75
N ARG C 180 24.01 46.76 -22.67
CA ARG C 180 25.17 47.61 -22.41
C ARG C 180 26.41 46.79 -22.10
N GLU C 181 26.25 45.70 -21.34
CA GLU C 181 27.38 44.83 -21.04
C GLU C 181 27.91 44.17 -22.31
N GLN C 182 27.01 43.74 -23.20
CA GLN C 182 27.44 43.14 -24.46
C GLN C 182 28.22 44.14 -25.31
N GLY C 183 27.75 45.39 -25.35
CA GLY C 183 28.43 46.42 -26.11
C GLY C 183 29.66 46.97 -25.42
N LEU C 324 11.58 45.90 -25.01
CA LEU C 324 11.66 44.48 -25.38
C LEU C 324 10.53 43.69 -24.72
N LYS C 325 10.72 43.37 -23.43
CA LYS C 325 9.73 42.62 -22.67
C LYS C 325 8.73 43.58 -22.06
N SER C 326 7.48 43.51 -22.49
CA SER C 326 6.43 44.40 -22.04
C SER C 326 5.53 43.69 -21.04
N LEU C 327 4.87 44.48 -20.20
CA LEU C 327 3.97 43.95 -19.17
C LEU C 327 2.58 43.82 -19.77
N VAL C 328 2.19 42.58 -20.08
CA VAL C 328 0.87 42.30 -20.61
C VAL C 328 -0.11 42.36 -19.44
N VAL C 329 -0.95 43.39 -19.41
CA VAL C 329 -1.86 43.64 -18.29
C VAL C 329 -3.24 43.15 -18.71
N VAL C 330 -3.64 41.99 -18.20
CA VAL C 330 -4.95 41.47 -18.54
C VAL C 330 -6.03 42.13 -17.69
N GLU C 331 -5.73 42.49 -16.45
CA GLU C 331 -6.65 43.27 -15.63
C GLU C 331 -5.89 44.42 -14.99
N PRO C 332 -6.17 45.67 -15.38
CA PRO C 332 -5.48 46.82 -14.79
C PRO C 332 -5.91 47.04 -13.35
N PRO C 333 -5.17 47.85 -12.59
CA PRO C 333 -5.58 48.12 -11.21
C PRO C 333 -6.96 48.74 -11.13
N VAL C 334 -7.75 48.26 -10.18
CA VAL C 334 -9.15 48.64 -10.04
C VAL C 334 -9.30 49.50 -8.79
N LEU C 335 -9.97 50.63 -8.93
CA LEU C 335 -10.25 51.51 -7.81
C LEU C 335 -11.30 50.89 -6.91
N PRO C 336 -10.95 50.44 -5.70
CA PRO C 336 -11.95 49.83 -4.83
C PRO C 336 -12.89 50.87 -4.25
N GLU C 337 -14.06 50.40 -3.82
CA GLU C 337 -15.09 51.28 -3.27
C GLU C 337 -15.35 51.03 -1.79
N ILE C 338 -15.41 49.78 -1.36
CA ILE C 338 -15.63 49.48 0.06
C ILE C 338 -14.46 48.65 0.57
N ALA C 339 -14.52 48.29 1.86
CA ALA C 339 -13.40 47.63 2.53
C ALA C 339 -13.56 46.13 2.41
N GLU C 340 -12.71 45.51 1.59
CA GLU C 340 -12.66 44.05 1.55
C GLU C 340 -11.90 43.45 2.72
N TYR C 341 -11.13 44.27 3.44
CA TYR C 341 -10.39 43.84 4.62
C TYR C 341 -10.50 44.92 5.68
N PRO C 342 -10.50 44.53 6.97
CA PRO C 342 -10.48 43.14 7.46
C PRO C 342 -11.87 42.51 7.47
N ARG C 343 -11.93 41.20 7.29
CA ARG C 343 -13.20 40.48 7.37
C ARG C 343 -13.52 40.30 8.85
N ARG C 344 -14.40 41.16 9.38
CA ARG C 344 -14.64 41.20 10.82
C ARG C 344 -15.34 39.93 11.30
N TRP C 345 -16.55 39.67 10.80
CA TRP C 345 -17.35 38.56 11.31
C TRP C 345 -16.73 37.21 10.96
N TYR C 346 -16.05 37.12 9.81
CA TYR C 346 -15.34 35.89 9.45
C TYR C 346 -14.27 35.58 10.49
N ASN C 347 -13.47 36.58 10.84
CA ASN C 347 -12.42 36.38 11.84
C ASN C 347 -13.03 36.10 13.21
N LEU C 348 -14.16 36.72 13.53
CA LEU C 348 -14.83 36.47 14.80
C LEU C 348 -15.27 35.01 14.89
N ALA C 349 -15.89 34.49 13.82
CA ALA C 349 -16.33 33.11 13.82
C ALA C 349 -15.14 32.15 13.89
N THR C 350 -14.06 32.47 13.17
CA THR C 350 -12.87 31.63 13.24
C THR C 350 -12.27 31.62 14.65
N LEU C 351 -12.24 32.78 15.30
CA LEU C 351 -11.73 32.87 16.66
C LEU C 351 -12.60 32.08 17.63
N LEU C 352 -13.93 32.15 17.46
CA LEU C 352 -14.82 31.37 18.32
C LEU C 352 -14.60 29.88 18.13
N VAL C 353 -14.45 29.44 16.88
CA VAL C 353 -14.23 28.02 16.61
C VAL C 353 -12.91 27.56 17.23
N VAL C 354 -11.84 28.33 17.03
CA VAL C 354 -10.54 27.90 17.51
C VAL C 354 -10.47 27.94 19.03
N CYS C 355 -11.15 28.91 19.66
CA CYS C 355 -11.14 28.96 21.12
C CYS C 355 -11.97 27.84 21.73
N CYS C 356 -13.10 27.49 21.09
CA CYS C 356 -13.86 26.32 21.55
C CYS C 356 -13.05 25.05 21.41
N LEU C 357 -12.31 24.91 20.30
CA LEU C 357 -11.45 23.74 20.12
C LEU C 357 -10.35 23.70 21.17
N ILE C 358 -9.75 24.84 21.50
CA ILE C 358 -8.72 24.89 22.53
C ILE C 358 -9.29 24.49 23.88
N TYR C 359 -10.48 25.00 24.21
CA TYR C 359 -11.12 24.64 25.47
C TYR C 359 -11.42 23.15 25.53
N GLY C 360 -11.89 22.58 24.42
CA GLY C 360 -12.14 21.14 24.38
C GLY C 360 -10.88 20.32 24.55
N VAL C 361 -9.78 20.76 23.93
CA VAL C 361 -8.52 20.04 24.05
C VAL C 361 -8.00 20.10 25.48
N VAL C 362 -8.02 21.29 26.09
CA VAL C 362 -7.50 21.44 27.45
C VAL C 362 -8.38 20.70 28.45
N SER C 363 -9.69 20.68 28.23
CA SER C 363 -10.60 20.01 29.15
C SER C 363 -10.31 18.51 29.24
N LEU C 364 -9.96 17.89 28.13
CA LEU C 364 -9.63 16.47 28.12
C LEU C 364 -8.19 16.24 28.57
N SER D 10 -35.94 17.96 27.89
CA SER D 10 -37.04 17.26 27.21
C SER D 10 -37.77 18.19 26.26
N ARG D 11 -37.41 19.48 26.29
CA ARG D 11 -38.08 20.45 25.44
C ARG D 11 -37.73 20.23 23.96
N LEU D 12 -36.52 19.76 23.67
CA LEU D 12 -36.17 19.42 22.29
C LEU D 12 -36.97 18.23 21.80
N THR D 13 -37.44 17.39 22.71
CA THR D 13 -38.23 16.20 22.41
C THR D 13 -39.70 16.63 22.34
N ALA D 14 -40.64 15.67 22.42
CA ALA D 14 -42.09 15.88 22.40
C ALA D 14 -42.59 16.31 21.04
N LYS D 15 -42.06 15.68 19.98
CA LYS D 15 -42.56 15.69 18.61
C LYS D 15 -42.47 17.06 17.93
N ARG D 16 -42.06 18.11 18.62
CA ARG D 16 -41.86 19.40 17.96
C ARG D 16 -40.57 19.44 17.16
N LEU D 17 -39.68 18.47 17.38
CA LEU D 17 -38.42 18.43 16.66
C LEU D 17 -38.65 18.10 15.18
N GLN D 18 -39.68 17.30 14.88
CA GLN D 18 -40.05 17.02 13.50
C GLN D 18 -40.43 18.29 12.76
N TRP D 19 -41.26 19.13 13.39
CA TRP D 19 -41.56 20.42 12.80
C TRP D 19 -40.33 21.33 12.79
N ALA D 20 -39.42 21.13 13.75
CA ALA D 20 -38.24 22.00 13.84
C ALA D 20 -37.32 21.82 12.65
N LEU D 21 -37.05 20.57 12.23
CA LEU D 21 -36.15 20.39 11.10
C LEU D 21 -36.81 19.96 9.79
N VAL D 22 -37.92 19.26 9.83
CA VAL D 22 -38.51 18.66 8.63
C VAL D 22 -39.63 19.53 8.07
N TYR D 23 -40.59 19.94 8.91
CA TYR D 23 -41.80 20.57 8.39
C TYR D 23 -41.55 22.02 8.01
N LEU D 24 -41.26 22.87 9.00
CA LEU D 24 -41.15 24.32 8.74
C LEU D 24 -40.12 24.67 7.65
N PRO D 25 -38.93 24.07 7.59
CA PRO D 25 -38.09 24.29 6.40
C PRO D 25 -38.77 23.88 5.10
N MET D 26 -39.55 22.79 5.12
CA MET D 26 -40.27 22.39 3.91
C MET D 26 -41.27 23.45 3.50
N LEU D 27 -42.10 23.94 4.44
CA LEU D 27 -43.07 24.97 4.08
C LEU D 27 -42.39 26.23 3.55
N VAL D 28 -41.38 26.73 4.27
CA VAL D 28 -40.78 28.03 3.84
C VAL D 28 -40.25 27.87 2.41
N ALA D 29 -39.49 26.81 2.15
CA ALA D 29 -38.92 26.59 0.80
C ALA D 29 -40.06 26.56 -0.23
N THR D 30 -41.10 25.75 0.02
CA THR D 30 -42.21 25.61 -0.95
C THR D 30 -42.83 26.99 -1.22
N VAL D 31 -43.07 27.77 -0.17
CA VAL D 31 -43.76 29.09 -0.34
C VAL D 31 -42.86 30.03 -1.16
N TYR D 32 -41.54 30.05 -0.90
CA TYR D 32 -40.69 31.04 -1.63
C TYR D 32 -40.29 30.47 -3.00
N PHE D 33 -40.18 29.14 -3.09
CA PHE D 33 -39.70 28.47 -4.33
C PHE D 33 -40.80 28.46 -5.40
N LEU D 34 -42.06 28.30 -5.01
CA LEU D 34 -43.14 28.16 -6.02
C LEU D 34 -43.91 29.48 -6.20
N VAL D 35 -43.69 30.47 -5.33
CA VAL D 35 -44.51 31.72 -5.42
C VAL D 35 -43.59 32.94 -5.56
N PHE D 36 -42.56 33.01 -4.72
CA PHE D 36 -41.73 34.20 -4.77
C PHE D 36 -40.71 34.18 -5.90
N SER D 37 -40.25 32.99 -6.32
CA SER D 37 -39.10 32.89 -7.19
C SER D 37 -39.39 33.45 -8.58
N ALA D 38 -38.33 33.86 -9.27
CA ALA D 38 -38.40 34.39 -10.62
C ALA D 38 -37.55 33.56 -11.55
N ASP D 39 -37.99 33.44 -12.80
CA ASP D 39 -37.30 32.62 -13.78
C ASP D 39 -35.97 33.25 -14.18
N ARG D 40 -34.99 32.39 -14.45
CA ARG D 40 -33.65 32.80 -14.85
C ARG D 40 -33.25 32.00 -16.08
N TYR D 41 -33.56 32.52 -17.27
CA TYR D 41 -33.21 31.84 -18.50
C TYR D 41 -31.71 31.88 -18.72
N VAL D 42 -31.13 30.73 -19.06
CA VAL D 42 -29.70 30.64 -19.33
C VAL D 42 -29.48 30.53 -20.83
N SER D 43 -28.36 31.09 -21.28
CA SER D 43 -27.94 31.02 -22.67
C SER D 43 -26.51 30.49 -22.70
N GLU D 44 -26.28 29.47 -23.50
CA GLU D 44 -25.01 28.76 -23.51
C GLU D 44 -24.32 28.94 -24.85
N SER D 45 -23.02 29.25 -24.81
CA SER D 45 -22.20 29.33 -26.00
C SER D 45 -20.89 28.60 -25.73
N VAL D 46 -20.26 28.10 -26.80
CA VAL D 46 -19.01 27.37 -26.68
C VAL D 46 -18.01 27.97 -27.67
N ILE D 47 -16.88 28.43 -27.15
CA ILE D 47 -15.87 29.15 -27.92
C ILE D 47 -14.50 28.57 -27.63
N THR D 48 -13.51 29.06 -28.38
CA THR D 48 -12.11 28.70 -28.17
C THR D 48 -11.25 29.75 -28.87
N VAL D 49 -9.94 29.65 -28.64
CA VAL D 49 -8.97 30.55 -29.26
C VAL D 49 -7.95 29.70 -30.01
N ARG D 50 -7.75 30.00 -31.29
CA ARG D 50 -6.79 29.28 -32.10
C ARG D 50 -6.14 30.25 -33.07
N GLN D 51 -4.95 29.88 -33.54
CA GLN D 51 -4.19 30.71 -34.48
C GLN D 51 -3.52 29.87 -35.55
N SER D 75 -2.84 28.53 -27.58
CA SER D 75 -3.64 27.36 -27.27
C SER D 75 -4.19 27.44 -25.85
N ARG D 76 -3.49 26.81 -24.91
CA ARG D 76 -3.92 26.83 -23.51
C ARG D 76 -3.68 28.20 -22.88
N GLU D 77 -2.60 28.87 -23.25
CA GLU D 77 -2.24 30.14 -22.62
C GLU D 77 -3.28 31.22 -22.93
N ASP D 78 -3.66 31.37 -24.20
CA ASP D 78 -4.63 32.39 -24.56
C ASP D 78 -6.02 32.04 -24.05
N THR D 79 -6.35 30.75 -23.99
CA THR D 79 -7.63 30.34 -23.41
C THR D 79 -7.69 30.69 -21.94
N CYS D 80 -6.59 30.48 -21.21
CA CYS D 80 -6.54 30.88 -19.80
C CYS D 80 -6.63 32.40 -19.67
N TYR D 81 -5.98 33.13 -20.57
CA TYR D 81 -6.10 34.59 -20.59
C TYR D 81 -7.55 35.00 -20.72
N LEU D 82 -8.27 34.39 -21.65
CA LEU D 82 -9.69 34.72 -21.86
C LEU D 82 -10.53 34.34 -20.65
N GLN D 83 -10.24 33.19 -20.04
CA GLN D 83 -11.00 32.76 -18.87
C GLN D 83 -10.84 33.73 -17.73
N THR D 84 -9.62 34.25 -17.54
CA THR D 84 -9.40 35.25 -16.50
C THR D 84 -10.07 36.57 -16.87
N TYR D 85 -9.99 36.98 -18.14
CA TYR D 85 -10.51 38.29 -18.53
C TYR D 85 -12.03 38.35 -18.46
N ILE D 86 -12.70 37.22 -18.71
CA ILE D 86 -14.17 37.23 -18.72
C ILE D 86 -14.72 37.63 -17.35
N HIS D 87 -14.06 37.20 -16.29
CA HIS D 87 -14.46 37.56 -14.93
C HIS D 87 -13.83 38.85 -14.44
N SER D 88 -13.07 39.55 -15.29
CA SER D 88 -12.36 40.75 -14.85
C SER D 88 -13.33 41.91 -14.62
N MET D 89 -12.89 42.86 -13.81
CA MET D 89 -13.72 44.01 -13.47
C MET D 89 -13.86 44.97 -14.65
N GLY D 90 -12.83 45.12 -15.47
CA GLY D 90 -12.92 46.03 -16.60
C GLY D 90 -13.98 45.62 -17.60
N LEU D 91 -14.08 44.32 -17.88
CA LEU D 91 -15.15 43.83 -18.75
C LEU D 91 -16.51 44.09 -18.14
N LEU D 92 -16.63 43.93 -16.82
CA LEU D 92 -17.91 44.23 -16.17
C LEU D 92 -18.26 45.71 -16.30
N GLN D 93 -17.25 46.58 -16.19
CA GLN D 93 -17.50 48.01 -16.37
C GLN D 93 -17.98 48.31 -17.78
N LYS D 94 -17.32 47.72 -18.78
CA LYS D 94 -17.73 47.94 -20.17
C LYS D 94 -19.15 47.42 -20.42
N LEU D 95 -19.46 46.24 -19.89
CA LEU D 95 -20.80 45.68 -20.07
C LEU D 95 -21.86 46.51 -19.35
N ASP D 96 -21.53 47.02 -18.15
CA ASP D 96 -22.47 47.88 -17.44
C ASP D 96 -22.73 49.16 -18.19
N GLN D 97 -21.69 49.72 -18.83
CA GLN D 97 -21.87 50.92 -19.63
C GLN D 97 -22.65 50.65 -20.91
N GLN D 98 -22.50 49.44 -21.48
CA GLN D 98 -23.09 49.17 -22.79
C GLN D 98 -24.52 48.64 -22.71
N LEU D 99 -24.80 47.76 -21.75
CA LEU D 99 -26.09 47.08 -21.67
C LEU D 99 -26.95 47.47 -20.48
N LYS D 100 -26.40 48.24 -19.53
CA LYS D 100 -27.10 48.62 -18.30
C LYS D 100 -27.54 47.39 -17.51
N LEU D 101 -26.55 46.61 -17.06
CA LEU D 101 -26.84 45.39 -16.32
C LEU D 101 -27.43 45.69 -14.94
N ARG D 102 -26.97 46.77 -14.30
CA ARG D 102 -27.40 47.06 -12.93
C ARG D 102 -28.89 47.38 -12.88
N GLU D 103 -29.40 48.11 -13.87
CA GLU D 103 -30.83 48.41 -13.90
C GLU D 103 -31.65 47.14 -14.14
N HIS D 104 -31.19 46.27 -15.04
CA HIS D 104 -31.99 45.11 -15.41
C HIS D 104 -31.98 44.05 -14.32
N PHE D 105 -30.82 43.79 -13.71
CA PHE D 105 -30.73 42.72 -12.73
C PHE D 105 -31.52 43.01 -11.46
N GLY D 106 -31.96 44.23 -11.26
CA GLY D 106 -32.83 44.59 -10.15
C GLY D 106 -34.30 44.70 -10.49
N THR D 107 -34.73 44.27 -11.68
CA THR D 107 -36.13 44.37 -12.04
C THR D 107 -37.07 43.38 -11.34
N PRO D 108 -36.66 42.13 -10.94
CA PRO D 108 -37.64 41.25 -10.30
C PRO D 108 -37.82 41.65 -8.83
N LEU D 109 -38.95 42.29 -8.54
CA LEU D 109 -39.22 42.70 -7.17
C LEU D 109 -39.71 41.54 -6.30
N ARG D 110 -40.23 40.48 -6.93
CA ARG D 110 -40.80 39.39 -6.16
C ARG D 110 -39.71 38.53 -5.52
N ASP D 111 -38.61 38.30 -6.22
CA ASP D 111 -37.58 37.41 -5.72
C ASP D 111 -36.70 38.15 -4.72
N PRO D 112 -36.63 37.71 -3.47
CA PRO D 112 -35.83 38.44 -2.46
C PRO D 112 -34.35 38.11 -2.46
N LEU D 113 -33.96 36.94 -2.96
CA LEU D 113 -32.58 36.47 -2.82
C LEU D 113 -31.72 36.69 -4.05
N PHE D 114 -32.33 36.94 -5.22
CA PHE D 114 -31.60 36.98 -6.48
C PHE D 114 -31.70 38.32 -7.19
N ARG D 115 -32.10 39.37 -6.50
CA ARG D 115 -32.17 40.70 -7.09
C ARG D 115 -30.97 41.53 -6.63
N LEU D 116 -30.53 42.44 -7.49
CA LEU D 116 -29.43 43.34 -7.18
C LEU D 116 -30.02 44.59 -6.52
N TRP D 117 -29.88 44.68 -5.20
CA TRP D 117 -30.44 45.80 -4.46
C TRP D 117 -29.77 47.11 -4.88
N GLY D 118 -30.58 48.15 -5.02
CA GLY D 118 -30.05 49.44 -5.41
C GLY D 118 -29.14 50.01 -4.33
N GLY D 119 -28.07 50.68 -4.76
CA GLY D 119 -27.12 51.25 -3.84
C GLY D 119 -26.15 50.26 -3.23
N THR D 120 -26.08 49.05 -3.75
CA THR D 120 -25.18 48.05 -3.22
C THR D 120 -23.73 48.41 -3.55
N SER D 121 -22.81 47.83 -2.79
CA SER D 121 -21.39 48.07 -3.01
C SER D 121 -20.95 47.48 -4.34
N GLN D 122 -19.96 48.15 -4.96
CA GLN D 122 -19.47 47.71 -6.26
C GLN D 122 -18.85 46.31 -6.19
N GLU D 123 -18.22 45.97 -5.06
CA GLU D 123 -17.66 44.64 -4.88
C GLU D 123 -18.76 43.58 -4.93
N TRP D 124 -19.91 43.88 -4.34
CA TRP D 124 -21.02 42.93 -4.40
C TRP D 124 -21.55 42.79 -5.82
N PHE D 125 -21.53 43.89 -6.60
CA PHE D 125 -21.93 43.78 -8.00
C PHE D 125 -20.97 42.91 -8.79
N LEU D 126 -19.67 43.05 -8.54
CA LEU D 126 -18.69 42.19 -9.19
C LEU D 126 -18.90 40.73 -8.81
N GLU D 127 -19.19 40.48 -7.53
CA GLU D 127 -19.47 39.11 -7.08
C GLU D 127 -20.71 38.56 -7.75
N TYR D 128 -21.75 39.39 -7.89
CA TYR D 128 -22.99 38.96 -8.54
C TYR D 128 -22.76 38.59 -10.00
N TYR D 129 -22.04 39.45 -10.72
CA TYR D 129 -21.74 39.16 -12.12
C TYR D 129 -20.88 37.92 -12.26
N ARG D 130 -19.92 37.72 -11.35
CA ARG D 130 -19.12 36.51 -11.37
C ARG D 130 -19.96 35.28 -11.08
N SER D 131 -20.99 35.42 -10.24
CA SER D 131 -21.85 34.29 -9.93
C SER D 131 -22.81 33.98 -11.08
N ARG D 132 -23.17 34.96 -11.89
CA ARG D 132 -24.10 34.71 -12.99
C ARG D 132 -23.40 34.08 -14.19
N VAL D 133 -22.44 34.79 -14.78
CA VAL D 133 -21.73 34.27 -15.95
C VAL D 133 -20.84 33.13 -15.50
N GLU D 134 -21.17 31.91 -15.90
CA GLU D 134 -20.44 30.72 -15.52
C GLU D 134 -19.54 30.29 -16.68
N VAL D 135 -18.25 30.15 -16.41
CA VAL D 135 -17.26 29.79 -17.41
C VAL D 135 -16.65 28.45 -17.02
N LEU D 136 -16.72 27.49 -17.94
CA LEU D 136 -16.16 26.16 -17.73
C LEU D 136 -15.12 25.86 -18.80
N MET D 137 -14.04 25.20 -18.40
CA MET D 137 -12.96 24.85 -19.30
C MET D 137 -12.84 23.33 -19.39
N ASP D 138 -12.79 22.81 -20.62
CA ASP D 138 -12.63 21.39 -20.84
C ASP D 138 -11.14 21.06 -20.94
N ASP D 139 -10.71 20.00 -20.27
CA ASP D 139 -9.29 19.68 -20.20
C ASP D 139 -8.77 19.13 -21.53
N ILE D 140 -9.52 18.21 -22.13
CA ILE D 140 -9.01 17.49 -23.30
C ILE D 140 -8.96 18.40 -24.52
N CYS D 141 -10.03 19.16 -24.76
CA CYS D 141 -10.19 19.90 -26.00
C CYS D 141 -9.90 21.39 -25.86
N GLY D 142 -9.87 21.93 -24.64
CA GLY D 142 -9.62 23.34 -24.44
C GLY D 142 -10.72 24.24 -24.99
N LEU D 143 -11.97 23.89 -24.72
CA LEU D 143 -13.12 24.65 -25.20
C LEU D 143 -13.77 25.38 -24.02
N LEU D 144 -13.82 26.70 -24.11
CA LEU D 144 -14.54 27.48 -23.12
C LEU D 144 -16.04 27.34 -23.33
N THR D 145 -16.78 27.21 -22.23
CA THR D 145 -18.24 27.15 -22.24
C THR D 145 -18.74 28.27 -21.35
N VAL D 146 -19.51 29.19 -21.93
CA VAL D 146 -20.05 30.33 -21.21
C VAL D 146 -21.56 30.16 -21.10
N ARG D 147 -22.05 30.12 -19.86
CA ARG D 147 -23.48 30.04 -19.57
C ARG D 147 -23.87 31.33 -18.85
N VAL D 148 -24.65 32.17 -19.52
CA VAL D 148 -25.04 33.48 -19.00
C VAL D 148 -26.49 33.42 -18.58
N GLN D 149 -26.77 33.87 -17.37
CA GLN D 149 -28.12 33.83 -16.82
C GLN D 149 -28.74 35.22 -16.84
N GLY D 150 -29.91 35.34 -17.47
CA GLY D 150 -30.64 36.59 -17.49
C GLY D 150 -32.08 36.37 -17.09
N PHE D 151 -32.72 37.46 -16.66
CA PHE D 151 -34.12 37.39 -16.25
C PHE D 151 -35.07 37.55 -17.42
N GLU D 152 -34.56 37.73 -18.64
CA GLU D 152 -35.34 37.85 -19.84
C GLU D 152 -34.62 37.07 -20.93
N PRO D 153 -35.35 36.31 -21.76
CA PRO D 153 -34.67 35.42 -22.71
C PRO D 153 -33.81 36.14 -23.73
N GLU D 154 -34.23 37.32 -24.19
CA GLU D 154 -33.41 38.08 -25.13
C GLU D 154 -32.19 38.67 -24.45
N PHE D 155 -32.33 39.06 -23.18
CA PHE D 155 -31.23 39.70 -22.46
C PHE D 155 -30.05 38.75 -22.29
N ALA D 156 -30.33 37.48 -21.99
CA ALA D 156 -29.25 36.52 -21.80
C ALA D 156 -28.45 36.33 -23.08
N GLN D 157 -29.13 36.19 -24.22
CA GLN D 157 -28.43 36.05 -25.48
C GLN D 157 -27.67 37.32 -25.84
N ALA D 158 -28.25 38.48 -25.56
CA ALA D 158 -27.55 39.74 -25.82
C ALA D 158 -26.29 39.85 -24.99
N LEU D 159 -26.36 39.47 -23.71
CA LEU D 159 -25.19 39.52 -22.84
C LEU D 159 -24.13 38.54 -23.32
N ASN D 160 -24.54 37.34 -23.75
CA ASN D 160 -23.58 36.38 -24.27
C ASN D 160 -22.90 36.89 -25.52
N ARG D 161 -23.66 37.51 -26.43
CA ARG D 161 -23.08 38.07 -27.64
C ARG D 161 -22.10 39.19 -27.31
N ALA D 162 -22.46 40.07 -26.37
CA ALA D 162 -21.56 41.15 -25.98
C ALA D 162 -20.28 40.60 -25.37
N ILE D 163 -20.39 39.56 -24.53
CA ILE D 163 -19.21 38.97 -23.90
C ILE D 163 -18.30 38.37 -24.97
N LEU D 164 -18.88 37.64 -25.93
CA LEU D 164 -18.07 37.02 -26.98
C LEU D 164 -17.37 38.07 -27.83
N GLU D 165 -18.11 39.11 -28.23
CA GLU D 165 -17.52 40.15 -29.07
C GLU D 165 -16.41 40.90 -28.34
N GLU D 166 -16.63 41.24 -27.07
CA GLU D 166 -15.62 41.99 -26.33
C GLU D 166 -14.40 41.11 -26.04
N SER D 167 -14.60 39.82 -25.80
CA SER D 167 -13.48 38.92 -25.62
C SER D 167 -12.64 38.80 -26.88
N GLU D 168 -13.30 38.70 -28.05
CA GLU D 168 -12.58 38.67 -29.31
C GLU D 168 -11.79 39.96 -29.53
N ARG D 169 -12.40 41.10 -29.22
CA ARG D 169 -11.71 42.38 -29.36
C ARG D 169 -10.51 42.47 -28.43
N PHE D 170 -10.65 42.00 -27.19
CA PHE D 170 -9.54 42.00 -26.25
C PHE D 170 -8.40 41.12 -26.74
N VAL D 171 -8.72 39.93 -27.25
CA VAL D 171 -7.68 39.04 -27.77
C VAL D 171 -6.94 39.69 -28.93
N ASN D 172 -7.70 40.30 -29.86
CA ASN D 172 -7.06 40.95 -31.01
C ASN D 172 -6.18 42.12 -30.57
N GLU D 173 -6.66 42.91 -29.61
CA GLU D 173 -5.86 44.04 -29.12
C GLU D 173 -4.59 43.56 -28.43
N LEU D 174 -4.68 42.49 -27.65
CA LEU D 174 -3.49 41.94 -26.99
C LEU D 174 -2.51 41.40 -28.01
N SER D 175 -3.01 40.76 -29.06
CA SER D 175 -2.13 40.24 -30.10
C SER D 175 -1.43 41.39 -30.85
N HIS D 176 -2.14 42.48 -31.10
CA HIS D 176 -1.57 43.57 -31.90
C HIS D 176 -0.62 44.43 -31.08
N ARG D 177 -1.12 45.06 -30.01
CA ARG D 177 -0.29 45.96 -29.22
C ARG D 177 0.84 45.20 -28.53
N MET D 178 0.51 44.15 -27.79
CA MET D 178 1.52 43.33 -27.14
C MET D 178 2.02 42.23 -28.07
N LYS D 325 -4.13 36.06 -33.98
CA LYS D 325 -5.06 35.58 -32.96
C LYS D 325 -6.50 35.87 -33.35
N SER D 326 -7.39 34.92 -33.11
CA SER D 326 -8.80 35.08 -33.42
C SER D 326 -9.62 34.18 -32.52
N LEU D 327 -10.92 34.47 -32.45
CA LEU D 327 -11.85 33.72 -31.62
C LEU D 327 -12.66 32.78 -32.52
N VAL D 328 -12.65 31.49 -32.19
CA VAL D 328 -13.36 30.48 -32.94
C VAL D 328 -14.59 30.09 -32.12
N VAL D 329 -15.78 30.37 -32.66
CA VAL D 329 -17.04 30.13 -31.96
C VAL D 329 -17.56 28.79 -32.45
N VAL D 330 -17.40 27.75 -31.63
CA VAL D 330 -17.89 26.43 -32.00
C VAL D 330 -19.41 26.39 -32.00
N GLU D 331 -20.03 26.91 -30.94
CA GLU D 331 -21.48 26.96 -30.84
C GLU D 331 -21.89 28.37 -30.45
N PRO D 332 -22.63 29.08 -31.30
CA PRO D 332 -22.97 30.48 -31.03
C PRO D 332 -24.00 30.58 -29.92
N PRO D 333 -24.20 31.78 -29.36
CA PRO D 333 -25.22 31.94 -28.32
C PRO D 333 -26.60 31.56 -28.83
N VAL D 334 -27.37 30.90 -27.96
CA VAL D 334 -28.70 30.41 -28.33
C VAL D 334 -29.74 31.18 -27.52
N LEU D 335 -30.95 31.22 -28.06
CA LEU D 335 -32.06 31.91 -27.41
C LEU D 335 -32.86 30.90 -26.62
N PRO D 336 -32.88 30.96 -25.30
CA PRO D 336 -33.62 29.97 -24.51
C PRO D 336 -35.13 30.14 -24.66
N GLU D 337 -35.85 29.09 -24.29
CA GLU D 337 -37.30 29.09 -24.36
C GLU D 337 -37.96 28.89 -23.00
N ILE D 338 -37.37 28.09 -22.12
CA ILE D 338 -37.90 27.89 -20.77
C ILE D 338 -36.79 28.11 -19.76
N ALA D 339 -37.19 28.26 -18.51
CA ALA D 339 -36.27 28.58 -17.43
C ALA D 339 -35.55 27.31 -16.99
N GLU D 340 -34.29 27.17 -17.40
CA GLU D 340 -33.46 26.08 -16.90
C GLU D 340 -33.18 26.24 -15.41
N TYR D 341 -33.26 27.46 -14.89
CA TYR D 341 -33.08 27.76 -13.48
C TYR D 341 -34.23 28.64 -13.00
N PRO D 342 -34.62 28.53 -11.73
CA PRO D 342 -34.14 27.56 -10.75
C PRO D 342 -34.88 26.23 -10.88
N ARG D 343 -34.29 25.16 -10.35
CA ARG D 343 -34.92 23.85 -10.36
C ARG D 343 -35.79 23.72 -9.11
N ARG D 344 -37.10 23.77 -9.28
CA ARG D 344 -37.99 23.79 -8.13
C ARG D 344 -38.11 22.41 -7.48
N TRP D 345 -38.60 21.43 -8.24
CA TRP D 345 -38.84 20.11 -7.67
C TRP D 345 -37.53 19.40 -7.33
N TYR D 346 -36.50 19.60 -8.16
CA TYR D 346 -35.19 19.02 -7.89
C TYR D 346 -34.64 19.50 -6.54
N ASN D 347 -34.62 20.82 -6.34
CA ASN D 347 -34.11 21.37 -5.09
C ASN D 347 -34.99 20.97 -3.92
N LEU D 348 -36.30 20.99 -4.14
CA LEU D 348 -37.26 20.62 -3.06
C LEU D 348 -37.01 19.18 -2.64
N ALA D 349 -36.98 18.25 -3.60
CA ALA D 349 -36.82 16.81 -3.26
C ALA D 349 -35.49 16.60 -2.52
N THR D 350 -34.39 17.08 -3.10
CA THR D 350 -33.05 16.88 -2.47
C THR D 350 -33.02 17.59 -1.11
N LEU D 351 -33.68 18.75 -1.01
CA LEU D 351 -33.70 19.51 0.26
C LEU D 351 -34.38 18.65 1.33
N LEU D 352 -35.52 18.05 1.01
CA LEU D 352 -36.23 17.17 1.97
C LEU D 352 -35.36 15.96 2.31
N VAL D 353 -34.67 15.42 1.29
CA VAL D 353 -33.75 14.26 1.52
C VAL D 353 -32.73 14.66 2.60
N VAL D 354 -32.14 15.84 2.47
CA VAL D 354 -31.11 16.31 3.44
C VAL D 354 -31.76 16.54 4.81
N CYS D 355 -32.95 17.16 4.83
CA CYS D 355 -33.62 17.50 6.11
C CYS D 355 -33.95 16.21 6.88
N CYS D 356 -34.43 15.17 6.19
CA CYS D 356 -34.67 13.93 6.93
C CYS D 356 -33.37 13.27 7.40
N LEU D 357 -32.28 13.37 6.63
CA LEU D 357 -31.01 12.84 7.12
C LEU D 357 -30.57 13.56 8.39
N ILE D 358 -30.66 14.89 8.40
CA ILE D 358 -30.32 15.67 9.57
C ILE D 358 -31.28 15.35 10.72
N TYR D 359 -32.55 15.11 10.41
CA TYR D 359 -33.53 14.75 11.43
C TYR D 359 -33.13 13.44 12.10
N GLY D 360 -32.75 12.44 11.31
CA GLY D 360 -32.33 11.18 11.88
C GLY D 360 -31.09 11.31 12.74
N VAL D 361 -30.10 12.08 12.26
CA VAL D 361 -28.87 12.27 13.02
C VAL D 361 -29.15 12.98 14.34
N VAL D 362 -29.94 14.05 14.29
CA VAL D 362 -30.23 14.83 15.50
C VAL D 362 -31.06 14.02 16.48
N SER D 363 -32.00 13.22 15.98
CA SER D 363 -32.81 12.38 16.85
C SER D 363 -31.94 11.32 17.54
N LEU D 364 -31.00 10.72 16.80
CA LEU D 364 -30.10 9.75 17.41
C LEU D 364 -29.24 10.40 18.48
N VAL D 365 -28.70 11.59 18.20
CA VAL D 365 -27.88 12.28 19.18
C VAL D 365 -28.70 12.64 20.42
N VAL D 366 -29.92 13.13 20.22
CA VAL D 366 -30.78 13.54 21.33
C VAL D 366 -31.15 12.33 22.19
N ALA D 367 -31.41 11.19 21.55
CA ALA D 367 -31.66 9.96 22.31
C ALA D 367 -30.42 9.57 23.12
N THR D 368 -29.23 9.73 22.53
CA THR D 368 -28.00 9.41 23.25
C THR D 368 -27.85 10.28 24.50
N ILE D 369 -28.07 11.59 24.37
CA ILE D 369 -27.95 12.47 25.54
C ILE D 369 -29.03 12.16 26.57
N ARG D 370 -30.27 11.94 26.11
CA ARG D 370 -31.36 11.73 27.05
C ARG D 370 -31.30 10.38 27.74
N ASP D 371 -30.54 9.42 27.19
CA ASP D 371 -30.37 8.15 27.86
C ASP D 371 -29.11 8.11 28.73
N HIS D 372 -28.01 8.70 28.27
CA HIS D 372 -26.78 8.66 29.05
C HIS D 372 -26.80 9.60 30.24
N GLN D 373 -27.77 10.51 30.32
CA GLN D 373 -27.86 11.44 31.43
C GLN D 373 -28.21 10.71 32.73
N ALA E 14 -47.47 -11.46 4.31
CA ALA E 14 -47.90 -12.77 3.83
C ALA E 14 -47.30 -13.05 2.45
N LYS E 15 -48.07 -13.76 1.63
CA LYS E 15 -47.65 -14.08 0.27
C LYS E 15 -48.27 -13.13 -0.75
N ARG E 16 -48.93 -12.07 -0.32
CA ARG E 16 -49.46 -11.08 -1.25
C ARG E 16 -48.34 -10.27 -1.89
N LEU E 17 -47.19 -10.17 -1.22
CA LEU E 17 -46.06 -9.47 -1.82
C LEU E 17 -45.50 -10.21 -3.02
N GLN E 18 -45.70 -11.54 -3.07
CA GLN E 18 -45.33 -12.30 -4.25
C GLN E 18 -46.10 -11.85 -5.49
N TRP E 19 -47.28 -11.26 -5.30
CA TRP E 19 -48.03 -10.69 -6.41
C TRP E 19 -47.51 -9.31 -6.79
N ALA E 20 -47.59 -8.36 -5.85
CA ALA E 20 -47.32 -6.96 -6.17
C ALA E 20 -45.87 -6.74 -6.55
N LEU E 21 -44.93 -7.38 -5.85
CA LEU E 21 -43.52 -7.16 -6.14
C LEU E 21 -43.11 -7.84 -7.45
N VAL E 22 -43.58 -9.07 -7.67
CA VAL E 22 -43.05 -9.92 -8.74
C VAL E 22 -43.91 -9.85 -10.00
N TYR E 23 -45.21 -10.06 -9.85
CA TYR E 23 -46.04 -10.31 -11.04
C TYR E 23 -46.40 -9.02 -11.76
N LEU E 24 -47.12 -8.11 -11.11
CA LEU E 24 -47.61 -6.90 -11.78
C LEU E 24 -46.53 -6.10 -12.51
N PRO E 25 -45.32 -5.86 -11.97
CA PRO E 25 -44.29 -5.25 -12.81
C PRO E 25 -43.95 -6.07 -14.04
N MET E 26 -43.94 -7.39 -13.93
CA MET E 26 -43.64 -8.24 -15.09
C MET E 26 -44.72 -8.12 -16.16
N LEU E 27 -46.00 -8.19 -15.76
CA LEU E 27 -47.08 -8.02 -16.74
C LEU E 27 -47.06 -6.63 -17.35
N VAL E 28 -46.78 -5.59 -16.56
CA VAL E 28 -46.73 -4.23 -17.11
C VAL E 28 -45.60 -4.12 -18.13
N ALA E 29 -44.42 -4.64 -17.79
CA ALA E 29 -43.27 -4.56 -18.68
C ALA E 29 -43.53 -5.36 -19.97
N THR E 30 -44.09 -6.56 -19.85
CA THR E 30 -44.37 -7.36 -21.04
C THR E 30 -45.42 -6.70 -21.92
N VAL E 31 -46.48 -6.15 -21.31
CA VAL E 31 -47.52 -5.50 -22.08
C VAL E 31 -46.97 -4.29 -22.83
N TYR E 32 -46.13 -3.49 -22.17
CA TYR E 32 -45.59 -2.32 -22.84
C TYR E 32 -44.58 -2.71 -23.93
N PHE E 33 -43.75 -3.72 -23.66
CA PHE E 33 -42.66 -4.04 -24.57
C PHE E 33 -43.14 -4.82 -25.80
N LEU E 34 -44.13 -5.71 -25.63
CA LEU E 34 -44.52 -6.59 -26.72
C LEU E 34 -45.69 -6.06 -27.55
N VAL E 35 -46.39 -5.03 -27.08
CA VAL E 35 -47.58 -4.53 -27.75
C VAL E 35 -47.47 -3.04 -28.07
N PHE E 36 -47.11 -2.22 -27.08
CA PHE E 36 -47.10 -0.77 -27.28
C PHE E 36 -45.75 -0.23 -27.72
N SER E 37 -44.66 -0.99 -27.53
CA SER E 37 -43.34 -0.47 -27.84
C SER E 37 -43.17 -0.26 -29.34
N ALA E 38 -42.42 0.78 -29.70
CA ALA E 38 -42.16 1.13 -31.08
C ALA E 38 -40.71 0.80 -31.43
N ASP E 39 -40.51 0.11 -32.54
CA ASP E 39 -39.18 -0.27 -32.98
C ASP E 39 -38.37 0.97 -33.37
N ARG E 40 -37.06 0.90 -33.17
CA ARG E 40 -36.17 2.02 -33.43
C ARG E 40 -34.93 1.50 -34.16
N TYR E 41 -34.91 1.66 -35.47
CA TYR E 41 -33.76 1.24 -36.27
C TYR E 41 -32.57 2.16 -36.02
N VAL E 42 -31.37 1.60 -36.20
CA VAL E 42 -30.12 2.28 -35.89
C VAL E 42 -29.22 2.24 -37.11
N SER E 43 -28.69 3.40 -37.50
CA SER E 43 -27.73 3.50 -38.59
C SER E 43 -26.40 3.97 -38.02
N GLU E 44 -25.33 3.29 -38.40
CA GLU E 44 -24.01 3.50 -37.80
C GLU E 44 -23.04 4.03 -38.85
N SER E 45 -22.15 4.90 -38.42
CA SER E 45 -21.10 5.42 -39.29
C SER E 45 -19.83 5.68 -38.47
N VAL E 46 -18.70 5.68 -39.16
CA VAL E 46 -17.41 5.95 -38.54
C VAL E 46 -16.67 6.98 -39.40
N ILE E 47 -16.20 8.05 -38.78
CA ILE E 47 -15.54 9.15 -39.47
C ILE E 47 -14.31 9.58 -38.69
N THR E 48 -13.54 10.49 -39.29
CA THR E 48 -12.41 11.18 -38.68
C THR E 48 -12.02 12.31 -39.61
N VAL E 49 -11.14 13.18 -39.13
CA VAL E 49 -10.68 14.35 -39.89
C VAL E 49 -9.19 14.18 -40.16
N ARG E 50 -8.80 14.31 -41.43
CA ARG E 50 -7.41 14.18 -41.84
C ARG E 50 -7.00 15.40 -42.63
N GLN E 51 -5.85 15.98 -42.28
CA GLN E 51 -5.35 17.16 -42.96
C GLN E 51 -4.94 16.81 -44.39
N THR E 52 -5.32 17.67 -45.33
CA THR E 52 -4.99 17.49 -46.74
C THR E 52 -3.49 17.59 -46.98
N ALA E 74 -3.97 20.00 -34.84
CA ALA E 74 -3.88 18.61 -35.23
C ALA E 74 -5.26 18.02 -35.49
N SER E 75 -5.30 16.71 -35.79
CA SER E 75 -6.57 16.05 -36.04
C SER E 75 -7.39 15.86 -34.76
N ARG E 76 -6.72 15.74 -33.62
CA ARG E 76 -7.44 15.55 -32.36
C ARG E 76 -8.28 16.77 -32.00
N GLU E 77 -7.74 17.97 -32.25
CA GLU E 77 -8.50 19.19 -31.97
C GLU E 77 -9.73 19.28 -32.86
N ASP E 78 -9.59 18.96 -34.15
CA ASP E 78 -10.74 18.97 -35.05
C ASP E 78 -11.76 17.92 -34.65
N THR E 79 -11.29 16.75 -34.18
CA THR E 79 -12.22 15.72 -33.72
C THR E 79 -12.96 16.17 -32.46
N CYS E 80 -12.28 16.89 -31.57
CA CYS E 80 -12.95 17.46 -30.40
C CYS E 80 -14.01 18.47 -30.80
N TYR E 81 -13.67 19.34 -31.76
CA TYR E 81 -14.65 20.30 -32.27
C TYR E 81 -15.85 19.60 -32.88
N LEU E 82 -15.62 18.53 -33.63
CA LEU E 82 -16.71 17.76 -34.21
C LEU E 82 -17.58 17.13 -33.13
N GLN E 83 -16.96 16.53 -32.11
CA GLN E 83 -17.70 15.88 -31.04
C GLN E 83 -18.56 16.87 -30.28
N THR E 84 -18.08 18.11 -30.12
CA THR E 84 -18.92 19.13 -29.49
C THR E 84 -20.02 19.61 -30.43
N TYR E 85 -19.69 19.81 -31.71
CA TYR E 85 -20.62 20.43 -32.65
C TYR E 85 -21.77 19.52 -33.01
N ILE E 86 -21.55 18.19 -33.04
CA ILE E 86 -22.63 17.28 -33.41
C ILE E 86 -23.77 17.36 -32.41
N HIS E 87 -23.45 17.49 -31.13
CA HIS E 87 -24.45 17.59 -30.08
C HIS E 87 -24.89 19.03 -29.81
N SER E 88 -24.57 19.96 -30.71
CA SER E 88 -24.82 21.38 -30.47
C SER E 88 -26.28 21.71 -30.75
N MET E 89 -26.59 23.00 -30.79
CA MET E 89 -27.94 23.49 -31.03
C MET E 89 -28.14 24.05 -32.43
N GLY E 90 -27.13 24.74 -32.98
CA GLY E 90 -27.24 25.24 -34.34
C GLY E 90 -27.39 24.13 -35.36
N LEU E 91 -26.63 23.04 -35.17
CA LEU E 91 -26.76 21.89 -36.06
C LEU E 91 -28.15 21.27 -35.94
N LEU E 92 -28.69 21.22 -34.72
CA LEU E 92 -30.05 20.72 -34.55
C LEU E 92 -31.05 21.62 -35.25
N GLN E 93 -30.83 22.92 -35.22
CA GLN E 93 -31.70 23.84 -35.95
C GLN E 93 -31.64 23.60 -37.45
N LYS E 94 -30.43 23.37 -37.97
CA LYS E 94 -30.29 23.07 -39.40
C LYS E 94 -31.00 21.78 -39.76
N LEU E 95 -30.85 20.75 -38.92
CA LEU E 95 -31.53 19.47 -39.19
C LEU E 95 -33.05 19.62 -39.11
N ASP E 96 -33.55 20.41 -38.16
CA ASP E 96 -34.98 20.64 -38.06
C ASP E 96 -35.49 21.37 -39.29
N GLN E 97 -34.74 22.36 -39.77
CA GLN E 97 -35.13 23.09 -40.96
C GLN E 97 -35.12 22.18 -42.19
N GLN E 98 -34.14 21.29 -42.30
CA GLN E 98 -34.01 20.47 -43.51
C GLN E 98 -34.94 19.27 -43.49
N LEU E 99 -34.73 18.36 -42.54
CA LEU E 99 -35.42 17.06 -42.55
C LEU E 99 -36.68 17.04 -41.70
N LYS E 100 -36.99 18.11 -40.97
CA LYS E 100 -38.21 18.24 -40.17
C LYS E 100 -38.32 17.10 -39.14
N LEU E 101 -37.36 17.10 -38.20
CA LEU E 101 -37.36 16.08 -37.16
C LEU E 101 -38.42 16.33 -36.08
N ARG E 102 -38.96 17.55 -36.01
CA ARG E 102 -39.86 17.90 -34.92
C ARG E 102 -41.15 17.09 -34.97
N GLU E 103 -41.70 16.89 -36.17
CA GLU E 103 -42.96 16.16 -36.30
C GLU E 103 -42.77 14.67 -36.57
N HIS E 104 -41.61 14.25 -37.07
CA HIS E 104 -41.40 12.84 -37.34
C HIS E 104 -41.15 12.07 -36.05
N PHE E 105 -40.39 12.64 -35.13
CA PHE E 105 -40.08 11.95 -33.88
C PHE E 105 -41.33 11.78 -33.01
N GLY E 106 -42.37 12.56 -33.24
CA GLY E 106 -43.64 12.40 -32.57
C GLY E 106 -44.67 11.60 -33.33
N THR E 107 -44.30 10.98 -34.46
CA THR E 107 -45.24 10.19 -35.23
C THR E 107 -45.77 8.96 -34.48
N PRO E 108 -44.93 8.11 -33.84
CA PRO E 108 -45.50 6.90 -33.20
C PRO E 108 -46.30 7.23 -31.96
N LEU E 109 -47.63 7.14 -32.07
CA LEU E 109 -48.52 7.42 -30.95
C LEU E 109 -48.63 6.25 -29.99
N ARG E 110 -48.18 5.06 -30.39
CA ARG E 110 -48.29 3.88 -29.54
C ARG E 110 -47.22 3.82 -28.46
N ASP E 111 -46.15 4.60 -28.58
CA ASP E 111 -45.04 4.55 -27.63
C ASP E 111 -45.04 5.83 -26.80
N PRO E 112 -45.55 5.82 -25.57
CA PRO E 112 -45.62 7.06 -24.79
C PRO E 112 -44.32 7.47 -24.13
N LEU E 113 -43.28 6.63 -24.20
CA LEU E 113 -42.01 6.93 -23.56
C LEU E 113 -40.96 7.49 -24.51
N PHE E 114 -40.94 7.03 -25.76
CA PHE E 114 -39.90 7.40 -26.71
C PHE E 114 -40.48 8.17 -27.90
N ARG E 115 -41.39 9.10 -27.63
CA ARG E 115 -41.96 9.94 -28.66
C ARG E 115 -41.77 11.41 -28.29
N LEU E 116 -41.63 12.24 -29.30
CA LEU E 116 -41.44 13.68 -29.12
C LEU E 116 -42.82 14.33 -29.05
N TRP E 117 -43.27 14.64 -27.84
CA TRP E 117 -44.60 15.21 -27.66
C TRP E 117 -44.70 16.59 -28.29
N GLY E 118 -45.85 16.90 -28.87
CA GLY E 118 -46.07 18.22 -29.42
C GLY E 118 -46.19 19.27 -28.33
N GLY E 119 -45.69 20.46 -28.64
CA GLY E 119 -45.72 21.55 -27.69
C GLY E 119 -44.66 21.49 -26.61
N THR E 120 -43.66 20.62 -26.75
CA THR E 120 -42.58 20.57 -25.78
C THR E 120 -41.61 21.73 -25.99
N SER E 121 -40.92 22.10 -24.91
CA SER E 121 -39.97 23.20 -24.95
C SER E 121 -38.78 22.86 -25.85
N GLN E 122 -38.07 23.92 -26.26
CA GLN E 122 -36.91 23.73 -27.13
C GLN E 122 -35.80 22.95 -26.44
N GLU E 123 -35.58 23.22 -25.14
CA GLU E 123 -34.52 22.55 -24.41
C GLU E 123 -34.78 21.05 -24.29
N TRP E 124 -36.05 20.68 -24.06
CA TRP E 124 -36.38 19.26 -24.00
C TRP E 124 -36.18 18.59 -25.35
N PHE E 125 -36.48 19.31 -26.44
CA PHE E 125 -36.23 18.76 -27.77
C PHE E 125 -34.73 18.56 -28.02
N LEU E 126 -33.92 19.51 -27.57
CA LEU E 126 -32.47 19.35 -27.70
C LEU E 126 -31.97 18.16 -26.89
N GLU E 127 -32.52 17.97 -25.69
CA GLU E 127 -32.14 16.81 -24.88
C GLU E 127 -32.58 15.51 -25.55
N TYR E 128 -33.76 15.51 -26.18
CA TYR E 128 -34.22 14.33 -26.90
C TYR E 128 -33.29 14.01 -28.07
N TYR E 129 -32.92 15.03 -28.85
CA TYR E 129 -32.01 14.80 -29.97
C TYR E 129 -30.65 14.30 -29.49
N ARG E 130 -30.16 14.84 -28.37
CA ARG E 130 -28.89 14.37 -27.81
C ARG E 130 -29.01 12.94 -27.32
N SER E 131 -30.18 12.55 -26.81
CA SER E 131 -30.39 11.18 -26.38
C SER E 131 -30.55 10.22 -27.55
N ARG E 132 -30.92 10.72 -28.74
CA ARG E 132 -31.02 9.85 -29.90
C ARG E 132 -29.67 9.65 -30.57
N VAL E 133 -29.07 10.73 -31.06
CA VAL E 133 -27.77 10.62 -31.72
C VAL E 133 -26.70 10.34 -30.67
N GLU E 134 -26.03 9.20 -30.79
CA GLU E 134 -24.97 8.82 -29.88
C GLU E 134 -23.63 8.94 -30.57
N VAL E 135 -22.67 9.59 -29.91
CA VAL E 135 -21.34 9.82 -30.46
C VAL E 135 -20.32 9.22 -29.52
N LEU E 136 -19.47 8.34 -30.04
CA LEU E 136 -18.38 7.75 -29.29
C LEU E 136 -17.05 8.13 -29.95
N MET E 137 -16.01 8.24 -29.14
CA MET E 137 -14.70 8.61 -29.63
C MET E 137 -13.68 7.58 -29.17
N ASP E 138 -12.88 7.08 -30.10
CA ASP E 138 -11.77 6.18 -29.79
C ASP E 138 -10.48 6.98 -29.96
N ASP E 139 -9.85 7.31 -28.82
CA ASP E 139 -8.68 8.17 -28.82
C ASP E 139 -7.40 7.44 -29.20
N ILE E 140 -7.41 6.09 -29.18
CA ILE E 140 -6.26 5.34 -29.69
C ILE E 140 -6.10 5.57 -31.18
N CYS E 141 -7.22 5.71 -31.89
CA CYS E 141 -7.22 6.03 -33.31
C CYS E 141 -7.78 7.41 -33.62
N GLY E 142 -8.45 8.05 -32.66
CA GLY E 142 -9.16 9.28 -32.95
C GLY E 142 -10.32 9.08 -33.91
N LEU E 143 -11.07 8.00 -33.74
CA LEU E 143 -12.15 7.65 -34.65
C LEU E 143 -13.49 7.96 -34.00
N LEU E 144 -14.37 8.63 -34.73
CA LEU E 144 -15.70 8.98 -34.25
C LEU E 144 -16.70 7.95 -34.75
N THR E 145 -17.51 7.42 -33.84
CA THR E 145 -18.60 6.52 -34.18
C THR E 145 -19.91 7.24 -33.91
N VAL E 146 -20.72 7.39 -34.95
CA VAL E 146 -22.02 8.05 -34.85
C VAL E 146 -23.09 7.00 -35.04
N ARG E 147 -23.91 6.80 -34.03
CA ARG E 147 -25.05 5.88 -34.08
C ARG E 147 -26.31 6.72 -34.01
N VAL E 148 -27.06 6.76 -35.11
CA VAL E 148 -28.24 7.60 -35.24
C VAL E 148 -29.46 6.71 -35.25
N GLN E 149 -30.41 7.00 -34.37
CA GLN E 149 -31.63 6.22 -34.26
C GLN E 149 -32.77 6.90 -34.99
N GLY E 150 -33.62 6.08 -35.61
CA GLY E 150 -34.78 6.59 -36.32
C GLY E 150 -35.86 5.54 -36.39
N PHE E 151 -37.10 6.01 -36.50
CA PHE E 151 -38.22 5.09 -36.57
C PHE E 151 -38.43 4.48 -37.95
N GLU E 152 -37.78 5.03 -38.98
CA GLU E 152 -37.78 4.45 -40.31
C GLU E 152 -36.32 4.35 -40.77
N PRO E 153 -35.88 3.17 -41.24
CA PRO E 153 -34.46 3.00 -41.56
C PRO E 153 -33.94 3.95 -42.63
N GLU E 154 -34.76 4.23 -43.65
CA GLU E 154 -34.36 5.20 -44.67
C GLU E 154 -34.19 6.58 -44.07
N PHE E 155 -35.10 6.97 -43.17
CA PHE E 155 -34.97 8.24 -42.48
C PHE E 155 -33.71 8.30 -41.63
N ALA E 156 -33.39 7.20 -40.94
CA ALA E 156 -32.18 7.18 -40.12
C ALA E 156 -30.92 7.31 -40.96
N GLN E 157 -30.88 6.61 -42.10
CA GLN E 157 -29.74 6.74 -43.00
C GLN E 157 -29.63 8.16 -43.55
N ALA E 158 -30.76 8.77 -43.91
CA ALA E 158 -30.74 10.15 -44.40
C ALA E 158 -30.24 11.10 -43.32
N LEU E 159 -30.68 10.90 -42.07
CA LEU E 159 -30.23 11.74 -40.97
C LEU E 159 -28.72 11.61 -40.75
N ASN E 160 -28.21 10.37 -40.81
CA ASN E 160 -26.78 10.17 -40.64
C ASN E 160 -25.99 10.84 -41.76
N ARG E 161 -26.46 10.71 -43.00
CA ARG E 161 -25.76 11.36 -44.11
C ARG E 161 -25.80 12.87 -43.99
N ALA E 162 -26.94 13.42 -43.55
CA ALA E 162 -27.03 14.86 -43.36
C ALA E 162 -26.09 15.34 -42.26
N ILE E 163 -25.99 14.57 -41.18
CA ILE E 163 -25.07 14.92 -40.09
C ILE E 163 -23.63 14.93 -40.59
N LEU E 164 -23.25 13.89 -41.36
CA LEU E 164 -21.88 13.82 -41.87
C LEU E 164 -21.58 14.99 -42.81
N GLU E 165 -22.51 15.28 -43.72
CA GLU E 165 -22.28 16.37 -44.68
C GLU E 165 -22.19 17.72 -43.97
N GLU E 166 -23.08 17.97 -43.01
CA GLU E 166 -23.06 19.24 -42.29
C GLU E 166 -21.81 19.37 -41.43
N SER E 167 -21.34 18.26 -40.85
CA SER E 167 -20.10 18.30 -40.08
C SER E 167 -18.91 18.63 -40.96
N GLU E 168 -18.83 18.01 -42.14
CA GLU E 168 -17.75 18.34 -43.07
C GLU E 168 -17.81 19.79 -43.50
N ARG E 169 -19.01 20.29 -43.79
CA ARG E 169 -19.17 21.68 -44.18
C ARG E 169 -18.74 22.62 -43.06
N PHE E 170 -19.13 22.31 -41.82
CA PHE E 170 -18.75 23.16 -40.70
C PHE E 170 -17.24 23.19 -40.50
N VAL E 171 -16.58 22.03 -40.59
CA VAL E 171 -15.14 22.01 -40.41
C VAL E 171 -14.43 22.79 -41.51
N ASN E 172 -14.88 22.60 -42.76
CA ASN E 172 -14.27 23.31 -43.87
C ASN E 172 -14.48 24.82 -43.73
N GLU E 173 -15.67 25.25 -43.33
CA GLU E 173 -15.94 26.67 -43.16
C GLU E 173 -15.13 27.26 -42.00
N LEU E 174 -14.97 26.48 -40.93
CA LEU E 174 -14.17 26.95 -39.80
C LEU E 174 -12.71 27.13 -40.19
N SER E 175 -12.18 26.19 -41.00
CA SER E 175 -10.81 26.35 -41.50
C SER E 175 -10.70 27.53 -42.45
N HIS E 176 -11.75 27.76 -43.27
CA HIS E 176 -11.71 28.85 -44.24
C HIS E 176 -11.86 30.21 -43.57
N ARG E 177 -12.50 30.27 -42.40
CA ARG E 177 -12.77 31.55 -41.76
C ARG E 177 -11.47 32.27 -41.38
N MET E 178 -10.48 31.53 -40.89
CA MET E 178 -9.20 32.12 -40.54
C MET E 178 -8.43 32.52 -41.79
N LYS E 323 -10.26 24.37 -49.99
CA LYS E 323 -10.86 23.42 -49.07
C LYS E 323 -10.11 23.40 -47.73
N LEU E 324 -8.82 23.07 -47.81
CA LEU E 324 -7.87 23.14 -46.71
C LEU E 324 -8.11 22.10 -45.62
N LYS E 325 -9.22 21.37 -45.73
CA LYS E 325 -9.68 20.37 -44.76
C LYS E 325 -10.55 19.36 -45.47
N SER E 326 -10.75 18.22 -44.82
CA SER E 326 -11.62 17.17 -45.34
C SER E 326 -12.06 16.29 -44.20
N LEU E 327 -13.15 15.57 -44.44
CA LEU E 327 -13.73 14.63 -43.48
C LEU E 327 -13.73 13.24 -44.14
N VAL E 328 -12.67 12.48 -43.88
CA VAL E 328 -12.59 11.14 -44.46
C VAL E 328 -13.46 10.19 -43.66
N VAL E 329 -14.10 9.26 -44.36
CA VAL E 329 -15.07 8.35 -43.78
C VAL E 329 -14.58 6.91 -43.97
N VAL E 330 -14.56 6.15 -42.88
CA VAL E 330 -14.10 4.76 -42.92
C VAL E 330 -15.26 3.87 -43.33
N GLU E 331 -16.33 3.88 -42.53
CA GLU E 331 -17.53 3.11 -42.85
C GLU E 331 -18.66 4.05 -43.21
N PRO E 332 -19.13 4.06 -44.46
CA PRO E 332 -20.20 4.97 -44.86
C PRO E 332 -21.50 4.62 -44.16
N PRO E 333 -22.42 5.57 -44.02
CA PRO E 333 -23.70 5.29 -43.34
C PRO E 333 -24.47 4.18 -44.06
N VAL E 334 -25.08 3.31 -43.26
CA VAL E 334 -25.75 2.12 -43.78
C VAL E 334 -27.24 2.22 -43.51
N LEU E 335 -28.00 1.40 -44.24
CA LEU E 335 -29.44 1.32 -44.06
C LEU E 335 -29.74 0.03 -43.30
N PRO E 336 -30.23 0.11 -42.06
CA PRO E 336 -30.51 -1.12 -41.31
C PRO E 336 -31.73 -1.85 -41.87
N GLU E 337 -31.78 -3.14 -41.58
CA GLU E 337 -32.89 -3.99 -42.02
C GLU E 337 -33.86 -4.32 -40.89
N ILE E 338 -33.35 -4.57 -39.69
CA ILE E 338 -34.18 -4.85 -38.52
C ILE E 338 -33.77 -3.92 -37.39
N ALA E 339 -34.67 -3.77 -36.42
CA ALA E 339 -34.52 -2.79 -35.35
C ALA E 339 -33.76 -3.44 -34.19
N GLU E 340 -32.55 -2.94 -33.92
CA GLU E 340 -31.81 -3.38 -32.76
C GLU E 340 -32.53 -3.01 -31.47
N TYR E 341 -33.07 -1.80 -31.40
CA TYR E 341 -33.70 -1.27 -30.21
C TYR E 341 -35.21 -1.23 -30.36
N PRO E 342 -35.97 -1.44 -29.27
CA PRO E 342 -35.47 -1.83 -27.96
C PRO E 342 -35.24 -3.33 -27.86
N ARG E 343 -34.22 -3.74 -27.11
CA ARG E 343 -33.95 -5.16 -26.92
C ARG E 343 -34.98 -5.75 -25.97
N ARG E 344 -36.12 -6.19 -26.53
CA ARG E 344 -37.26 -6.56 -25.70
C ARG E 344 -36.96 -7.78 -24.83
N TRP E 345 -36.41 -8.83 -25.43
CA TRP E 345 -36.22 -10.08 -24.68
C TRP E 345 -35.12 -9.94 -23.64
N TYR E 346 -34.01 -9.29 -24.00
CA TYR E 346 -32.93 -9.08 -23.05
C TYR E 346 -33.40 -8.22 -21.88
N ASN E 347 -34.13 -7.14 -22.17
CA ASN E 347 -34.63 -6.27 -21.11
C ASN E 347 -35.62 -7.02 -20.22
N LEU E 348 -36.49 -7.84 -20.81
CA LEU E 348 -37.45 -8.58 -20.01
C LEU E 348 -36.76 -9.60 -19.10
N ALA E 349 -35.76 -10.31 -19.63
CA ALA E 349 -35.03 -11.27 -18.80
C ALA E 349 -34.28 -10.58 -17.67
N THR E 350 -33.61 -9.46 -17.99
CA THR E 350 -32.88 -8.72 -16.96
C THR E 350 -33.83 -8.19 -15.88
N LEU E 351 -34.98 -7.65 -16.29
CA LEU E 351 -35.95 -7.15 -15.33
C LEU E 351 -36.49 -8.27 -14.47
N LEU E 352 -36.74 -9.44 -15.06
CA LEU E 352 -37.21 -10.57 -14.27
C LEU E 352 -36.17 -11.01 -13.25
N VAL E 353 -34.90 -11.05 -13.65
CA VAL E 353 -33.85 -11.48 -12.73
C VAL E 353 -33.72 -10.49 -11.57
N VAL E 354 -33.71 -9.19 -11.89
CA VAL E 354 -33.58 -8.17 -10.84
C VAL E 354 -34.78 -8.18 -9.92
N CYS E 355 -35.98 -8.35 -10.49
CA CYS E 355 -37.19 -8.38 -9.67
C CYS E 355 -37.22 -9.60 -8.76
N CYS E 356 -36.76 -10.76 -9.27
CA CYS E 356 -36.68 -11.95 -8.42
C CYS E 356 -35.67 -11.76 -7.30
N LEU E 357 -34.55 -11.10 -7.58
CA LEU E 357 -33.57 -10.83 -6.52
C LEU E 357 -34.13 -9.88 -5.47
N ILE E 358 -34.90 -8.87 -5.90
CA ILE E 358 -35.54 -7.97 -4.95
C ILE E 358 -36.57 -8.74 -4.10
N TYR E 359 -37.31 -9.64 -4.74
CA TYR E 359 -38.23 -10.51 -4.01
C TYR E 359 -37.47 -11.29 -2.93
N GLY E 360 -36.33 -11.87 -3.31
CA GLY E 360 -35.56 -12.64 -2.34
C GLY E 360 -35.08 -11.79 -1.17
N VAL E 361 -34.56 -10.60 -1.47
CA VAL E 361 -34.04 -9.74 -0.40
C VAL E 361 -35.16 -9.35 0.56
N VAL E 362 -36.31 -8.93 0.02
CA VAL E 362 -37.43 -8.53 0.85
C VAL E 362 -37.96 -9.71 1.66
N SER E 363 -38.02 -10.90 1.02
CA SER E 363 -38.56 -12.07 1.69
C SER E 363 -37.69 -12.50 2.86
N LEU E 364 -36.37 -12.53 2.67
CA LEU E 364 -35.49 -12.90 3.78
C LEU E 364 -35.48 -11.83 4.87
N VAL E 365 -35.57 -10.54 4.51
CA VAL E 365 -35.64 -9.50 5.53
C VAL E 365 -36.89 -9.68 6.38
N VAL E 366 -38.03 -9.92 5.72
CA VAL E 366 -39.30 -10.13 6.43
C VAL E 366 -39.23 -11.39 7.28
N ALA E 367 -38.64 -12.46 6.75
CA ALA E 367 -38.53 -13.71 7.50
C ALA E 367 -37.69 -13.52 8.76
N THR E 368 -36.58 -12.80 8.65
CA THR E 368 -35.77 -12.52 9.83
C THR E 368 -36.53 -11.67 10.84
N ILE E 369 -37.20 -10.62 10.36
CA ILE E 369 -37.89 -9.70 11.27
C ILE E 369 -39.09 -10.37 11.92
N ARG E 370 -39.62 -11.45 11.32
CA ARG E 370 -40.73 -12.17 11.93
C ARG E 370 -40.25 -13.30 12.84
N ASP E 371 -39.14 -13.96 12.49
CA ASP E 371 -38.64 -15.05 13.29
C ASP E 371 -37.82 -14.58 14.49
N HIS E 372 -37.41 -13.31 14.51
CA HIS E 372 -36.62 -12.83 15.64
C HIS E 372 -37.44 -12.70 16.92
N GLN E 373 -38.78 -12.76 16.82
CA GLN E 373 -39.66 -12.38 17.93
C GLN E 373 -39.38 -13.20 19.19
N ASP E 374 -38.88 -14.42 19.04
CA ASP E 374 -38.53 -15.26 20.20
C ASP E 374 -37.41 -14.64 21.03
N THR F 13 -36.65 -35.56 -6.03
CA THR F 13 -35.54 -35.51 -5.08
C THR F 13 -34.31 -34.87 -5.71
N ALA F 14 -33.16 -35.01 -5.03
CA ALA F 14 -31.93 -34.41 -5.52
C ALA F 14 -31.34 -35.18 -6.71
N LYS F 15 -31.55 -36.49 -6.76
CA LYS F 15 -30.98 -37.29 -7.83
C LYS F 15 -31.57 -36.90 -9.19
N ARG F 16 -32.88 -36.68 -9.24
CA ARG F 16 -33.51 -36.26 -10.49
C ARG F 16 -33.00 -34.91 -10.95
N LEU F 17 -32.80 -33.98 -10.01
CA LEU F 17 -32.23 -32.68 -10.34
C LEU F 17 -30.81 -32.83 -10.87
N GLN F 18 -30.00 -33.70 -10.24
CA GLN F 18 -28.64 -33.92 -10.71
C GLN F 18 -28.63 -34.52 -12.12
N TRP F 19 -29.53 -35.46 -12.40
CA TRP F 19 -29.62 -36.05 -13.73
C TRP F 19 -30.03 -35.01 -14.77
N ALA F 20 -31.08 -34.24 -14.47
CA ALA F 20 -31.64 -33.32 -15.45
C ALA F 20 -30.83 -32.04 -15.59
N LEU F 21 -29.91 -31.76 -14.67
CA LEU F 21 -29.14 -30.53 -14.71
C LEU F 21 -27.70 -30.71 -15.18
N VAL F 22 -27.11 -31.88 -14.97
CA VAL F 22 -25.69 -32.12 -15.25
C VAL F 22 -25.51 -33.20 -16.32
N TYR F 23 -26.22 -34.32 -16.18
CA TYR F 23 -25.99 -35.47 -17.05
C TYR F 23 -26.49 -35.21 -18.46
N LEU F 24 -27.80 -34.99 -18.60
CA LEU F 24 -28.40 -34.83 -19.92
C LEU F 24 -27.86 -33.66 -20.73
N PRO F 25 -27.66 -32.45 -20.19
CA PRO F 25 -27.02 -31.40 -21.00
C PRO F 25 -25.65 -31.79 -21.52
N MET F 26 -24.85 -32.46 -20.70
CA MET F 26 -23.56 -32.96 -21.17
C MET F 26 -23.73 -34.00 -22.27
N LEU F 27 -24.71 -34.89 -22.14
CA LEU F 27 -24.92 -35.91 -23.15
C LEU F 27 -25.28 -35.29 -24.50
N VAL F 28 -26.21 -34.33 -24.50
CA VAL F 28 -26.59 -33.72 -25.77
C VAL F 28 -25.42 -32.91 -26.32
N ALA F 29 -24.65 -32.25 -25.46
CA ALA F 29 -23.50 -31.49 -25.92
C ALA F 29 -22.48 -32.40 -26.61
N THR F 30 -22.14 -33.53 -25.99
CA THR F 30 -21.10 -34.38 -26.59
C THR F 30 -21.61 -35.05 -27.85
N VAL F 31 -22.88 -35.47 -27.87
CA VAL F 31 -23.38 -36.12 -29.09
C VAL F 31 -23.43 -35.11 -30.23
N TYR F 32 -23.75 -33.85 -29.94
CA TYR F 32 -23.66 -32.82 -30.96
C TYR F 32 -22.22 -32.67 -31.45
N PHE F 33 -21.27 -32.59 -30.51
CA PHE F 33 -19.90 -32.22 -30.88
C PHE F 33 -19.22 -33.31 -31.69
N LEU F 34 -19.51 -34.58 -31.39
CA LEU F 34 -18.90 -35.64 -32.22
C LEU F 34 -19.89 -36.38 -33.12
N VAL F 35 -21.06 -35.83 -33.41
CA VAL F 35 -21.91 -36.35 -34.47
C VAL F 35 -22.30 -35.27 -35.48
N PHE F 36 -22.82 -34.14 -35.01
CA PHE F 36 -23.46 -33.18 -35.90
C PHE F 36 -22.58 -32.00 -36.29
N SER F 37 -21.49 -31.74 -35.56
CA SER F 37 -20.67 -30.57 -35.84
C SER F 37 -19.94 -30.71 -37.16
N ALA F 38 -19.74 -29.58 -37.83
CA ALA F 38 -19.00 -29.51 -39.09
C ALA F 38 -17.67 -28.83 -38.85
N ASP F 39 -16.62 -29.40 -39.41
CA ASP F 39 -15.27 -28.86 -39.25
C ASP F 39 -15.14 -27.53 -39.97
N ARG F 40 -14.24 -26.68 -39.47
CA ARG F 40 -14.03 -25.33 -39.99
C ARG F 40 -12.54 -25.10 -40.17
N TYR F 41 -12.09 -25.13 -41.42
CA TYR F 41 -10.71 -24.83 -41.73
C TYR F 41 -10.41 -23.35 -41.48
N VAL F 42 -9.14 -23.05 -41.24
CA VAL F 42 -8.70 -21.71 -40.88
C VAL F 42 -7.51 -21.33 -41.75
N SER F 43 -7.56 -20.15 -42.36
CA SER F 43 -6.42 -19.59 -43.07
C SER F 43 -5.92 -18.38 -42.29
N GLU F 44 -4.66 -18.40 -41.92
CA GLU F 44 -4.05 -17.36 -41.10
C GLU F 44 -2.99 -16.64 -41.92
N SER F 45 -3.09 -15.31 -41.95
CA SER F 45 -2.13 -14.49 -42.67
C SER F 45 -1.67 -13.36 -41.77
N VAL F 46 -0.44 -12.87 -42.00
CA VAL F 46 0.12 -11.80 -41.21
C VAL F 46 0.59 -10.71 -42.16
N ILE F 47 -0.03 -9.53 -42.05
CA ILE F 47 0.24 -8.39 -42.93
C ILE F 47 0.52 -7.16 -42.08
N THR F 48 1.01 -6.12 -42.75
CA THR F 48 1.22 -4.82 -42.13
C THR F 48 1.21 -3.76 -43.22
N VAL F 49 1.07 -2.51 -42.80
CA VAL F 49 1.05 -1.37 -43.72
C VAL F 49 2.25 -0.49 -43.43
N ARG F 50 3.01 -0.16 -44.48
CA ARG F 50 4.16 0.71 -44.36
C ARG F 50 4.21 1.63 -45.57
N GLN F 51 4.82 2.80 -45.38
CA GLN F 51 4.95 3.77 -46.45
C GLN F 51 6.12 3.43 -47.37
N ALA F 74 3.53 6.69 -38.04
CA ALA F 74 2.19 7.05 -38.50
C ALA F 74 1.47 5.85 -39.10
N SER F 75 2.20 4.74 -39.24
CA SER F 75 1.60 3.52 -39.80
C SER F 75 0.61 2.87 -38.84
N ARG F 76 0.69 3.19 -37.55
CA ARG F 76 -0.26 2.62 -36.59
C ARG F 76 -1.67 3.11 -36.86
N GLU F 77 -1.81 4.38 -37.27
CA GLU F 77 -3.12 4.91 -37.62
C GLU F 77 -3.75 4.13 -38.77
N ASP F 78 -2.96 3.87 -39.82
CA ASP F 78 -3.49 3.11 -40.95
C ASP F 78 -3.74 1.66 -40.59
N THR F 79 -2.90 1.09 -39.72
CA THR F 79 -3.12 -0.27 -39.26
C THR F 79 -4.44 -0.41 -38.52
N CYS F 80 -4.75 0.53 -37.64
CA CYS F 80 -6.02 0.46 -36.94
C CYS F 80 -7.19 0.86 -37.83
N TYR F 81 -6.95 1.71 -38.84
CA TYR F 81 -7.95 1.94 -39.88
C TYR F 81 -8.32 0.63 -40.56
N LEU F 82 -7.34 -0.17 -40.95
CA LEU F 82 -7.60 -1.47 -41.54
C LEU F 82 -8.29 -2.40 -40.55
N GLN F 83 -7.90 -2.33 -39.28
CA GLN F 83 -8.49 -3.17 -38.25
C GLN F 83 -9.99 -2.90 -38.13
N THR F 84 -10.38 -1.63 -38.17
CA THR F 84 -11.81 -1.32 -38.11
C THR F 84 -12.50 -1.41 -39.47
N TYR F 85 -11.75 -1.48 -40.56
CA TYR F 85 -12.36 -1.63 -41.88
C TYR F 85 -12.65 -3.08 -42.22
N ILE F 86 -11.87 -4.02 -41.68
CA ILE F 86 -12.08 -5.43 -42.00
C ILE F 86 -13.44 -5.91 -41.51
N HIS F 87 -13.93 -5.32 -40.42
CA HIS F 87 -15.23 -5.68 -39.86
C HIS F 87 -16.35 -4.73 -40.28
N SER F 88 -16.12 -3.91 -41.30
CA SER F 88 -17.10 -2.93 -41.72
C SER F 88 -18.25 -3.61 -42.48
N MET F 89 -19.21 -2.79 -42.93
CA MET F 89 -20.36 -3.27 -43.67
C MET F 89 -20.15 -3.21 -45.17
N GLY F 90 -19.48 -2.16 -45.67
CA GLY F 90 -19.21 -2.08 -47.10
C GLY F 90 -18.32 -3.21 -47.58
N LEU F 91 -17.31 -3.56 -46.78
CA LEU F 91 -16.45 -4.69 -47.14
C LEU F 91 -17.25 -5.99 -47.15
N LEU F 92 -18.16 -6.17 -46.19
CA LEU F 92 -18.99 -7.37 -46.17
C LEU F 92 -19.88 -7.43 -47.40
N GLN F 93 -20.43 -6.28 -47.83
CA GLN F 93 -21.24 -6.25 -49.04
C GLN F 93 -20.41 -6.61 -50.26
N LYS F 94 -19.18 -6.09 -50.35
CA LYS F 94 -18.31 -6.42 -51.47
C LYS F 94 -17.98 -7.91 -51.49
N LEU F 95 -17.69 -8.49 -50.32
CA LEU F 95 -17.38 -9.91 -50.24
C LEU F 95 -18.59 -10.77 -50.59
N ASP F 96 -19.78 -10.37 -50.14
CA ASP F 96 -20.99 -11.11 -50.48
C ASP F 96 -21.25 -11.06 -51.98
N GLN F 97 -21.01 -9.92 -52.60
CA GLN F 97 -21.15 -9.83 -54.06
C GLN F 97 -20.12 -10.70 -54.76
N GLN F 98 -18.89 -10.73 -54.23
CA GLN F 98 -17.80 -11.41 -54.93
C GLN F 98 -17.90 -12.93 -54.80
N LEU F 99 -17.82 -13.44 -53.56
CA LEU F 99 -17.65 -14.88 -53.34
C LEU F 99 -18.92 -15.58 -52.89
N LYS F 100 -20.05 -14.86 -52.80
CA LYS F 100 -21.33 -15.43 -52.39
C LYS F 100 -21.22 -16.09 -51.00
N LEU F 101 -20.95 -15.25 -50.00
CA LEU F 101 -20.72 -15.74 -48.65
C LEU F 101 -21.94 -16.45 -48.08
N ARG F 102 -23.14 -15.91 -48.33
CA ARG F 102 -24.34 -16.44 -47.71
C ARG F 102 -24.60 -17.89 -48.12
N GLU F 103 -24.50 -18.16 -49.43
CA GLU F 103 -24.75 -19.52 -49.90
C GLU F 103 -23.72 -20.50 -49.37
N HIS F 104 -22.44 -20.09 -49.34
CA HIS F 104 -21.40 -20.97 -48.83
C HIS F 104 -21.59 -21.26 -47.35
N PHE F 105 -21.93 -20.24 -46.56
CA PHE F 105 -22.18 -20.46 -45.15
C PHE F 105 -23.49 -21.20 -44.91
N GLY F 106 -24.35 -21.29 -45.91
CA GLY F 106 -25.57 -22.07 -45.79
C GLY F 106 -25.49 -23.52 -46.20
N THR F 107 -24.37 -23.98 -46.73
CA THR F 107 -24.26 -25.37 -47.17
C THR F 107 -24.40 -26.41 -46.06
N PRO F 108 -23.72 -26.29 -44.87
CA PRO F 108 -23.76 -27.42 -43.93
C PRO F 108 -25.08 -27.57 -43.22
N LEU F 109 -26.06 -28.20 -43.89
CA LEU F 109 -27.38 -28.42 -43.29
C LEU F 109 -27.32 -29.32 -42.07
N ARG F 110 -26.31 -30.19 -41.97
CA ARG F 110 -26.19 -31.06 -40.81
C ARG F 110 -25.77 -30.32 -39.56
N ASP F 111 -25.34 -29.06 -39.68
CA ASP F 111 -24.96 -28.27 -38.52
C ASP F 111 -26.15 -27.40 -38.10
N PRO F 112 -26.73 -27.61 -36.92
CA PRO F 112 -27.95 -26.89 -36.55
C PRO F 112 -27.74 -25.58 -35.81
N LEU F 113 -26.51 -25.24 -35.43
CA LEU F 113 -26.27 -24.03 -34.66
C LEU F 113 -25.33 -23.04 -35.32
N PHE F 114 -24.24 -23.51 -35.92
CA PHE F 114 -23.17 -22.64 -36.38
C PHE F 114 -23.29 -22.25 -37.85
N ARG F 115 -24.31 -22.73 -38.55
CA ARG F 115 -24.51 -22.35 -39.94
C ARG F 115 -25.35 -21.08 -40.02
N LEU F 116 -25.23 -20.39 -41.15
CA LEU F 116 -26.00 -19.17 -41.41
C LEU F 116 -27.34 -19.55 -42.02
N TRP F 117 -28.41 -19.39 -41.26
CA TRP F 117 -29.75 -19.72 -41.75
C TRP F 117 -30.14 -18.80 -42.90
N GLY F 118 -30.87 -19.36 -43.86
CA GLY F 118 -31.33 -18.55 -44.97
C GLY F 118 -32.39 -17.56 -44.53
N GLY F 119 -32.38 -16.38 -45.15
CA GLY F 119 -33.36 -15.36 -44.85
C GLY F 119 -33.16 -14.63 -43.55
N THR F 120 -31.99 -14.75 -42.92
CA THR F 120 -31.75 -14.08 -41.66
C THR F 120 -31.55 -12.58 -41.87
N SER F 121 -31.62 -11.83 -40.78
CA SER F 121 -31.47 -10.39 -40.82
C SER F 121 -30.05 -10.00 -41.22
N GLN F 122 -29.93 -8.80 -41.80
CA GLN F 122 -28.63 -8.33 -42.25
C GLN F 122 -27.69 -8.09 -41.07
N GLU F 123 -28.23 -7.59 -39.96
CA GLU F 123 -27.39 -7.37 -38.76
C GLU F 123 -26.85 -8.69 -38.24
N TRP F 124 -27.65 -9.75 -38.27
CA TRP F 124 -27.16 -11.06 -37.85
C TRP F 124 -26.06 -11.55 -38.78
N PHE F 125 -26.18 -11.28 -40.08
CA PHE F 125 -25.12 -11.65 -41.01
C PHE F 125 -23.84 -10.88 -40.72
N LEU F 126 -23.96 -9.59 -40.37
CA LEU F 126 -22.78 -8.82 -40.01
C LEU F 126 -22.12 -9.38 -38.76
N GLU F 127 -22.92 -9.75 -37.76
CA GLU F 127 -22.35 -10.33 -36.54
C GLU F 127 -21.70 -11.67 -36.84
N TYR F 128 -22.31 -12.46 -37.72
CA TYR F 128 -21.73 -13.75 -38.09
C TYR F 128 -20.39 -13.58 -38.79
N TYR F 129 -20.31 -12.63 -39.72
CA TYR F 129 -19.04 -12.39 -40.40
C TYR F 129 -17.99 -11.85 -39.43
N ARG F 130 -18.40 -10.98 -38.50
CA ARG F 130 -17.46 -10.50 -37.50
C ARG F 130 -16.96 -11.62 -36.61
N SER F 131 -17.81 -12.62 -36.35
CA SER F 131 -17.40 -13.75 -35.52
C SER F 131 -16.50 -14.72 -36.28
N ARG F 132 -16.71 -14.89 -37.59
CA ARG F 132 -15.94 -15.85 -38.36
C ARG F 132 -14.67 -15.27 -38.97
N VAL F 133 -14.33 -14.03 -38.66
CA VAL F 133 -13.06 -13.43 -39.07
C VAL F 133 -12.44 -12.76 -37.84
N GLU F 134 -11.24 -13.18 -37.49
CA GLU F 134 -10.57 -12.69 -36.29
C GLU F 134 -9.38 -11.83 -36.69
N VAL F 135 -9.29 -10.64 -36.11
CA VAL F 135 -8.21 -9.70 -36.40
C VAL F 135 -7.48 -9.40 -35.10
N LEU F 136 -6.18 -9.64 -35.08
CA LEU F 136 -5.35 -9.38 -33.91
C LEU F 136 -4.28 -8.37 -34.25
N MET F 137 -4.10 -7.38 -33.38
CA MET F 137 -3.09 -6.35 -33.56
C MET F 137 -2.07 -6.44 -32.44
N ASP F 138 -0.79 -6.46 -32.79
CA ASP F 138 0.29 -6.45 -31.82
C ASP F 138 0.77 -5.01 -31.65
N ASP F 139 0.70 -4.52 -30.41
CA ASP F 139 1.01 -3.12 -30.16
C ASP F 139 2.49 -2.81 -30.38
N ILE F 140 3.37 -3.73 -30.00
CA ILE F 140 4.80 -3.45 -30.02
C ILE F 140 5.31 -3.31 -31.45
N CYS F 141 4.98 -4.28 -32.32
CA CYS F 141 5.53 -4.32 -33.66
C CYS F 141 4.63 -3.70 -34.72
N GLY F 142 3.35 -3.51 -34.43
CA GLY F 142 2.42 -3.01 -35.44
C GLY F 142 1.98 -4.04 -36.44
N LEU F 143 2.23 -5.32 -36.19
CA LEU F 143 1.84 -6.37 -37.12
C LEU F 143 0.38 -6.74 -36.92
N LEU F 144 -0.30 -7.03 -38.03
CA LEU F 144 -1.70 -7.40 -38.05
C LEU F 144 -1.83 -8.86 -38.46
N THR F 145 -2.71 -9.59 -37.78
CA THR F 145 -2.94 -11.00 -38.06
C THR F 145 -4.42 -11.21 -38.37
N VAL F 146 -4.70 -11.79 -39.54
CA VAL F 146 -6.06 -12.04 -39.99
C VAL F 146 -6.25 -13.56 -40.07
N ARG F 147 -7.21 -14.07 -39.30
CA ARG F 147 -7.56 -15.48 -39.32
C ARG F 147 -8.98 -15.61 -39.85
N VAL F 148 -9.13 -16.27 -40.99
CA VAL F 148 -10.40 -16.39 -41.69
C VAL F 148 -10.86 -17.84 -41.61
N GLN F 149 -12.07 -18.05 -41.14
CA GLN F 149 -12.65 -19.38 -41.05
C GLN F 149 -13.44 -19.72 -42.30
N GLY F 150 -13.56 -21.01 -42.59
CA GLY F 150 -14.33 -21.46 -43.73
C GLY F 150 -14.72 -22.90 -43.57
N PHE F 151 -15.69 -23.33 -44.38
CA PHE F 151 -16.15 -24.70 -44.37
C PHE F 151 -15.46 -25.56 -45.42
N GLU F 152 -14.60 -24.97 -46.24
CA GLU F 152 -13.78 -25.67 -47.21
C GLU F 152 -12.34 -25.17 -47.10
N PRO F 153 -11.36 -26.03 -47.39
CA PRO F 153 -9.96 -25.57 -47.29
C PRO F 153 -9.61 -24.47 -48.27
N GLU F 154 -10.12 -24.56 -49.51
CA GLU F 154 -9.80 -23.56 -50.53
C GLU F 154 -10.58 -22.27 -50.32
N PHE F 155 -11.83 -22.36 -49.86
CA PHE F 155 -12.66 -21.17 -49.74
C PHE F 155 -12.11 -20.21 -48.69
N ALA F 156 -11.60 -20.75 -47.58
CA ALA F 156 -11.05 -19.89 -46.54
C ALA F 156 -9.82 -19.13 -47.03
N GLN F 157 -8.95 -19.81 -47.78
CA GLN F 157 -7.79 -19.13 -48.35
C GLN F 157 -8.22 -18.08 -49.38
N ALA F 158 -9.21 -18.39 -50.20
CA ALA F 158 -9.71 -17.43 -51.17
C ALA F 158 -10.31 -16.21 -50.47
N LEU F 159 -11.04 -16.43 -49.38
CA LEU F 159 -11.61 -15.33 -48.62
C LEU F 159 -10.50 -14.47 -48.00
N ASN F 160 -9.45 -15.11 -47.50
CA ASN F 160 -8.31 -14.36 -46.95
C ASN F 160 -7.65 -13.50 -48.02
N ARG F 161 -7.44 -14.07 -49.21
CA ARG F 161 -6.83 -13.30 -50.29
C ARG F 161 -7.72 -12.13 -50.71
N ALA F 162 -9.03 -12.38 -50.80
CA ALA F 162 -9.95 -11.30 -51.15
C ALA F 162 -9.95 -10.19 -50.10
N ILE F 163 -9.89 -10.57 -48.83
CA ILE F 163 -9.86 -9.57 -47.76
C ILE F 163 -8.59 -8.74 -47.84
N LEU F 164 -7.45 -9.39 -48.08
CA LEU F 164 -6.19 -8.66 -48.19
C LEU F 164 -6.21 -7.69 -49.37
N GLU F 165 -6.65 -8.17 -50.54
CA GLU F 165 -6.71 -7.33 -51.73
C GLU F 165 -7.66 -6.16 -51.53
N GLU F 166 -8.83 -6.42 -50.93
CA GLU F 166 -9.80 -5.36 -50.71
C GLU F 166 -9.31 -4.33 -49.71
N SER F 167 -8.59 -4.78 -48.68
CA SER F 167 -8.02 -3.84 -47.71
C SER F 167 -6.98 -2.94 -48.36
N GLU F 168 -6.09 -3.52 -49.18
CA GLU F 168 -5.10 -2.70 -49.87
C GLU F 168 -5.77 -1.72 -50.81
N ARG F 169 -6.78 -2.18 -51.56
CA ARG F 169 -7.49 -1.29 -52.47
C ARG F 169 -8.23 -0.20 -51.71
N PHE F 170 -8.76 -0.51 -50.53
CA PHE F 170 -9.44 0.50 -49.73
C PHE F 170 -8.47 1.58 -49.26
N VAL F 171 -7.28 1.18 -48.80
CA VAL F 171 -6.31 2.17 -48.36
C VAL F 171 -5.89 3.05 -49.55
N ASN F 172 -5.61 2.43 -50.70
CA ASN F 172 -5.20 3.19 -51.87
C ASN F 172 -6.31 4.13 -52.34
N GLU F 173 -7.56 3.66 -52.34
CA GLU F 173 -8.68 4.50 -52.76
C GLU F 173 -8.92 5.64 -51.78
N LEU F 174 -8.71 5.39 -50.48
CA LEU F 174 -8.81 6.46 -49.49
C LEU F 174 -7.80 7.55 -49.77
N SER F 175 -6.54 7.15 -49.99
CA SER F 175 -5.50 8.14 -50.28
C SER F 175 -5.79 8.88 -51.58
N HIS F 176 -6.24 8.16 -52.61
CA HIS F 176 -6.52 8.79 -53.91
C HIS F 176 -7.69 9.76 -53.82
N ARG F 177 -8.75 9.40 -53.08
CA ARG F 177 -9.88 10.30 -52.93
C ARG F 177 -9.51 11.51 -52.08
N MET F 178 -8.61 11.34 -51.12
CA MET F 178 -8.09 12.49 -50.39
C MET F 178 -7.32 13.42 -51.32
N ALA F 179 -6.47 12.85 -52.19
CA ALA F 179 -5.66 13.65 -53.09
C ALA F 179 -6.41 14.13 -54.32
N ARG F 180 -7.66 13.71 -54.51
CA ARG F 180 -8.41 14.10 -55.71
C ARG F 180 -8.65 15.60 -55.75
N GLU F 181 -9.02 16.20 -54.63
CA GLU F 181 -9.32 17.62 -54.57
C GLU F 181 -8.05 18.44 -54.40
N LYS F 323 -0.94 4.62 -56.21
CA LYS F 323 -0.16 3.77 -55.32
C LYS F 323 0.58 4.61 -54.29
N LEU F 324 -0.09 4.95 -53.20
CA LEU F 324 0.48 5.77 -52.14
C LEU F 324 0.98 4.92 -50.98
N LYS F 325 0.10 4.12 -50.38
CA LYS F 325 0.45 3.25 -49.27
C LYS F 325 0.29 1.80 -49.72
N SER F 326 1.30 0.99 -49.47
CA SER F 326 1.34 -0.39 -49.92
C SER F 326 1.21 -1.34 -48.73
N LEU F 327 0.83 -2.58 -49.04
CA LEU F 327 0.65 -3.62 -48.04
C LEU F 327 1.88 -4.53 -48.04
N VAL F 328 2.49 -4.68 -46.87
CA VAL F 328 3.64 -5.55 -46.70
C VAL F 328 3.14 -6.84 -46.06
N VAL F 329 3.18 -7.93 -46.82
CA VAL F 329 2.71 -9.22 -46.35
C VAL F 329 3.91 -9.97 -45.78
N VAL F 330 3.84 -10.30 -44.50
CA VAL F 330 4.90 -11.07 -43.86
C VAL F 330 4.66 -12.57 -43.99
N GLU F 331 3.43 -13.00 -43.71
CA GLU F 331 3.05 -14.40 -43.90
C GLU F 331 1.84 -14.45 -44.82
N PRO F 332 1.97 -15.00 -46.02
CA PRO F 332 0.86 -14.99 -46.99
C PRO F 332 -0.26 -15.92 -46.55
N PRO F 333 -1.45 -15.79 -47.14
CA PRO F 333 -2.54 -16.71 -46.78
C PRO F 333 -2.16 -18.15 -47.04
N VAL F 334 -2.53 -19.02 -46.10
CA VAL F 334 -2.12 -20.40 -46.13
C VAL F 334 -3.30 -21.28 -46.54
N LEU F 335 -2.98 -22.47 -47.04
CA LEU F 335 -4.00 -23.44 -47.39
C LEU F 335 -4.02 -24.52 -46.33
N PRO F 336 -5.02 -24.56 -45.45
CA PRO F 336 -5.02 -25.54 -44.37
C PRO F 336 -5.28 -26.95 -44.89
N GLU F 337 -4.91 -27.93 -44.07
CA GLU F 337 -5.15 -29.34 -44.35
C GLU F 337 -6.03 -30.01 -43.32
N ILE F 338 -5.92 -29.64 -42.05
CA ILE F 338 -6.77 -30.15 -40.99
C ILE F 338 -7.43 -28.96 -40.31
N ALA F 339 -8.71 -29.09 -39.97
CA ALA F 339 -9.46 -27.98 -39.41
C ALA F 339 -9.03 -27.74 -37.97
N GLU F 340 -8.54 -26.53 -37.70
CA GLU F 340 -8.17 -26.14 -36.34
C GLU F 340 -9.37 -25.89 -35.44
N TYR F 341 -10.57 -25.80 -36.01
CA TYR F 341 -11.79 -25.53 -35.28
C TYR F 341 -12.85 -26.55 -35.67
N PRO F 342 -13.81 -26.84 -34.78
CA PRO F 342 -14.00 -26.30 -33.42
C PRO F 342 -13.16 -27.00 -32.36
N ARG F 343 -13.04 -26.37 -31.20
CA ARG F 343 -12.37 -26.96 -30.05
C ARG F 343 -13.42 -27.67 -29.20
N ARG F 344 -13.48 -28.99 -29.31
CA ARG F 344 -14.51 -29.75 -28.62
C ARG F 344 -14.29 -29.75 -27.12
N TRP F 345 -13.14 -30.24 -26.67
CA TRP F 345 -12.89 -30.46 -25.25
C TRP F 345 -12.82 -29.14 -24.49
N TYR F 346 -12.35 -28.07 -25.13
CA TYR F 346 -12.31 -26.76 -24.48
C TYR F 346 -13.71 -26.28 -24.12
N ASN F 347 -14.63 -26.31 -25.10
CA ASN F 347 -16.00 -25.90 -24.84
C ASN F 347 -16.69 -26.86 -23.88
N LEU F 348 -16.36 -28.14 -23.95
CA LEU F 348 -16.93 -29.11 -23.01
C LEU F 348 -16.51 -28.80 -21.58
N ALA F 349 -15.23 -28.47 -21.37
CA ALA F 349 -14.76 -28.13 -20.03
C ALA F 349 -15.41 -26.83 -19.54
N THR F 350 -15.54 -25.84 -20.43
CA THR F 350 -16.20 -24.59 -20.04
C THR F 350 -17.65 -24.84 -19.64
N LEU F 351 -18.36 -25.66 -20.42
CA LEU F 351 -19.74 -25.99 -20.09
C LEU F 351 -19.82 -26.78 -18.80
N LEU F 352 -18.82 -27.64 -18.53
CA LEU F 352 -18.80 -28.37 -17.28
C LEU F 352 -18.65 -27.44 -16.08
N VAL F 353 -17.77 -26.45 -16.19
CA VAL F 353 -17.59 -25.49 -15.11
C VAL F 353 -18.87 -24.70 -14.88
N VAL F 354 -19.48 -24.20 -15.97
CA VAL F 354 -20.70 -23.42 -15.84
C VAL F 354 -21.82 -24.26 -15.26
N CYS F 355 -21.96 -25.51 -15.72
CA CYS F 355 -23.01 -26.39 -15.24
C CYS F 355 -22.82 -26.71 -13.76
N CYS F 356 -21.59 -26.96 -13.34
CA CYS F 356 -21.34 -27.23 -11.92
C CYS F 356 -21.69 -26.03 -11.06
N LEU F 357 -21.32 -24.82 -11.50
CA LEU F 357 -21.62 -23.62 -10.73
C LEU F 357 -23.13 -23.41 -10.63
N ILE F 358 -23.85 -23.52 -11.74
CA ILE F 358 -25.29 -23.30 -11.71
C ILE F 358 -26.00 -24.40 -10.92
N TYR F 359 -25.51 -25.64 -10.99
CA TYR F 359 -26.10 -26.71 -10.20
C TYR F 359 -25.92 -26.45 -8.71
N GLY F 360 -24.73 -26.02 -8.31
CA GLY F 360 -24.51 -25.69 -6.91
C GLY F 360 -25.41 -24.56 -6.44
N VAL F 361 -25.53 -23.50 -7.25
CA VAL F 361 -26.36 -22.37 -6.87
C VAL F 361 -27.82 -22.79 -6.73
N VAL F 362 -28.33 -23.54 -7.71
CA VAL F 362 -29.74 -23.95 -7.69
C VAL F 362 -30.00 -24.91 -6.53
N SER F 363 -29.08 -25.84 -6.29
CA SER F 363 -29.24 -26.77 -5.19
C SER F 363 -29.26 -26.05 -3.85
N LEU F 364 -28.38 -25.07 -3.67
CA LEU F 364 -28.36 -24.30 -2.43
C LEU F 364 -29.65 -23.49 -2.26
N VAL F 365 -30.14 -22.89 -3.35
CA VAL F 365 -31.37 -22.11 -3.28
C VAL F 365 -32.55 -23.00 -2.90
N VAL F 366 -32.64 -24.19 -3.50
CA VAL F 366 -33.70 -25.13 -3.15
C VAL F 366 -33.55 -25.62 -1.72
N ALA F 367 -32.31 -25.83 -1.27
CA ALA F 367 -32.07 -26.28 0.09
C ALA F 367 -32.49 -25.24 1.11
N THR F 368 -32.44 -23.96 0.74
CA THR F 368 -32.98 -22.93 1.63
C THR F 368 -34.47 -23.10 1.84
N ILE F 369 -35.23 -23.23 0.76
CA ILE F 369 -36.68 -23.35 0.84
C ILE F 369 -37.11 -24.78 0.57
N LYS G 15 -1.24 -47.39 1.09
CA LYS G 15 0.08 -47.29 0.47
C LYS G 15 0.01 -47.71 -1.00
N ARG G 16 -0.96 -47.17 -1.73
CA ARG G 16 -1.14 -47.49 -3.14
C ARG G 16 -0.89 -46.32 -4.08
N LEU G 17 -0.96 -45.09 -3.58
CA LEU G 17 -0.77 -43.92 -4.43
C LEU G 17 0.68 -43.82 -4.90
N GLN G 18 1.62 -43.93 -3.97
CA GLN G 18 3.03 -43.83 -4.31
C GLN G 18 3.52 -45.08 -5.02
N TRP G 19 2.91 -46.24 -4.74
CA TRP G 19 3.29 -47.45 -5.45
C TRP G 19 2.97 -47.38 -6.92
N ALA G 20 2.08 -46.48 -7.33
CA ALA G 20 1.69 -46.31 -8.71
C ALA G 20 2.34 -45.09 -9.36
N LEU G 21 2.18 -43.90 -8.78
CA LEU G 21 2.59 -42.69 -9.49
C LEU G 21 3.98 -42.17 -9.09
N VAL G 22 4.71 -42.88 -8.25
CA VAL G 22 6.06 -42.44 -7.89
C VAL G 22 7.12 -43.26 -8.61
N TYR G 23 7.01 -44.59 -8.58
CA TYR G 23 8.03 -45.42 -9.22
C TYR G 23 7.78 -45.57 -10.71
N LEU G 24 6.58 -46.02 -11.11
CA LEU G 24 6.30 -46.31 -12.51
C LEU G 24 6.58 -45.15 -13.45
N PRO G 25 6.23 -43.88 -13.15
CA PRO G 25 6.72 -42.78 -14.00
C PRO G 25 8.24 -42.73 -14.08
N MET G 26 8.94 -43.09 -12.99
CA MET G 26 10.40 -43.05 -13.02
C MET G 26 10.97 -44.14 -13.92
N LEU G 27 10.43 -45.36 -13.83
CA LEU G 27 10.87 -46.40 -14.76
C LEU G 27 10.56 -46.04 -16.20
N VAL G 28 9.38 -45.46 -16.44
CA VAL G 28 9.05 -45.01 -17.80
C VAL G 28 10.05 -43.97 -18.27
N ALA G 29 10.39 -43.02 -17.41
CA ALA G 29 11.31 -41.95 -17.78
C ALA G 29 12.70 -42.48 -18.09
N THR G 30 13.20 -43.42 -17.29
CA THR G 30 14.58 -43.88 -17.53
C THR G 30 14.64 -44.80 -18.75
N VAL G 31 13.65 -45.69 -18.92
CA VAL G 31 13.67 -46.55 -20.10
C VAL G 31 13.20 -45.85 -21.36
N TYR G 32 12.75 -44.59 -21.26
CA TYR G 32 12.47 -43.81 -22.45
C TYR G 32 13.63 -42.87 -22.79
N PHE G 33 14.26 -42.26 -21.80
CA PHE G 33 15.28 -41.24 -22.06
C PHE G 33 16.60 -41.86 -22.49
N LEU G 34 17.21 -42.67 -21.63
CA LEU G 34 18.53 -43.21 -21.93
C LEU G 34 18.48 -44.52 -22.69
N VAL G 35 17.29 -44.98 -23.09
CA VAL G 35 17.13 -46.19 -23.89
C VAL G 35 16.50 -45.88 -25.24
N PHE G 36 15.42 -45.09 -25.23
CA PHE G 36 14.64 -44.83 -26.44
C PHE G 36 14.88 -43.45 -27.04
N SER G 37 15.03 -42.42 -26.21
CA SER G 37 15.14 -41.05 -26.72
C SER G 37 16.43 -40.87 -27.50
N ALA G 38 16.36 -40.08 -28.56
CA ALA G 38 17.49 -39.83 -29.44
C ALA G 38 18.12 -38.49 -29.12
N ASP G 39 19.44 -38.42 -29.26
CA ASP G 39 20.16 -37.19 -28.97
C ASP G 39 19.85 -36.12 -30.01
N ARG G 40 19.67 -34.89 -29.54
CA ARG G 40 19.35 -33.75 -30.40
C ARG G 40 20.44 -32.70 -30.24
N TYR G 41 21.28 -32.56 -31.25
CA TYR G 41 22.32 -31.54 -31.22
C TYR G 41 21.73 -30.17 -31.50
N VAL G 42 22.27 -29.16 -30.81
CA VAL G 42 21.78 -27.79 -30.89
C VAL G 42 22.87 -26.93 -31.48
N SER G 43 22.53 -26.20 -32.55
CA SER G 43 23.42 -25.22 -33.14
C SER G 43 22.79 -23.84 -32.95
N GLU G 44 23.51 -22.97 -32.25
CA GLU G 44 23.01 -21.63 -31.96
C GLU G 44 23.77 -20.60 -32.78
N SER G 45 23.09 -19.50 -33.09
CA SER G 45 23.74 -18.41 -33.80
C SER G 45 23.04 -17.11 -33.43
N VAL G 46 23.82 -16.05 -33.24
CA VAL G 46 23.31 -14.77 -32.78
C VAL G 46 23.55 -13.74 -33.87
N ILE G 47 22.48 -13.08 -34.29
CA ILE G 47 22.50 -12.12 -35.39
C ILE G 47 21.73 -10.88 -34.96
N THR G 48 21.63 -9.93 -35.89
CA THR G 48 20.81 -8.74 -35.74
C THR G 48 20.58 -8.15 -37.13
N VAL G 49 20.00 -6.96 -37.20
CA VAL G 49 19.74 -6.27 -38.45
C VAL G 49 20.23 -4.84 -38.34
N ARG G 50 21.09 -4.44 -39.29
CA ARG G 50 21.57 -3.07 -39.36
C ARG G 50 21.47 -2.58 -40.80
N GLN G 51 21.00 -1.35 -40.96
CA GLN G 51 20.83 -0.77 -42.28
C GLN G 51 22.13 -0.19 -42.82
N ARG G 76 15.02 -1.77 -35.42
CA ARG G 76 14.57 -2.69 -34.39
C ARG G 76 13.29 -3.41 -34.83
N GLU G 77 12.45 -2.71 -35.59
CA GLU G 77 11.22 -3.32 -36.08
C GLU G 77 11.50 -4.43 -37.10
N ASP G 78 12.63 -4.33 -37.81
CA ASP G 78 12.99 -5.38 -38.75
C ASP G 78 13.29 -6.69 -38.04
N THR G 79 13.82 -6.62 -36.81
CA THR G 79 14.05 -7.85 -36.06
C THR G 79 12.73 -8.47 -35.61
N CYS G 80 11.71 -7.66 -35.33
CA CYS G 80 10.39 -8.20 -35.06
C CYS G 80 9.79 -8.86 -36.30
N TYR G 81 9.96 -8.22 -37.46
CA TYR G 81 9.57 -8.84 -38.72
C TYR G 81 10.25 -10.19 -38.89
N LEU G 82 11.55 -10.25 -38.59
CA LEU G 82 12.30 -11.49 -38.70
C LEU G 82 11.79 -12.55 -37.73
N GLN G 83 11.51 -12.15 -36.48
CA GLN G 83 11.01 -13.09 -35.48
C GLN G 83 9.69 -13.69 -35.91
N THR G 84 8.81 -12.87 -36.51
CA THR G 84 7.57 -13.41 -37.04
C THR G 84 7.82 -14.32 -38.24
N TYR G 85 8.74 -13.93 -39.12
CA TYR G 85 8.96 -14.68 -40.36
C TYR G 85 9.62 -16.04 -40.12
N ILE G 86 10.40 -16.17 -39.05
CA ILE G 86 11.08 -17.44 -38.80
C ILE G 86 10.09 -18.57 -38.57
N HIS G 87 9.02 -18.29 -37.83
CA HIS G 87 7.99 -19.28 -37.53
C HIS G 87 6.83 -19.24 -38.50
N SER G 88 7.06 -18.86 -39.76
CA SER G 88 5.99 -18.69 -40.73
C SER G 88 5.81 -19.97 -41.55
N MET G 89 4.99 -19.88 -42.60
CA MET G 89 4.72 -20.99 -43.50
C MET G 89 5.59 -21.00 -44.75
N GLY G 90 5.86 -19.83 -45.35
CA GLY G 90 6.67 -19.79 -46.55
C GLY G 90 8.08 -20.29 -46.32
N LEU G 91 8.69 -19.87 -45.21
CA LEU G 91 10.02 -20.37 -44.85
C LEU G 91 10.00 -21.86 -44.61
N LEU G 92 8.94 -22.36 -43.96
CA LEU G 92 8.84 -23.80 -43.73
C LEU G 92 8.74 -24.57 -45.04
N GLN G 93 7.96 -24.07 -45.99
CA GLN G 93 7.86 -24.73 -47.29
C GLN G 93 9.20 -24.70 -48.03
N LYS G 94 9.90 -23.58 -47.97
CA LYS G 94 11.21 -23.51 -48.62
C LYS G 94 12.19 -24.50 -47.99
N LEU G 95 12.20 -24.59 -46.66
CA LEU G 95 13.09 -25.52 -45.98
C LEU G 95 12.73 -26.97 -46.31
N ASP G 96 11.44 -27.28 -46.36
CA ASP G 96 11.02 -28.64 -46.71
C ASP G 96 11.42 -29.00 -48.14
N GLN G 97 11.27 -28.05 -49.07
CA GLN G 97 11.67 -28.33 -50.44
C GLN G 97 13.19 -28.36 -50.60
N GLN G 98 13.94 -27.74 -49.69
CA GLN G 98 15.40 -27.69 -49.81
C GLN G 98 16.09 -28.79 -49.03
N LEU G 99 15.90 -28.82 -47.72
CA LEU G 99 16.69 -29.68 -46.84
C LEU G 99 16.02 -30.99 -46.48
N LYS G 100 14.80 -31.23 -46.96
CA LYS G 100 14.04 -32.46 -46.68
C LYS G 100 13.90 -32.71 -45.18
N LEU G 101 13.23 -31.77 -44.51
CA LEU G 101 13.02 -31.87 -43.08
C LEU G 101 12.13 -33.05 -42.72
N ARG G 102 11.11 -33.31 -43.56
CA ARG G 102 10.13 -34.34 -43.23
C ARG G 102 10.76 -35.72 -43.14
N GLU G 103 11.65 -36.04 -44.08
CA GLU G 103 12.32 -37.34 -44.05
C GLU G 103 13.33 -37.41 -42.92
N HIS G 104 14.09 -36.33 -42.70
CA HIS G 104 15.15 -36.35 -41.70
C HIS G 104 14.59 -36.46 -40.28
N PHE G 105 13.47 -35.79 -40.00
CA PHE G 105 12.92 -35.80 -38.65
C PHE G 105 12.27 -37.13 -38.29
N GLY G 106 12.13 -38.05 -39.24
CA GLY G 106 11.61 -39.37 -38.98
C GLY G 106 12.64 -40.47 -38.88
N THR G 107 13.93 -40.14 -39.02
CA THR G 107 14.97 -41.17 -38.94
C THR G 107 15.05 -41.90 -37.60
N PRO G 108 14.91 -41.25 -36.41
CA PRO G 108 14.99 -42.04 -35.17
C PRO G 108 13.70 -42.80 -34.88
N LEU G 109 13.70 -44.12 -35.14
CA LEU G 109 12.52 -44.93 -34.88
C LEU G 109 12.38 -45.34 -33.42
N ARG G 110 13.42 -45.17 -32.61
CA ARG G 110 13.38 -45.64 -31.23
C ARG G 110 12.41 -44.83 -30.39
N ASP G 111 12.46 -43.51 -30.49
CA ASP G 111 11.63 -42.68 -29.62
C ASP G 111 10.30 -42.32 -30.30
N PRO G 112 9.18 -42.46 -29.60
CA PRO G 112 7.89 -42.08 -30.19
C PRO G 112 7.52 -40.63 -29.96
N LEU G 113 7.99 -40.05 -28.85
CA LEU G 113 7.53 -38.72 -28.45
C LEU G 113 8.15 -37.63 -29.30
N PHE G 114 9.45 -37.72 -29.57
CA PHE G 114 10.19 -36.67 -30.25
C PHE G 114 10.54 -37.06 -31.69
N ARG G 115 9.64 -37.79 -32.34
CA ARG G 115 9.80 -38.16 -33.74
C ARG G 115 8.56 -37.74 -34.51
N LEU G 116 8.77 -37.28 -35.75
CA LEU G 116 7.68 -36.86 -36.61
C LEU G 116 7.19 -38.07 -37.40
N TRP G 117 5.94 -38.44 -37.19
CA TRP G 117 5.36 -39.59 -37.89
C TRP G 117 5.18 -39.27 -39.36
N GLY G 118 5.22 -40.32 -40.18
CA GLY G 118 4.99 -40.14 -41.61
C GLY G 118 3.53 -39.86 -41.91
N GLY G 119 3.32 -38.99 -42.89
CA GLY G 119 1.96 -38.63 -43.29
C GLY G 119 1.17 -37.90 -42.24
N THR G 120 1.79 -36.99 -41.50
CA THR G 120 1.08 -36.21 -40.50
C THR G 120 0.54 -34.92 -41.11
N SER G 121 -0.37 -34.29 -40.38
CA SER G 121 -1.05 -33.09 -40.87
C SER G 121 -0.06 -31.92 -40.98
N GLN G 122 -0.42 -30.96 -41.83
CA GLN G 122 0.45 -29.81 -42.06
C GLN G 122 0.60 -28.95 -40.81
N GLU G 123 -0.50 -28.74 -40.09
CA GLU G 123 -0.45 -27.90 -38.90
C GLU G 123 0.41 -28.52 -37.82
N TRP G 124 0.36 -29.85 -37.68
CA TRP G 124 1.23 -30.52 -36.72
C TRP G 124 2.69 -30.38 -37.12
N PHE G 125 2.99 -30.42 -38.42
CA PHE G 125 4.36 -30.21 -38.87
C PHE G 125 4.82 -28.79 -38.56
N LEU G 126 3.93 -27.81 -38.73
CA LEU G 126 4.27 -26.44 -38.36
C LEU G 126 4.55 -26.33 -36.86
N GLU G 127 3.72 -26.98 -36.05
CA GLU G 127 3.95 -26.97 -34.60
C GLU G 127 5.27 -27.62 -34.24
N TYR G 128 5.62 -28.71 -34.93
CA TYR G 128 6.90 -29.38 -34.70
C TYR G 128 8.07 -28.47 -35.04
N TYR G 129 8.00 -27.81 -36.21
CA TYR G 129 9.08 -26.91 -36.60
C TYR G 129 9.19 -25.73 -35.63
N ARG G 130 8.05 -25.23 -35.15
CA ARG G 130 8.08 -24.15 -34.17
C ARG G 130 8.69 -24.61 -32.85
N SER G 131 8.40 -25.85 -32.45
CA SER G 131 8.95 -26.37 -31.22
C SER G 131 10.42 -26.78 -31.34
N ARG G 132 10.94 -26.90 -32.56
CA ARG G 132 12.35 -27.26 -32.72
C ARG G 132 13.25 -26.04 -32.77
N VAL G 133 13.06 -25.17 -33.76
CA VAL G 133 13.87 -23.96 -33.90
C VAL G 133 13.31 -22.93 -32.91
N GLU G 134 14.09 -22.59 -31.90
CA GLU G 134 13.66 -21.65 -30.87
C GLU G 134 14.39 -20.32 -31.04
N VAL G 135 13.63 -19.23 -30.96
CA VAL G 135 14.12 -17.89 -31.24
C VAL G 135 13.96 -17.04 -30.00
N LEU G 136 15.05 -16.40 -29.57
CA LEU G 136 15.04 -15.46 -28.47
C LEU G 136 15.39 -14.08 -28.98
N MET G 137 14.74 -13.06 -28.44
CA MET G 137 14.98 -11.67 -28.81
C MET G 137 15.41 -10.89 -27.58
N ASP G 138 16.47 -10.11 -27.72
CA ASP G 138 16.91 -9.18 -26.69
C ASP G 138 16.64 -7.77 -27.18
N ASP G 139 15.78 -7.05 -26.45
CA ASP G 139 15.25 -5.76 -26.90
C ASP G 139 16.14 -4.59 -26.49
N ILE G 140 16.84 -4.69 -25.36
CA ILE G 140 17.73 -3.62 -24.95
C ILE G 140 18.94 -3.51 -25.89
N CYS G 141 19.24 -4.59 -26.62
CA CYS G 141 20.29 -4.57 -27.64
C CYS G 141 19.79 -4.93 -29.03
N GLY G 142 18.59 -5.49 -29.15
CA GLY G 142 18.07 -5.92 -30.44
C GLY G 142 18.83 -7.08 -31.05
N LEU G 143 19.18 -8.08 -30.24
CA LEU G 143 19.96 -9.22 -30.71
C LEU G 143 19.07 -10.45 -30.77
N LEU G 144 19.06 -11.12 -31.93
CA LEU G 144 18.23 -12.28 -32.16
C LEU G 144 19.09 -13.53 -32.10
N THR G 145 18.81 -14.42 -31.15
CA THR G 145 19.55 -15.67 -31.01
C THR G 145 18.63 -16.80 -31.44
N VAL G 146 19.03 -17.52 -32.49
CA VAL G 146 18.26 -18.66 -32.99
C VAL G 146 19.02 -19.94 -32.65
N ARG G 147 18.31 -20.89 -32.05
CA ARG G 147 18.87 -22.18 -31.67
C ARG G 147 18.11 -23.25 -32.44
N VAL G 148 18.81 -23.94 -33.34
CA VAL G 148 18.22 -24.95 -34.20
C VAL G 148 18.59 -26.32 -33.64
N GLN G 149 17.58 -27.18 -33.49
CA GLN G 149 17.79 -28.53 -33.03
C GLN G 149 17.87 -29.49 -34.20
N GLY G 150 18.52 -30.62 -33.98
CA GLY G 150 18.63 -31.64 -35.01
C GLY G 150 19.04 -32.96 -34.40
N PHE G 151 19.19 -33.96 -35.27
CA PHE G 151 19.66 -35.27 -34.86
C PHE G 151 21.07 -35.58 -35.33
N GLU G 152 21.66 -34.72 -36.17
CA GLU G 152 23.03 -34.82 -36.63
C GLU G 152 23.60 -33.41 -36.64
N PRO G 153 24.89 -33.25 -36.32
CA PRO G 153 25.43 -31.88 -36.21
C PRO G 153 25.57 -31.17 -37.53
N GLU G 154 25.95 -31.90 -38.59
CA GLU G 154 26.03 -31.29 -39.91
C GLU G 154 24.67 -30.79 -40.38
N PHE G 155 23.61 -31.58 -40.12
CA PHE G 155 22.27 -31.15 -40.48
C PHE G 155 21.86 -29.90 -39.73
N ALA G 156 22.17 -29.83 -38.43
CA ALA G 156 21.81 -28.66 -37.65
C ALA G 156 22.55 -27.41 -38.13
N GLN G 157 23.84 -27.54 -38.41
CA GLN G 157 24.61 -26.41 -38.92
C GLN G 157 24.08 -25.96 -40.28
N ALA G 158 23.78 -26.92 -41.16
CA ALA G 158 23.25 -26.57 -42.47
C ALA G 158 21.90 -25.88 -42.35
N LEU G 159 21.04 -26.36 -41.44
CA LEU G 159 19.73 -25.74 -41.25
C LEU G 159 19.86 -24.32 -40.72
N ASN G 160 20.78 -24.11 -39.77
CA ASN G 160 21.00 -22.76 -39.26
C ASN G 160 21.51 -21.83 -40.36
N ARG G 161 22.46 -22.30 -41.17
CA ARG G 161 22.97 -21.48 -42.26
C ARG G 161 21.87 -21.16 -43.27
N ALA G 162 21.03 -22.15 -43.59
CA ALA G 162 19.93 -21.93 -44.52
C ALA G 162 18.94 -20.93 -43.96
N ILE G 163 18.65 -21.02 -42.65
CA ILE G 163 17.73 -20.08 -42.03
C ILE G 163 18.27 -18.66 -42.12
N LEU G 164 19.56 -18.49 -41.83
CA LEU G 164 20.15 -17.15 -41.88
C LEU G 164 20.14 -16.61 -43.31
N GLU G 165 20.52 -17.44 -44.29
CA GLU G 165 20.56 -16.99 -45.67
C GLU G 165 19.17 -16.63 -46.18
N GLU G 166 18.17 -17.47 -45.88
CA GLU G 166 16.82 -17.19 -46.32
C GLU G 166 16.23 -15.98 -45.61
N SER G 167 16.64 -15.73 -44.37
CA SER G 167 16.18 -14.54 -43.65
C SER G 167 16.72 -13.27 -44.29
N GLU G 168 18.03 -13.27 -44.61
CA GLU G 168 18.60 -12.12 -45.31
C GLU G 168 17.94 -11.93 -46.66
N ARG G 169 17.69 -13.02 -47.38
CA ARG G 169 17.03 -12.94 -48.67
C ARG G 169 15.62 -12.39 -48.53
N PHE G 170 14.89 -12.80 -47.49
CA PHE G 170 13.54 -12.29 -47.29
C PHE G 170 13.53 -10.80 -47.00
N VAL G 171 14.45 -10.33 -46.16
CA VAL G 171 14.50 -8.90 -45.84
C VAL G 171 14.85 -8.09 -47.09
N ASN G 172 15.84 -8.56 -47.85
CA ASN G 172 16.22 -7.86 -49.07
C ASN G 172 15.09 -7.90 -50.10
N GLU G 173 14.35 -9.01 -50.14
CA GLU G 173 13.23 -9.13 -51.08
C GLU G 173 12.09 -8.21 -50.69
N LEU G 174 11.85 -8.03 -49.39
CA LEU G 174 10.84 -7.07 -48.95
C LEU G 174 11.22 -5.66 -49.38
N SER G 175 12.49 -5.28 -49.17
CA SER G 175 12.93 -3.97 -49.58
C SER G 175 12.84 -3.79 -51.09
N HIS G 176 13.22 -4.82 -51.85
CA HIS G 176 13.18 -4.74 -53.31
C HIS G 176 11.75 -4.70 -53.82
N ARG G 177 10.82 -5.40 -53.16
CA ARG G 177 9.43 -5.34 -53.55
C ARG G 177 8.84 -3.96 -53.28
N MET G 178 9.22 -3.35 -52.15
CA MET G 178 8.81 -1.96 -51.91
C MET G 178 9.35 -1.03 -53.00
N ALA G 179 10.62 -1.22 -53.38
CA ALA G 179 11.20 -0.39 -54.43
C ALA G 179 10.50 -0.60 -55.76
N ARG G 180 10.18 -1.84 -56.11
CA ARG G 180 9.48 -2.13 -57.36
C ARG G 180 8.08 -1.55 -57.36
N GLU G 181 7.40 -1.59 -56.21
CA GLU G 181 6.10 -0.93 -56.10
C GLU G 181 6.23 0.57 -56.29
N GLN G 182 7.29 1.17 -55.74
CA GLN G 182 7.52 2.59 -55.94
C GLN G 182 7.75 2.92 -57.41
N GLY G 183 8.51 2.08 -58.11
CA GLY G 183 8.78 2.27 -59.52
C GLY G 183 7.64 1.81 -60.41
N LEU G 324 20.60 -3.77 -49.25
CA LEU G 324 20.34 -2.65 -48.34
C LEU G 324 20.55 -3.06 -46.89
N LYS G 325 19.58 -3.78 -46.34
CA LYS G 325 19.65 -4.23 -44.96
C LYS G 325 20.36 -5.57 -44.91
N SER G 326 21.53 -5.60 -44.28
CA SER G 326 22.36 -6.79 -44.19
C SER G 326 22.23 -7.43 -42.81
N LEU G 327 22.48 -8.73 -42.77
CA LEU G 327 22.39 -9.51 -41.52
C LEU G 327 23.74 -9.42 -40.82
N VAL G 328 23.81 -8.60 -39.76
CA VAL G 328 25.02 -8.49 -38.96
C VAL G 328 25.09 -9.71 -38.05
N VAL G 329 26.02 -10.60 -38.33
CA VAL G 329 26.14 -11.88 -37.63
C VAL G 329 27.25 -11.73 -36.60
N VAL G 330 26.87 -11.60 -35.33
CA VAL G 330 27.88 -11.48 -34.28
C VAL G 330 28.43 -12.85 -33.89
N GLU G 331 27.60 -13.89 -33.91
CA GLU G 331 28.08 -15.26 -33.71
C GLU G 331 27.52 -16.14 -34.82
N PRO G 332 28.35 -16.66 -35.72
CA PRO G 332 27.87 -17.52 -36.79
C PRO G 332 27.45 -18.87 -36.25
N PRO G 333 26.71 -19.67 -37.04
CA PRO G 333 26.31 -21.01 -36.57
C PRO G 333 27.52 -21.86 -36.23
N VAL G 334 27.42 -22.57 -35.10
CA VAL G 334 28.51 -23.35 -34.54
C VAL G 334 28.18 -24.82 -34.70
N LEU G 335 29.15 -25.59 -35.19
CA LEU G 335 28.99 -27.02 -35.33
C LEU G 335 29.06 -27.69 -33.96
N PRO G 336 27.96 -28.22 -33.44
CA PRO G 336 28.00 -28.86 -32.12
C PRO G 336 28.72 -30.20 -32.18
N GLU G 337 29.20 -30.63 -31.02
CA GLU G 337 29.93 -31.88 -30.90
C GLU G 337 29.20 -32.95 -30.10
N ILE G 338 28.59 -32.58 -28.98
CA ILE G 338 27.84 -33.53 -28.17
C ILE G 338 26.40 -33.07 -28.05
N ALA G 339 25.59 -33.84 -27.33
CA ALA G 339 24.14 -33.62 -27.26
C ALA G 339 23.83 -32.71 -26.08
N GLU G 340 23.47 -31.46 -26.37
CA GLU G 340 22.98 -30.57 -25.32
C GLU G 340 21.54 -30.86 -24.93
N TYR G 341 20.82 -31.63 -25.75
CA TYR G 341 19.44 -32.01 -25.47
C TYR G 341 19.25 -33.47 -25.87
N PRO G 342 18.40 -34.22 -25.16
CA PRO G 342 17.65 -33.80 -23.97
C PRO G 342 18.47 -33.89 -22.69
N ARG G 343 18.19 -33.02 -21.73
CA ARG G 343 18.87 -33.08 -20.43
C ARG G 343 18.21 -34.20 -19.63
N ARG G 344 18.82 -35.38 -19.64
CA ARG G 344 18.22 -36.57 -19.06
C ARG G 344 18.04 -36.42 -17.55
N TRP G 345 19.15 -36.29 -16.82
CA TRP G 345 19.11 -36.29 -15.37
C TRP G 345 18.40 -35.06 -14.81
N TYR G 346 18.53 -33.92 -15.50
CA TYR G 346 17.80 -32.72 -15.11
C TYR G 346 16.29 -32.96 -15.15
N ASN G 347 15.81 -33.54 -16.25
CA ASN G 347 14.39 -33.83 -16.37
C ASN G 347 13.96 -34.90 -15.37
N LEU G 348 14.83 -35.86 -15.09
CA LEU G 348 14.50 -36.89 -14.09
C LEU G 348 14.32 -36.27 -12.71
N ALA G 349 15.24 -35.39 -12.32
CA ALA G 349 15.12 -34.73 -11.02
C ALA G 349 13.89 -33.86 -10.95
N THR G 350 13.59 -33.13 -12.05
CA THR G 350 12.39 -32.30 -12.08
C THR G 350 11.13 -33.15 -11.95
N LEU G 351 11.09 -34.29 -12.64
CA LEU G 351 9.93 -35.18 -12.55
C LEU G 351 9.78 -35.74 -11.14
N LEU G 352 10.90 -36.10 -10.50
CA LEU G 352 10.84 -36.58 -9.13
C LEU G 352 10.28 -35.52 -8.19
N VAL G 353 10.75 -34.28 -8.34
CA VAL G 353 10.27 -33.20 -7.48
C VAL G 353 8.78 -32.96 -7.70
N VAL G 354 8.35 -32.88 -8.96
CA VAL G 354 6.95 -32.56 -9.24
C VAL G 354 6.03 -33.70 -8.81
N CYS G 355 6.48 -34.95 -8.95
CA CYS G 355 5.66 -36.07 -8.52
C CYS G 355 5.58 -36.15 -7.00
N CYS G 356 6.68 -35.82 -6.30
CA CYS G 356 6.62 -35.77 -4.84
C CYS G 356 5.65 -34.68 -4.38
N LEU G 357 5.68 -33.52 -5.03
CA LEU G 357 4.72 -32.46 -4.70
C LEU G 357 3.28 -32.89 -5.00
N ILE G 358 3.07 -33.62 -6.10
CA ILE G 358 1.74 -34.10 -6.43
C ILE G 358 1.24 -35.06 -5.34
N TYR G 359 2.12 -35.98 -4.91
CA TYR G 359 1.75 -36.90 -3.84
C TYR G 359 1.45 -36.16 -2.56
N GLY G 360 2.25 -35.13 -2.23
CA GLY G 360 1.98 -34.35 -1.04
C GLY G 360 0.65 -33.63 -1.08
N VAL G 361 0.31 -33.08 -2.26
CA VAL G 361 -0.98 -32.40 -2.41
C VAL G 361 -2.13 -33.38 -2.29
N VAL G 362 -2.01 -34.54 -2.93
CA VAL G 362 -3.10 -35.52 -2.91
C VAL G 362 -3.29 -36.10 -1.52
N SER G 363 -2.18 -36.31 -0.78
CA SER G 363 -2.29 -36.88 0.56
C SER G 363 -3.06 -35.97 1.51
N LEU G 364 -2.87 -34.66 1.40
CA LEU G 364 -3.58 -33.71 2.24
C LEU G 364 -4.99 -33.45 1.69
N SER H 10 16.83 -41.54 17.11
CA SER H 10 17.46 -42.85 17.13
C SER H 10 18.85 -42.80 16.49
N ARG H 11 18.93 -43.30 15.25
CA ARG H 11 20.21 -43.30 14.55
C ARG H 11 20.70 -41.89 14.27
N LEU H 12 19.80 -41.00 13.84
CA LEU H 12 20.15 -39.59 13.62
C LEU H 12 19.89 -38.77 14.87
N THR H 13 20.36 -39.26 16.01
CA THR H 13 20.23 -38.54 17.28
C THR H 13 21.50 -38.55 18.12
N ALA H 14 22.40 -39.52 17.94
CA ALA H 14 23.65 -39.54 18.69
C ALA H 14 24.54 -38.38 18.28
N LYS H 15 25.61 -38.16 19.05
CA LYS H 15 26.47 -36.99 18.88
C LYS H 15 27.05 -36.91 17.47
N ARG H 16 27.18 -38.05 16.80
CA ARG H 16 27.75 -38.13 15.45
C ARG H 16 27.13 -37.13 14.48
N LEU H 17 25.94 -36.60 14.82
CA LEU H 17 25.25 -35.69 13.91
C LEU H 17 26.11 -34.47 13.62
N GLN H 18 26.82 -33.94 14.62
CA GLN H 18 27.68 -32.79 14.32
C GLN H 18 28.79 -33.20 13.38
N TRP H 19 29.38 -34.38 13.60
CA TRP H 19 30.37 -34.90 12.67
C TRP H 19 29.76 -35.14 11.29
N ALA H 20 28.44 -35.33 11.23
CA ALA H 20 27.79 -35.50 9.94
C ALA H 20 27.74 -34.18 9.17
N LEU H 21 27.69 -33.05 9.86
CA LEU H 21 27.48 -31.76 9.20
C LEU H 21 28.55 -30.72 9.49
N VAL H 22 29.15 -30.74 10.69
CA VAL H 22 30.08 -29.68 11.08
C VAL H 22 31.51 -30.12 10.86
N TYR H 23 31.85 -31.33 11.33
CA TYR H 23 33.26 -31.72 11.39
C TYR H 23 33.77 -32.19 10.03
N LEU H 24 33.23 -33.30 9.52
CA LEU H 24 33.77 -33.88 8.29
C LEU H 24 33.76 -32.95 7.09
N PRO H 25 32.70 -32.16 6.82
CA PRO H 25 32.82 -31.14 5.76
C PRO H 25 33.93 -30.14 6.02
N MET H 26 34.13 -29.74 7.28
CA MET H 26 35.23 -28.85 7.60
C MET H 26 36.57 -29.49 7.26
N LEU H 27 36.79 -30.74 7.69
CA LEU H 27 38.06 -31.41 7.41
C LEU H 27 38.31 -31.52 5.90
N VAL H 28 37.32 -31.97 5.14
CA VAL H 28 37.54 -32.13 3.71
C VAL H 28 37.78 -30.78 3.04
N ALA H 29 37.10 -29.73 3.52
CA ALA H 29 37.31 -28.40 2.97
C ALA H 29 38.73 -27.92 3.21
N THR H 30 39.25 -28.10 4.43
CA THR H 30 40.63 -27.67 4.68
C THR H 30 41.64 -28.49 3.89
N VAL H 31 41.49 -29.82 3.85
CA VAL H 31 42.48 -30.60 3.10
C VAL H 31 42.49 -30.16 1.63
N TYR H 32 41.31 -29.96 1.03
CA TYR H 32 41.31 -29.49 -0.36
C TYR H 32 41.97 -28.13 -0.47
N PHE H 33 41.53 -27.17 0.36
CA PHE H 33 41.89 -25.77 0.12
C PHE H 33 43.36 -25.49 0.40
N LEU H 34 43.95 -26.14 1.42
CA LEU H 34 45.36 -25.85 1.65
C LEU H 34 46.31 -26.87 1.02
N VAL H 35 45.86 -28.09 0.72
CA VAL H 35 46.77 -29.09 0.18
C VAL H 35 46.65 -29.22 -1.34
N PHE H 36 45.42 -29.29 -1.86
CA PHE H 36 45.22 -29.65 -3.26
C PHE H 36 45.09 -28.45 -4.20
N SER H 37 44.63 -27.31 -3.69
CA SER H 37 44.25 -26.21 -4.56
C SER H 37 45.45 -25.60 -5.27
N ALA H 38 45.17 -24.98 -6.41
CA ALA H 38 46.16 -24.29 -7.22
C ALA H 38 45.77 -22.83 -7.38
N ASP H 39 46.78 -21.97 -7.43
CA ASP H 39 46.55 -20.54 -7.53
C ASP H 39 45.98 -20.16 -8.89
N ARG H 40 45.13 -19.14 -8.90
CA ARG H 40 44.48 -18.64 -10.11
C ARG H 40 44.63 -17.12 -10.12
N TYR H 41 45.71 -16.64 -10.73
CA TYR H 41 45.94 -15.20 -10.81
C TYR H 41 44.96 -14.56 -11.79
N VAL H 42 44.35 -13.46 -11.37
CA VAL H 42 43.39 -12.74 -12.21
C VAL H 42 44.06 -11.48 -12.74
N SER H 43 43.65 -11.10 -13.94
CA SER H 43 44.11 -9.87 -14.58
C SER H 43 42.90 -9.09 -15.02
N GLU H 44 42.84 -7.81 -14.64
CA GLU H 44 41.66 -6.99 -14.84
C GLU H 44 41.97 -5.86 -15.81
N SER H 45 41.08 -5.65 -16.77
CA SER H 45 41.17 -4.52 -17.69
C SER H 45 39.80 -3.89 -17.81
N VAL H 46 39.78 -2.60 -18.15
CA VAL H 46 38.52 -1.86 -18.28
C VAL H 46 38.54 -1.14 -19.62
N ILE H 47 37.53 -1.41 -20.44
CA ILE H 47 37.47 -0.92 -21.81
C ILE H 47 36.07 -0.35 -22.07
N THR H 48 35.92 0.24 -23.25
CA THR H 48 34.64 0.76 -23.72
C THR H 48 34.74 0.97 -25.23
N VAL H 49 33.61 1.29 -25.84
CA VAL H 49 33.52 1.55 -27.27
C VAL H 49 32.91 2.93 -27.47
N ARG H 50 33.59 3.77 -28.23
CA ARG H 50 33.11 5.13 -28.51
C ARG H 50 33.52 5.52 -29.91
N GLN H 51 32.81 6.51 -30.45
CA GLN H 51 33.05 6.98 -31.81
C GLN H 51 32.92 8.49 -31.92
N SER H 75 27.31 3.44 -28.74
CA SER H 75 27.34 3.61 -27.29
C SER H 75 26.96 2.31 -26.58
N ARG H 76 25.68 2.19 -26.21
CA ARG H 76 25.22 0.99 -25.53
C ARG H 76 25.13 -0.18 -26.48
N GLU H 77 24.75 0.07 -27.73
CA GLU H 77 24.54 -1.01 -28.69
C GLU H 77 25.84 -1.75 -29.01
N ASP H 78 26.90 -1.00 -29.32
CA ASP H 78 28.17 -1.64 -29.65
C ASP H 78 28.81 -2.27 -28.43
N THR H 79 28.61 -1.68 -27.25
CA THR H 79 29.12 -2.30 -26.02
C THR H 79 28.42 -3.63 -25.75
N CYS H 80 27.11 -3.69 -25.99
CA CYS H 80 26.39 -4.95 -25.86
C CYS H 80 26.86 -5.96 -26.90
N TYR H 81 27.12 -5.50 -28.13
CA TYR H 81 27.70 -6.36 -29.15
C TYR H 81 29.00 -6.98 -28.67
N LEU H 82 29.87 -6.16 -28.09
CA LEU H 82 31.17 -6.65 -27.60
C LEU H 82 30.98 -7.62 -26.44
N GLN H 83 30.05 -7.31 -25.54
CA GLN H 83 29.80 -8.18 -24.40
C GLN H 83 29.33 -9.55 -24.86
N THR H 84 28.47 -9.59 -25.88
CA THR H 84 28.05 -10.88 -26.42
C THR H 84 29.19 -11.59 -27.14
N TYR H 85 29.99 -10.84 -27.91
CA TYR H 85 31.03 -11.47 -28.72
C TYR H 85 32.15 -12.06 -27.87
N ILE H 86 32.44 -11.43 -26.71
CA ILE H 86 33.55 -11.91 -25.89
C ILE H 86 33.30 -13.34 -25.43
N HIS H 87 32.05 -13.69 -25.14
CA HIS H 87 31.69 -15.04 -24.74
C HIS H 87 31.35 -15.95 -25.91
N SER H 88 31.49 -15.46 -27.15
CA SER H 88 31.11 -16.25 -28.32
C SER H 88 32.09 -17.40 -28.55
N MET H 89 31.60 -18.42 -29.26
CA MET H 89 32.41 -19.60 -29.53
C MET H 89 33.50 -19.33 -30.55
N GLY H 90 33.25 -18.45 -31.52
CA GLY H 90 34.27 -18.16 -32.53
C GLY H 90 35.51 -17.52 -31.93
N LEU H 91 35.32 -16.59 -30.99
CA LEU H 91 36.46 -16.00 -30.30
C LEU H 91 37.21 -17.05 -29.51
N LEU H 92 36.50 -17.99 -28.88
CA LEU H 92 37.18 -19.06 -28.16
C LEU H 92 37.99 -19.94 -29.12
N GLN H 93 37.46 -20.20 -30.31
CA GLN H 93 38.21 -20.96 -31.30
C GLN H 93 39.49 -20.23 -31.71
N LYS H 94 39.38 -18.92 -31.97
CA LYS H 94 40.55 -18.14 -32.35
C LYS H 94 41.59 -18.13 -31.22
N LEU H 95 41.14 -17.95 -29.98
CA LEU H 95 42.06 -17.91 -28.84
C LEU H 95 42.71 -19.28 -28.62
N ASP H 96 41.95 -20.36 -28.79
CA ASP H 96 42.51 -21.69 -28.65
C ASP H 96 43.56 -21.96 -29.73
N GLN H 97 43.32 -21.46 -30.95
CA GLN H 97 44.32 -21.61 -32.00
C GLN H 97 45.55 -20.75 -31.75
N GLN H 98 45.38 -19.59 -31.10
CA GLN H 98 46.48 -18.64 -31.02
C GLN H 98 47.34 -18.81 -29.76
N LEU H 99 46.73 -19.09 -28.60
CA LEU H 99 47.46 -19.24 -27.35
C LEU H 99 47.52 -20.66 -26.82
N LYS H 100 46.79 -21.61 -27.41
CA LYS H 100 46.69 -23.00 -26.93
C LYS H 100 46.19 -23.03 -25.48
N LEU H 101 44.94 -22.58 -25.31
CA LEU H 101 44.35 -22.53 -23.98
C LEU H 101 44.09 -23.92 -23.42
N ARG H 102 43.73 -24.88 -24.28
CA ARG H 102 43.36 -26.21 -23.80
C ARG H 102 44.54 -26.92 -23.17
N GLU H 103 45.74 -26.76 -23.74
CA GLU H 103 46.93 -27.38 -23.15
C GLU H 103 47.28 -26.74 -21.81
N HIS H 104 47.15 -25.42 -21.71
CA HIS H 104 47.58 -24.73 -20.50
C HIS H 104 46.61 -24.95 -19.34
N PHE H 105 45.30 -24.87 -19.62
CA PHE H 105 44.32 -24.96 -18.56
C PHE H 105 44.26 -26.33 -17.91
N GLY H 106 44.89 -27.34 -18.50
CA GLY H 106 45.01 -28.66 -17.90
C GLY H 106 46.35 -28.96 -17.26
N THR H 107 47.20 -27.95 -17.06
CA THR H 107 48.51 -28.20 -16.44
C THR H 107 48.47 -28.47 -14.94
N PRO H 108 47.54 -27.91 -14.11
CA PRO H 108 47.61 -28.22 -12.67
C PRO H 108 47.03 -29.60 -12.40
N LEU H 109 47.91 -30.56 -12.13
CA LEU H 109 47.46 -31.92 -11.84
C LEU H 109 46.93 -32.05 -10.43
N ARG H 110 47.36 -31.16 -9.52
CA ARG H 110 46.95 -31.28 -8.12
C ARG H 110 45.48 -30.90 -7.94
N ASP H 111 45.04 -29.82 -8.57
CA ASP H 111 43.68 -29.34 -8.39
C ASP H 111 42.71 -30.24 -9.15
N PRO H 112 41.78 -30.92 -8.48
CA PRO H 112 40.88 -31.85 -9.18
C PRO H 112 39.58 -31.23 -9.67
N LEU H 113 39.22 -30.04 -9.18
CA LEU H 113 37.95 -29.42 -9.54
C LEU H 113 38.07 -28.34 -10.61
N PHE H 114 39.28 -27.84 -10.85
CA PHE H 114 39.47 -26.67 -11.71
C PHE H 114 40.41 -26.94 -12.88
N ARG H 115 40.63 -28.20 -13.24
CA ARG H 115 41.46 -28.53 -14.38
C ARG H 115 40.58 -28.97 -15.54
N LEU H 116 41.05 -28.69 -16.75
CA LEU H 116 40.34 -29.08 -17.97
C LEU H 116 40.82 -30.48 -18.35
N TRP H 117 39.98 -31.48 -18.07
CA TRP H 117 40.34 -32.86 -18.36
C TRP H 117 40.51 -33.08 -19.86
N GLY H 118 41.54 -33.83 -20.22
CA GLY H 118 41.77 -34.11 -21.63
C GLY H 118 40.66 -34.95 -22.22
N GLY H 119 40.32 -34.67 -23.48
CA GLY H 119 39.25 -35.39 -24.15
C GLY H 119 37.86 -34.95 -23.78
N THR H 120 37.72 -33.82 -23.07
CA THR H 120 36.41 -33.34 -22.70
C THR H 120 35.66 -32.81 -23.91
N SER H 121 34.33 -32.72 -23.77
CA SER H 121 33.49 -32.24 -24.86
C SER H 121 33.75 -30.75 -25.12
N GLN H 122 33.52 -30.34 -26.37
CA GLN H 122 33.72 -28.95 -26.75
C GLN H 122 32.79 -28.01 -25.99
N GLU H 123 31.55 -28.45 -25.74
CA GLU H 123 30.61 -27.63 -25.00
C GLU H 123 31.10 -27.37 -23.58
N TRP H 124 31.72 -28.37 -22.96
CA TRP H 124 32.28 -28.17 -21.63
C TRP H 124 33.46 -27.19 -21.67
N PHE H 125 34.25 -27.23 -22.74
CA PHE H 125 35.34 -26.25 -22.88
C PHE H 125 34.78 -24.84 -23.02
N LEU H 126 33.71 -24.68 -23.80
CA LEU H 126 33.08 -23.37 -23.92
C LEU H 126 32.54 -22.89 -22.58
N GLU H 127 31.92 -23.81 -21.82
CA GLU H 127 31.43 -23.45 -20.49
C GLU H 127 32.57 -23.05 -19.57
N TYR H 128 33.70 -23.76 -19.64
CA TYR H 128 34.87 -23.43 -18.81
C TYR H 128 35.41 -22.05 -19.15
N TYR H 129 35.56 -21.76 -20.44
CA TYR H 129 36.06 -20.44 -20.83
C TYR H 129 35.08 -19.35 -20.43
N ARG H 130 33.78 -19.61 -20.55
CA ARG H 130 32.80 -18.63 -20.11
C ARG H 130 32.86 -18.41 -18.61
N SER H 131 33.18 -19.47 -17.85
CA SER H 131 33.30 -19.33 -16.41
C SER H 131 34.57 -18.61 -15.99
N ARG H 132 35.63 -18.68 -16.79
CA ARG H 132 36.88 -18.01 -16.42
C ARG H 132 36.83 -16.52 -16.74
N VAL H 133 36.69 -16.18 -18.02
CA VAL H 133 36.66 -14.78 -18.43
C VAL H 133 35.35 -14.16 -17.93
N GLU H 134 35.45 -13.27 -16.95
CA GLU H 134 34.28 -12.63 -16.36
C GLU H 134 34.14 -11.23 -16.93
N VAL H 135 32.96 -10.93 -17.48
CA VAL H 135 32.69 -9.65 -18.10
C VAL H 135 31.57 -8.97 -17.31
N LEU H 136 31.83 -7.75 -16.86
CA LEU H 136 30.86 -6.98 -16.10
C LEU H 136 30.58 -5.66 -16.81
N MET H 137 29.32 -5.23 -16.78
CA MET H 137 28.90 -4.01 -17.44
C MET H 137 28.40 -3.02 -16.39
N ASP H 138 28.86 -1.78 -16.49
CA ASP H 138 28.43 -0.73 -15.58
C ASP H 138 27.27 0.03 -16.21
N ASP H 139 26.21 0.27 -15.45
CA ASP H 139 25.00 0.87 -16.00
C ASP H 139 25.20 2.34 -16.30
N ILE H 140 25.81 3.09 -15.37
CA ILE H 140 25.87 4.53 -15.50
C ILE H 140 26.82 4.95 -16.60
N CYS H 141 28.01 4.34 -16.64
CA CYS H 141 29.08 4.81 -17.51
C CYS H 141 29.28 3.94 -18.75
N GLY H 142 28.72 2.73 -18.78
CA GLY H 142 28.88 1.84 -19.92
C GLY H 142 30.32 1.39 -20.14
N LEU H 143 30.99 0.97 -19.08
CA LEU H 143 32.37 0.52 -19.15
C LEU H 143 32.42 -1.00 -18.93
N LEU H 144 32.93 -1.71 -19.93
CA LEU H 144 33.16 -3.14 -19.77
C LEU H 144 34.36 -3.39 -18.87
N THR H 145 34.24 -4.38 -17.99
CA THR H 145 35.32 -4.81 -17.12
C THR H 145 35.55 -6.29 -17.37
N VAL H 146 36.77 -6.62 -17.81
CA VAL H 146 37.13 -8.00 -18.13
C VAL H 146 38.14 -8.48 -17.10
N ARG H 147 37.79 -9.55 -16.38
CA ARG H 147 38.67 -10.18 -15.41
C ARG H 147 38.96 -11.59 -15.91
N VAL H 148 40.21 -11.83 -16.31
CA VAL H 148 40.62 -13.09 -16.90
C VAL H 148 41.46 -13.85 -15.89
N GLN H 149 41.12 -15.13 -15.66
CA GLN H 149 41.80 -15.95 -14.68
C GLN H 149 42.73 -16.92 -15.40
N GLY H 150 44.01 -16.91 -15.01
CA GLY H 150 44.96 -17.85 -15.54
C GLY H 150 45.76 -18.49 -14.41
N PHE H 151 46.34 -19.65 -14.71
CA PHE H 151 47.13 -20.36 -13.73
C PHE H 151 48.58 -19.89 -13.68
N GLU H 152 48.94 -18.95 -14.53
CA GLU H 152 50.27 -18.35 -14.55
C GLU H 152 50.10 -16.86 -14.73
N PRO H 153 50.88 -16.03 -14.01
CA PRO H 153 50.61 -14.58 -14.04
C PRO H 153 50.79 -13.95 -15.41
N GLU H 154 51.75 -14.43 -16.20
CA GLU H 154 51.93 -13.87 -17.54
C GLU H 154 50.83 -14.33 -18.47
N PHE H 155 50.33 -15.55 -18.27
CA PHE H 155 49.30 -16.09 -19.15
C PHE H 155 48.00 -15.30 -19.05
N ALA H 156 47.63 -14.88 -17.85
CA ALA H 156 46.39 -14.12 -17.67
C ALA H 156 46.46 -12.79 -18.41
N GLN H 157 47.59 -12.08 -18.28
CA GLN H 157 47.74 -10.82 -19.00
C GLN H 157 47.79 -11.03 -20.50
N ALA H 158 48.43 -12.11 -20.95
CA ALA H 158 48.47 -12.40 -22.38
C ALA H 158 47.08 -12.68 -22.92
N LEU H 159 46.28 -13.44 -22.18
CA LEU H 159 44.91 -13.73 -22.59
C LEU H 159 44.06 -12.46 -22.62
N ASN H 160 44.24 -11.59 -21.63
CA ASN H 160 43.52 -10.32 -21.62
C ASN H 160 43.88 -9.46 -22.81
N ARG H 161 45.19 -9.38 -23.13
CA ARG H 161 45.62 -8.61 -24.28
C ARG H 161 45.06 -9.17 -25.58
N ALA H 162 45.08 -10.50 -25.72
CA ALA H 162 44.53 -11.12 -26.93
C ALA H 162 43.03 -10.84 -27.05
N ILE H 163 42.30 -10.92 -25.94
CA ILE H 163 40.87 -10.65 -25.97
C ILE H 163 40.60 -9.21 -26.39
N LEU H 164 41.36 -8.27 -25.82
CA LEU H 164 41.14 -6.86 -26.16
C LEU H 164 41.46 -6.59 -27.63
N GLU H 165 42.58 -7.13 -28.12
CA GLU H 165 42.96 -6.90 -29.51
C GLU H 165 41.94 -7.51 -30.47
N GLU H 166 41.49 -8.74 -30.19
CA GLU H 166 40.55 -9.39 -31.09
C GLU H 166 39.18 -8.71 -31.04
N SER H 167 38.78 -8.22 -29.87
CA SER H 167 37.54 -7.47 -29.78
C SER H 167 37.61 -6.18 -30.59
N GLU H 168 38.74 -5.47 -30.51
CA GLU H 168 38.92 -4.26 -31.31
C GLU H 168 38.87 -4.58 -32.81
N ARG H 169 39.52 -5.67 -33.21
CA ARG H 169 39.50 -6.07 -34.62
C ARG H 169 38.09 -6.42 -35.07
N PHE H 170 37.33 -7.12 -34.23
CA PHE H 170 35.96 -7.47 -34.58
C PHE H 170 35.09 -6.23 -34.73
N VAL H 171 35.25 -5.26 -33.82
CA VAL H 171 34.46 -4.03 -33.90
C VAL H 171 34.80 -3.29 -35.19
N ASN H 172 36.09 -3.22 -35.53
CA ASN H 172 36.49 -2.55 -36.79
C ASN H 172 35.90 -3.31 -37.99
N GLU H 173 36.23 -4.61 -38.11
CA GLU H 173 35.76 -5.41 -39.27
C GLU H 173 34.24 -5.39 -39.37
N LEU H 174 33.55 -5.64 -38.24
CA LEU H 174 32.06 -5.65 -38.25
C LEU H 174 31.56 -4.33 -38.84
N SER H 175 31.93 -3.21 -38.21
CA SER H 175 31.45 -1.88 -38.68
C SER H 175 31.88 -1.66 -40.14
N HIS H 176 33.16 -1.92 -40.45
CA HIS H 176 33.69 -1.69 -41.82
C HIS H 176 32.93 -2.58 -42.80
N ARG H 177 32.68 -3.84 -42.41
CA ARG H 177 31.97 -4.80 -43.30
C ARG H 177 30.55 -4.30 -43.57
N MET H 178 29.87 -3.77 -42.55
CA MET H 178 28.45 -3.36 -42.72
C MET H 178 28.37 -1.98 -43.40
N LYS H 325 34.33 3.58 -35.59
CA LYS H 325 34.33 2.74 -34.41
C LYS H 325 35.75 2.40 -33.98
N SER H 326 36.01 2.49 -32.68
CA SER H 326 37.30 2.15 -32.12
C SER H 326 37.10 1.71 -30.68
N LEU H 327 38.12 1.06 -30.13
CA LEU H 327 38.09 0.56 -28.76
C LEU H 327 38.90 1.50 -27.88
N VAL H 328 38.27 2.00 -26.81
CA VAL H 328 38.90 2.91 -25.88
C VAL H 328 39.23 2.11 -24.61
N VAL H 329 40.52 1.97 -24.32
CA VAL H 329 40.98 1.17 -23.19
C VAL H 329 41.22 2.14 -22.03
N VAL H 330 40.29 2.16 -21.08
CA VAL H 330 40.43 3.05 -19.93
C VAL H 330 41.57 2.57 -19.03
N GLU H 331 41.59 1.27 -18.72
CA GLU H 331 42.64 0.70 -17.89
C GLU H 331 43.18 -0.54 -18.59
N PRO H 332 44.46 -0.54 -18.97
CA PRO H 332 45.01 -1.67 -19.74
C PRO H 332 45.19 -2.90 -18.87
N PRO H 333 45.41 -4.07 -19.47
CA PRO H 333 45.63 -5.27 -18.65
C PRO H 333 46.84 -5.13 -17.75
N VAL H 334 46.70 -5.65 -16.53
CA VAL H 334 47.74 -5.53 -15.52
C VAL H 334 48.32 -6.91 -15.23
N LEU H 335 49.55 -6.92 -14.74
CA LEU H 335 50.22 -8.17 -14.42
C LEU H 335 50.05 -8.44 -12.93
N PRO H 336 49.32 -9.49 -12.55
CA PRO H 336 49.10 -9.75 -11.12
C PRO H 336 50.37 -10.23 -10.43
N GLU H 337 50.35 -10.13 -9.11
CA GLU H 337 51.48 -10.56 -8.28
C GLU H 337 51.13 -11.68 -7.32
N ILE H 338 49.91 -11.68 -6.77
CA ILE H 338 49.47 -12.73 -5.88
C ILE H 338 48.12 -13.26 -6.36
N ALA H 339 47.76 -14.44 -5.84
CA ALA H 339 46.55 -15.13 -6.27
C ALA H 339 45.34 -14.50 -5.58
N GLU H 340 44.59 -13.70 -6.34
CA GLU H 340 43.33 -13.18 -5.84
C GLU H 340 42.31 -14.29 -5.63
N TYR H 341 42.47 -15.41 -6.32
CA TYR H 341 41.62 -16.58 -6.20
C TYR H 341 42.50 -17.82 -6.04
N PRO H 342 42.02 -18.84 -5.31
CA PRO H 342 40.78 -18.87 -4.54
C PRO H 342 40.98 -18.25 -3.16
N ARG H 343 39.88 -17.84 -2.52
CA ARG H 343 39.93 -17.29 -1.18
C ARG H 343 39.81 -18.44 -0.18
N ARG H 344 40.91 -18.76 0.48
CA ARG H 344 40.93 -19.94 1.35
C ARG H 344 40.19 -19.66 2.66
N TRP H 345 40.67 -18.69 3.44
CA TRP H 345 40.09 -18.43 4.75
C TRP H 345 38.68 -17.84 4.63
N TYR H 346 38.45 -17.02 3.62
CA TYR H 346 37.12 -16.46 3.39
C TYR H 346 36.10 -17.57 3.16
N ASN H 347 36.39 -18.47 2.22
CA ASN H 347 35.48 -19.56 1.93
C ASN H 347 35.33 -20.50 3.12
N LEU H 348 36.43 -20.76 3.83
CA LEU H 348 36.37 -21.62 5.01
C LEU H 348 35.43 -21.03 6.06
N ALA H 349 35.56 -19.73 6.32
CA ALA H 349 34.72 -19.10 7.33
C ALA H 349 33.25 -19.07 6.92
N THR H 350 32.97 -18.71 5.66
CA THR H 350 31.57 -18.62 5.27
C THR H 350 30.92 -20.00 5.19
N LEU H 351 31.65 -21.02 4.76
CA LEU H 351 31.09 -22.35 4.71
C LEU H 351 30.96 -22.94 6.12
N LEU H 352 31.83 -22.53 7.05
CA LEU H 352 31.66 -22.90 8.45
C LEU H 352 30.37 -22.29 9.00
N VAL H 353 30.12 -21.02 8.69
CA VAL H 353 28.89 -20.37 9.16
C VAL H 353 27.67 -21.09 8.60
N VAL H 354 27.72 -21.42 7.31
CA VAL H 354 26.61 -22.15 6.68
C VAL H 354 26.43 -23.51 7.33
N CYS H 355 27.54 -24.19 7.65
CA CYS H 355 27.45 -25.53 8.21
C CYS H 355 26.83 -25.51 9.61
N CYS H 356 27.22 -24.55 10.45
CA CYS H 356 26.54 -24.47 11.75
C CYS H 356 25.09 -24.05 11.62
N LEU H 357 24.74 -23.19 10.66
CA LEU H 357 23.34 -22.85 10.47
C LEU H 357 22.53 -24.08 10.09
N ILE H 358 23.05 -24.88 9.16
CA ILE H 358 22.36 -26.10 8.75
C ILE H 358 22.31 -27.11 9.89
N TYR H 359 23.38 -27.17 10.70
CA TYR H 359 23.40 -28.05 11.86
C TYR H 359 22.29 -27.68 12.84
N GLY H 360 22.15 -26.38 13.12
CA GLY H 360 21.10 -25.94 14.02
C GLY H 360 19.71 -26.25 13.49
N VAL H 361 19.49 -25.99 12.19
CA VAL H 361 18.18 -26.26 11.59
C VAL H 361 17.86 -27.74 11.64
N VAL H 362 18.83 -28.59 11.26
CA VAL H 362 18.61 -30.03 11.22
C VAL H 362 18.40 -30.57 12.63
N SER H 363 19.14 -30.06 13.61
CA SER H 363 18.96 -30.49 15.00
C SER H 363 17.58 -30.11 15.51
N LEU H 364 17.11 -28.90 15.19
CA LEU H 364 15.77 -28.50 15.61
C LEU H 364 14.71 -29.39 14.98
N VAL H 365 14.85 -29.68 13.69
CA VAL H 365 13.90 -30.55 13.00
C VAL H 365 13.92 -31.95 13.61
N VAL H 366 15.12 -32.48 13.88
CA VAL H 366 15.26 -33.83 14.42
C VAL H 366 14.65 -33.92 15.81
N ALA H 367 14.85 -32.88 16.64
CA ALA H 367 14.21 -32.84 17.94
C ALA H 367 12.69 -32.82 17.80
N THR H 368 12.18 -32.08 16.82
CA THR H 368 10.74 -32.03 16.60
C THR H 368 10.18 -33.41 16.23
N ILE H 369 10.84 -34.12 15.31
CA ILE H 369 10.37 -35.46 14.95
C ILE H 369 10.50 -36.42 16.13
N ARG H 370 11.61 -36.35 16.86
CA ARG H 370 11.83 -37.28 17.97
C ARG H 370 10.91 -37.01 19.15
N ASP H 371 10.36 -35.80 19.26
CA ASP H 371 9.41 -35.54 20.34
C ASP H 371 7.96 -35.77 19.92
N HIS H 372 7.58 -35.39 18.70
CA HIS H 372 6.17 -35.56 18.33
C HIS H 372 5.82 -37.00 17.99
N GLN H 373 6.81 -37.88 17.88
CA GLN H 373 6.56 -39.29 17.58
C GLN H 373 5.83 -39.97 18.73
N ALA I 14 29.43 -12.22 37.26
CA ALA I 14 29.60 -11.25 38.34
C ALA I 14 29.82 -9.85 37.78
N LYS I 15 30.66 -9.07 38.47
CA LYS I 15 31.01 -7.72 38.03
C LYS I 15 32.36 -7.67 37.33
N ARG I 16 32.94 -8.82 37.00
CA ARG I 16 34.20 -8.83 36.26
C ARG I 16 33.99 -8.41 34.81
N LEU I 17 32.78 -8.59 34.28
CA LEU I 17 32.48 -8.12 32.93
C LEU I 17 32.46 -6.60 32.83
N GLN I 18 32.27 -5.92 33.97
CA GLN I 18 32.44 -4.46 33.98
C GLN I 18 33.87 -4.06 33.67
N TRP I 19 34.83 -4.96 33.93
CA TRP I 19 36.23 -4.72 33.60
C TRP I 19 36.52 -5.09 32.15
N ALA I 20 36.33 -6.37 31.80
CA ALA I 20 36.81 -6.88 30.52
C ALA I 20 36.11 -6.22 29.34
N LEU I 21 34.81 -5.95 29.46
CA LEU I 21 34.08 -5.38 28.33
C LEU I 21 34.25 -3.87 28.26
N VAL I 22 34.15 -3.18 29.40
CA VAL I 22 34.05 -1.73 29.41
C VAL I 22 35.42 -1.06 29.50
N TYR I 23 36.29 -1.52 30.40
CA TYR I 23 37.53 -0.79 30.66
C TYR I 23 38.63 -1.11 29.66
N LEU I 24 39.10 -2.36 29.60
CA LEU I 24 40.25 -2.70 28.77
C LEU I 24 40.14 -2.27 27.31
N PRO I 25 39.01 -2.43 26.60
CA PRO I 25 38.92 -1.82 25.26
C PRO I 25 39.08 -0.31 25.28
N MET I 26 38.58 0.36 26.32
CA MET I 26 38.75 1.82 26.39
C MET I 26 40.20 2.21 26.58
N LEU I 27 40.92 1.53 27.50
CA LEU I 27 42.34 1.82 27.67
C LEU I 27 43.13 1.50 26.42
N VAL I 28 42.80 0.39 25.73
CA VAL I 28 43.52 0.05 24.50
C VAL I 28 43.29 1.13 23.44
N ALA I 29 42.04 1.54 23.27
CA ALA I 29 41.73 2.56 22.26
C ALA I 29 42.39 3.89 22.59
N THR I 30 42.36 4.30 23.85
CA THR I 30 42.98 5.57 24.23
C THR I 30 44.50 5.51 24.05
N VAL I 31 45.12 4.39 24.44
CA VAL I 31 46.56 4.24 24.30
C VAL I 31 46.97 4.31 22.83
N TYR I 32 46.22 3.63 21.96
CA TYR I 32 46.58 3.63 20.55
C TYR I 32 46.31 5.00 19.92
N PHE I 33 45.21 5.65 20.27
CA PHE I 33 44.81 6.88 19.59
C PHE I 33 45.62 8.08 20.06
N LEU I 34 45.97 8.15 21.35
CA LEU I 34 46.60 9.34 21.89
C LEU I 34 48.13 9.27 21.90
N VAL I 35 48.72 8.10 21.68
CA VAL I 35 50.17 7.93 21.78
C VAL I 35 50.76 7.35 20.49
N PHE I 36 50.19 6.25 19.99
CA PHE I 36 50.75 5.57 18.84
C PHE I 36 50.18 6.03 17.51
N SER I 37 49.01 6.67 17.50
CA SER I 37 48.37 7.04 16.25
C SER I 37 49.18 8.10 15.51
N ALA I 38 49.16 8.02 14.19
CA ALA I 38 49.87 8.95 13.33
C ALA I 38 48.88 9.85 12.62
N ASP I 39 49.14 11.15 12.68
CA ASP I 39 48.26 12.13 12.04
C ASP I 39 48.30 11.99 10.53
N ARG I 40 47.17 12.31 9.90
CA ARG I 40 47.01 12.17 8.45
C ARG I 40 46.34 13.41 7.90
N TYR I 41 47.13 14.32 7.33
CA TYR I 41 46.59 15.53 6.74
C TYR I 41 45.85 15.21 5.45
N VAL I 42 44.87 16.05 5.12
CA VAL I 42 43.98 15.83 3.99
C VAL I 42 44.00 17.07 3.11
N SER I 43 44.21 16.87 1.81
CA SER I 43 44.14 17.94 0.83
C SER I 43 42.96 17.68 -0.10
N GLU I 44 42.15 18.70 -0.34
CA GLU I 44 40.89 18.55 -1.06
C GLU I 44 40.93 19.36 -2.36
N SER I 45 40.29 18.83 -3.39
CA SER I 45 40.18 19.52 -4.66
C SER I 45 38.85 19.17 -5.32
N VAL I 46 38.38 20.07 -6.18
CA VAL I 46 37.15 19.86 -6.93
C VAL I 46 37.43 20.16 -8.40
N ILE I 47 37.06 19.23 -9.28
CA ILE I 47 37.33 19.33 -10.70
C ILE I 47 36.10 18.89 -11.49
N THR I 48 36.17 19.08 -12.80
CA THR I 48 35.20 18.58 -13.77
C THR I 48 35.82 18.77 -15.16
N VAL I 49 35.16 18.20 -16.16
CA VAL I 49 35.64 18.26 -17.54
C VAL I 49 34.62 19.03 -18.37
N ARG I 50 35.10 20.03 -19.10
CA ARG I 50 34.24 20.87 -19.93
C ARG I 50 34.80 20.90 -21.35
N GLN I 51 33.92 20.68 -22.33
CA GLN I 51 34.33 20.68 -23.73
C GLN I 51 34.74 22.08 -24.17
N THR I 52 35.85 22.16 -24.91
CA THR I 52 36.35 23.43 -25.42
C THR I 52 35.39 24.05 -26.43
N ALA I 74 29.53 13.39 -24.02
CA ALA I 74 29.23 14.53 -23.15
C ALA I 74 30.22 14.61 -22.00
N SER I 75 29.99 15.56 -21.10
CA SER I 75 30.88 15.72 -19.95
C SER I 75 30.70 14.60 -18.93
N ARG I 76 29.51 14.03 -18.84
CA ARG I 76 29.26 12.97 -17.88
C ARG I 76 30.09 11.72 -18.20
N GLU I 77 30.20 11.39 -19.48
CA GLU I 77 31.01 10.24 -19.88
C GLU I 77 32.48 10.46 -19.53
N ASP I 78 33.00 11.65 -19.79
CA ASP I 78 34.39 11.94 -19.45
C ASP I 78 34.60 11.91 -17.94
N THR I 79 33.62 12.38 -17.18
CA THR I 79 33.72 12.34 -15.72
C THR I 79 33.70 10.90 -15.22
N CYS I 80 32.89 10.03 -15.86
CA CYS I 80 32.89 8.61 -15.51
C CYS I 80 34.25 7.99 -15.80
N TYR I 81 34.83 8.31 -16.96
CA TYR I 81 36.17 7.82 -17.29
C TYR I 81 37.19 8.28 -16.26
N LEU I 82 37.09 9.55 -15.83
CA LEU I 82 38.00 10.05 -14.82
C LEU I 82 37.82 9.33 -13.50
N GLN I 83 36.58 9.11 -13.08
CA GLN I 83 36.31 8.44 -11.81
C GLN I 83 36.84 7.02 -11.82
N THR I 84 36.80 6.34 -12.97
CA THR I 84 37.38 5.01 -13.04
C THR I 84 38.91 5.08 -13.08
N TYR I 85 39.46 6.03 -13.83
CA TYR I 85 40.90 6.08 -14.07
C TYR I 85 41.67 6.50 -12.83
N ILE I 86 41.10 7.35 -11.98
CA ILE I 86 41.81 7.82 -10.79
C ILE I 86 42.12 6.64 -9.86
N HIS I 87 41.17 5.73 -9.74
CA HIS I 87 41.34 4.54 -8.90
C HIS I 87 41.98 3.38 -9.63
N SER I 88 42.52 3.61 -10.83
CA SER I 88 43.05 2.54 -11.65
C SER I 88 44.45 2.14 -11.17
N MET I 89 45.15 1.34 -11.97
CA MET I 89 46.48 0.85 -11.63
C MET I 89 47.59 1.54 -12.39
N GLY I 90 47.38 1.82 -13.68
CA GLY I 90 48.41 2.52 -14.45
C GLY I 90 48.73 3.89 -13.86
N LEU I 91 47.70 4.61 -13.42
CA LEU I 91 47.93 5.88 -12.74
C LEU I 91 48.70 5.67 -11.45
N LEU I 92 48.39 4.60 -10.71
CA LEU I 92 49.14 4.30 -9.50
C LEU I 92 50.59 3.99 -9.82
N GLN I 93 50.84 3.29 -10.93
CA GLN I 93 52.21 3.03 -11.33
C GLN I 93 52.95 4.31 -11.68
N LYS I 94 52.28 5.23 -12.38
CA LYS I 94 52.90 6.52 -12.69
C LYS I 94 53.22 7.30 -11.42
N LEU I 95 52.30 7.30 -10.45
CA LEU I 95 52.53 8.01 -9.20
C LEU I 95 53.67 7.36 -8.42
N ASP I 96 53.76 6.04 -8.42
CA ASP I 96 54.84 5.36 -7.72
C ASP I 96 56.18 5.68 -8.38
N GLN I 97 56.21 5.74 -9.72
CA GLN I 97 57.44 6.09 -10.41
C GLN I 97 57.85 7.53 -10.13
N GLN I 98 56.88 8.44 -10.07
CA GLN I 98 57.21 9.85 -9.91
C GLN I 98 57.50 10.23 -8.46
N LEU I 99 56.51 10.11 -7.59
CA LEU I 99 56.61 10.63 -6.23
C LEU I 99 57.06 9.59 -5.21
N LYS I 100 57.20 8.32 -5.60
CA LYS I 100 57.70 7.26 -4.74
C LYS I 100 56.83 7.09 -3.49
N LEU I 101 55.57 6.70 -3.73
CA LEU I 101 54.64 6.50 -2.63
C LEU I 101 54.89 5.21 -1.87
N ARG I 102 55.65 4.28 -2.45
CA ARG I 102 55.82 2.96 -1.84
C ARG I 102 56.55 3.05 -0.50
N GLU I 103 57.59 3.88 -0.43
CA GLU I 103 58.37 3.98 0.80
C GLU I 103 57.91 5.10 1.72
N HIS I 104 57.19 6.10 1.20
CA HIS I 104 56.72 7.19 2.06
C HIS I 104 55.55 6.74 2.92
N PHE I 105 54.62 5.97 2.35
CA PHE I 105 53.46 5.52 3.11
C PHE I 105 53.84 4.56 4.23
N GLY I 106 55.01 3.95 4.16
CA GLY I 106 55.52 3.12 5.22
C GLY I 106 56.47 3.81 6.18
N THR I 107 56.62 5.13 6.06
CA THR I 107 57.51 5.87 6.96
C THR I 107 57.08 5.83 8.42
N PRO I 108 55.81 6.11 8.79
CA PRO I 108 55.48 6.13 10.22
C PRO I 108 55.48 4.75 10.85
N LEU I 109 56.51 4.45 11.63
CA LEU I 109 56.62 3.16 12.30
C LEU I 109 55.78 3.07 13.57
N ARG I 110 55.28 4.20 14.07
CA ARG I 110 54.49 4.20 15.30
C ARG I 110 53.05 3.79 15.08
N ASP I 111 52.56 3.77 13.84
CA ASP I 111 51.17 3.44 13.54
C ASP I 111 51.11 2.10 12.84
N PRO I 112 50.78 1.01 13.55
CA PRO I 112 50.79 -0.32 12.91
C PRO I 112 49.56 -0.61 12.06
N LEU I 113 48.55 0.25 12.08
CA LEU I 113 47.33 0.01 11.32
C LEU I 113 47.27 0.74 9.99
N PHE I 114 47.81 1.96 9.92
CA PHE I 114 47.70 2.80 8.74
C PHE I 114 49.05 3.07 8.10
N ARG I 115 49.89 2.04 8.02
CA ARG I 115 51.18 2.15 7.37
C ARG I 115 51.30 1.09 6.28
N LEU I 116 52.06 1.41 5.24
CA LEU I 116 52.28 0.50 4.12
C LEU I 116 53.49 -0.35 4.44
N TRP I 117 53.24 -1.59 4.87
CA TRP I 117 54.32 -2.49 5.27
C TRP I 117 55.20 -2.83 4.08
N GLY I 118 56.50 -2.95 4.33
CA GLY I 118 57.42 -3.36 3.28
C GLY I 118 57.23 -4.82 2.91
N GLY I 119 57.41 -5.10 1.63
CA GLY I 119 57.24 -6.46 1.14
C GLY I 119 55.82 -6.90 0.93
N THR I 120 54.86 -5.98 0.99
CA THR I 120 53.47 -6.34 0.73
C THR I 120 53.24 -6.55 -0.76
N SER I 121 52.19 -7.33 -1.06
CA SER I 121 51.86 -7.64 -2.44
C SER I 121 51.39 -6.39 -3.18
N GLN I 122 51.46 -6.46 -4.51
CA GLN I 122 51.05 -5.32 -5.34
C GLN I 122 49.57 -5.02 -5.18
N GLU I 123 48.74 -6.07 -5.11
CA GLU I 123 47.29 -5.86 -4.99
C GLU I 123 46.94 -5.17 -3.67
N TRP I 124 47.62 -5.55 -2.59
CA TRP I 124 47.38 -4.89 -1.32
C TRP I 124 47.79 -3.42 -1.37
N PHE I 125 48.87 -3.11 -2.09
CA PHE I 125 49.28 -1.72 -2.26
C PHE I 125 48.23 -0.95 -3.05
N LEU I 126 47.67 -1.56 -4.09
CA LEU I 126 46.60 -0.90 -4.85
C LEU I 126 45.39 -0.65 -3.97
N GLU I 127 45.03 -1.63 -3.13
CA GLU I 127 43.92 -1.44 -2.20
C GLU I 127 44.20 -0.33 -1.21
N TYR I 128 45.44 -0.25 -0.73
CA TYR I 128 45.82 0.83 0.19
C TYR I 128 45.68 2.19 -0.48
N TYR I 129 46.18 2.31 -1.72
CA TYR I 129 46.07 3.58 -2.43
C TYR I 129 44.61 3.95 -2.68
N ARG I 130 43.78 2.95 -3.00
CA ARG I 130 42.35 3.21 -3.19
C ARG I 130 41.69 3.63 -1.88
N SER I 131 42.16 3.09 -0.75
CA SER I 131 41.63 3.48 0.54
C SER I 131 42.14 4.84 0.99
N ARG I 132 43.21 5.35 0.38
CA ARG I 132 43.69 6.68 0.73
C ARG I 132 43.01 7.76 -0.11
N VAL I 133 43.17 7.69 -1.43
CA VAL I 133 42.54 8.68 -2.30
C VAL I 133 41.04 8.40 -2.35
N GLU I 134 40.24 9.37 -1.92
CA GLU I 134 38.79 9.25 -1.94
C GLU I 134 38.23 10.14 -3.03
N VAL I 135 37.34 9.59 -3.85
CA VAL I 135 36.74 10.30 -4.97
C VAL I 135 35.23 10.26 -4.81
N LEU I 136 34.61 11.44 -4.83
CA LEU I 136 33.16 11.58 -4.76
C LEU I 136 32.65 12.27 -6.01
N MET I 137 31.45 11.90 -6.44
CA MET I 137 30.82 12.49 -7.62
C MET I 137 29.48 13.11 -7.23
N ASP I 138 29.26 14.34 -7.66
CA ASP I 138 27.96 15.00 -7.52
C ASP I 138 27.35 15.07 -8.92
N ASP I 139 26.34 14.24 -9.17
CA ASP I 139 25.74 14.15 -10.49
C ASP I 139 24.76 15.27 -10.79
N ILE I 140 24.32 16.01 -9.77
CA ILE I 140 23.51 17.19 -10.02
C ILE I 140 24.33 18.24 -10.76
N CYS I 141 25.62 18.32 -10.45
CA CYS I 141 26.53 19.20 -11.15
C CYS I 141 27.58 18.47 -11.97
N GLY I 142 27.75 17.17 -11.76
CA GLY I 142 28.84 16.45 -12.37
C GLY I 142 30.20 16.90 -11.87
N LEU I 143 30.31 17.15 -10.57
CA LEU I 143 31.53 17.67 -9.96
C LEU I 143 32.25 16.56 -9.22
N LEU I 144 33.56 16.44 -9.46
CA LEU I 144 34.39 15.45 -8.80
C LEU I 144 35.09 16.10 -7.61
N THR I 145 35.01 15.45 -6.45
CA THR I 145 35.73 15.86 -5.26
C THR I 145 36.79 14.83 -4.95
N VAL I 146 38.05 15.25 -4.94
CA VAL I 146 39.19 14.38 -4.67
C VAL I 146 39.76 14.78 -3.32
N ARG I 147 39.73 13.86 -2.37
CA ARG I 147 40.31 14.06 -1.04
C ARG I 147 41.49 13.11 -0.92
N VAL I 148 42.70 13.67 -0.88
CA VAL I 148 43.93 12.91 -0.88
C VAL I 148 44.56 13.02 0.50
N GLN I 149 44.87 11.88 1.11
CA GLN I 149 45.45 11.84 2.44
C GLN I 149 46.96 11.63 2.35
N GLY I 150 47.69 12.32 3.22
CA GLY I 150 49.12 12.16 3.28
C GLY I 150 49.64 12.46 4.66
N PHE I 151 50.78 11.87 5.00
CA PHE I 151 51.36 12.08 6.32
C PHE I 151 52.11 13.40 6.44
N GLU I 152 52.39 14.07 5.32
CA GLU I 152 52.97 15.40 5.32
C GLU I 152 52.11 16.28 4.42
N PRO I 153 51.68 17.45 4.89
CA PRO I 153 50.73 18.26 4.09
C PRO I 153 51.27 18.69 2.75
N GLU I 154 52.57 19.03 2.67
CA GLU I 154 53.16 19.37 1.38
C GLU I 154 53.14 18.17 0.44
N PHE I 155 53.43 16.98 0.97
CA PHE I 155 53.36 15.77 0.16
C PHE I 155 51.94 15.51 -0.34
N ALA I 156 50.94 15.73 0.52
CA ALA I 156 49.55 15.52 0.12
C ALA I 156 49.14 16.50 -0.98
N GLN I 157 49.53 17.76 -0.84
CA GLN I 157 49.24 18.73 -1.89
C GLN I 157 49.93 18.37 -3.20
N ALA I 158 51.19 17.92 -3.12
CA ALA I 158 51.90 17.50 -4.32
C ALA I 158 51.22 16.31 -4.98
N LEU I 159 50.76 15.34 -4.17
CA LEU I 159 50.07 14.18 -4.72
C LEU I 159 48.77 14.59 -5.39
N ASN I 160 48.01 15.50 -4.79
CA ASN I 160 46.77 15.96 -5.41
C ASN I 160 47.04 16.67 -6.72
N ARG I 161 48.07 17.53 -6.76
CA ARG I 161 48.39 18.23 -8.00
C ARG I 161 48.85 17.26 -9.08
N ALA I 162 49.63 16.25 -8.70
CA ALA I 162 50.06 15.24 -9.66
C ALA I 162 48.87 14.45 -10.21
N ILE I 163 47.92 14.11 -9.34
CA ILE I 163 46.73 13.39 -9.78
C ILE I 163 45.94 14.23 -10.77
N LEU I 164 45.76 15.52 -10.46
CA LEU I 164 45.00 16.40 -11.36
C LEU I 164 45.70 16.54 -12.71
N GLU I 165 47.02 16.75 -12.71
CA GLU I 165 47.74 16.92 -13.95
C GLU I 165 47.72 15.65 -14.80
N GLU I 166 47.91 14.49 -14.16
CA GLU I 166 47.89 13.24 -14.90
C GLU I 166 46.50 12.92 -15.44
N SER I 167 45.46 13.27 -14.68
CA SER I 167 44.10 13.07 -15.17
C SER I 167 43.82 13.93 -16.40
N GLU I 168 44.24 15.20 -16.35
CA GLU I 168 44.06 16.07 -17.51
C GLU I 168 44.82 15.53 -18.72
N ARG I 169 46.06 15.08 -18.49
CA ARG I 169 46.86 14.53 -19.58
C ARG I 169 46.21 13.28 -20.17
N PHE I 170 45.68 12.41 -19.31
CA PHE I 170 45.02 11.20 -19.80
C PHE I 170 43.79 11.53 -20.62
N VAL I 171 42.96 12.47 -20.16
CA VAL I 171 41.76 12.83 -20.91
C VAL I 171 42.12 13.42 -22.26
N ASN I 172 43.10 14.34 -22.28
CA ASN I 172 43.51 14.95 -23.53
C ASN I 172 44.09 13.91 -24.50
N GLU I 173 44.90 12.98 -23.99
CA GLU I 173 45.47 11.94 -24.85
C GLU I 173 44.39 11.00 -25.37
N LEU I 174 43.40 10.68 -24.54
CA LEU I 174 42.31 9.82 -24.99
C LEU I 174 41.50 10.49 -26.09
N SER I 175 41.25 11.79 -25.95
CA SER I 175 40.56 12.52 -27.01
C SER I 175 41.41 12.60 -28.27
N HIS I 176 42.72 12.77 -28.11
CA HIS I 176 43.62 12.88 -29.26
C HIS I 176 43.78 11.55 -29.99
N ARG I 177 43.62 10.43 -29.28
CA ARG I 177 43.87 9.12 -29.89
C ARG I 177 42.93 8.85 -31.04
N MET I 178 41.66 9.22 -30.90
CA MET I 178 40.68 9.03 -31.97
C MET I 178 40.95 9.99 -33.12
N LYS I 323 44.49 20.30 -28.53
CA LYS I 323 44.07 19.99 -27.17
C LYS I 323 42.74 19.20 -27.14
N LEU I 324 41.69 19.76 -27.72
CA LEU I 324 40.39 19.15 -27.95
C LEU I 324 39.61 18.85 -26.66
N LYS I 325 40.23 19.01 -25.49
CA LYS I 325 39.65 18.71 -24.20
C LYS I 325 40.37 19.53 -23.15
N SER I 326 39.74 19.66 -21.98
CA SER I 326 40.34 20.39 -20.87
C SER I 326 39.74 19.90 -19.56
N LEU I 327 40.47 20.14 -18.48
CA LEU I 327 40.06 19.78 -17.13
C LEU I 327 39.98 21.07 -16.31
N VAL I 328 38.79 21.66 -16.27
CA VAL I 328 38.61 22.89 -15.51
C VAL I 328 38.50 22.57 -14.03
N VAL I 329 39.09 23.42 -13.20
CA VAL I 329 39.20 23.19 -11.76
C VAL I 329 38.47 24.32 -11.03
N VAL I 330 37.57 23.94 -10.12
CA VAL I 330 36.80 24.91 -9.35
C VAL I 330 37.62 25.36 -8.14
N GLU I 331 37.96 24.40 -7.28
CA GLU I 331 38.79 24.69 -6.11
C GLU I 331 40.16 24.05 -6.30
N PRO I 332 41.23 24.84 -6.43
CA PRO I 332 42.56 24.26 -6.64
C PRO I 332 43.01 23.51 -5.40
N PRO I 333 43.95 22.56 -5.55
CA PRO I 333 44.42 21.80 -4.38
C PRO I 333 45.05 22.72 -3.34
N VAL I 334 44.77 22.42 -2.07
CA VAL I 334 45.18 23.27 -0.97
C VAL I 334 46.19 22.53 -0.10
N LEU I 335 46.90 23.30 0.71
CA LEU I 335 47.85 22.74 1.67
C LEU I 335 47.22 22.80 3.06
N PRO I 336 46.90 21.68 3.68
CA PRO I 336 46.29 21.72 5.01
C PRO I 336 47.28 22.16 6.07
N GLU I 337 46.73 22.66 7.18
CA GLU I 337 47.54 23.10 8.30
C GLU I 337 47.50 22.14 9.47
N ILE I 338 46.34 21.55 9.76
CA ILE I 338 46.20 20.56 10.83
C ILE I 338 45.56 19.30 10.25
N ALA I 339 45.72 18.20 10.97
CA ALA I 339 45.30 16.88 10.50
C ALA I 339 43.85 16.64 10.91
N GLU I 340 42.97 16.54 9.93
CA GLU I 340 41.58 16.17 10.21
C GLU I 340 41.50 14.76 10.77
N TYR I 341 42.26 13.83 10.19
CA TYR I 341 42.22 12.42 10.54
C TYR I 341 43.46 12.02 11.33
N PRO I 342 43.34 11.08 12.28
CA PRO I 342 42.08 10.48 12.72
C PRO I 342 41.36 11.35 13.75
N ARG I 343 40.03 11.34 13.72
CA ARG I 343 39.26 12.11 14.68
C ARG I 343 39.29 11.40 16.03
N ARG I 344 40.33 11.69 16.84
CA ARG I 344 40.58 10.90 18.04
C ARG I 344 39.46 11.05 19.06
N TRP I 345 39.05 12.28 19.35
CA TRP I 345 38.08 12.50 20.41
C TRP I 345 36.70 11.99 20.02
N TYR I 346 36.28 12.25 18.77
CA TYR I 346 34.98 11.77 18.32
C TYR I 346 34.94 10.24 18.31
N ASN I 347 36.01 9.60 17.82
CA ASN I 347 36.07 8.15 17.80
C ASN I 347 36.05 7.58 19.21
N LEU I 348 36.78 8.21 20.13
CA LEU I 348 36.81 7.72 21.51
C LEU I 348 35.43 7.84 22.16
N ALA I 349 34.75 8.97 21.95
CA ALA I 349 33.42 9.13 22.53
C ALA I 349 32.42 8.14 21.94
N THR I 350 32.46 7.94 20.61
CA THR I 350 31.56 6.99 19.98
C THR I 350 31.81 5.57 20.46
N LEU I 351 33.09 5.20 20.58
CA LEU I 351 33.43 3.87 21.06
C LEU I 351 32.99 3.68 22.50
N LEU I 352 33.13 4.71 23.34
CA LEU I 352 32.68 4.62 24.72
C LEU I 352 31.16 4.45 24.79
N VAL I 353 30.42 5.20 23.98
CA VAL I 353 28.96 5.10 23.99
C VAL I 353 28.53 3.69 23.55
N VAL I 354 29.14 3.20 22.46
CA VAL I 354 28.77 1.88 21.94
C VAL I 354 29.12 0.79 22.94
N CYS I 355 30.29 0.90 23.58
CA CYS I 355 30.71 -0.09 24.56
C CYS I 355 29.81 -0.07 25.79
N CYS I 356 29.39 1.12 26.23
CA CYS I 356 28.47 1.20 27.35
C CYS I 356 27.11 0.58 27.01
N LEU I 357 26.63 0.79 25.79
CA LEU I 357 25.38 0.17 25.38
C LEU I 357 25.51 -1.35 25.34
N ILE I 358 26.65 -1.86 24.86
CA ILE I 358 26.89 -3.30 24.84
C ILE I 358 26.90 -3.84 26.27
N TYR I 359 27.56 -3.12 27.19
CA TYR I 359 27.56 -3.50 28.60
C TYR I 359 26.14 -3.61 29.11
N GLY I 360 25.33 -2.57 28.87
CA GLY I 360 23.96 -2.58 29.37
C GLY I 360 23.15 -3.75 28.83
N VAL I 361 23.27 -4.02 27.53
CA VAL I 361 22.52 -5.10 26.92
C VAL I 361 22.92 -6.45 27.54
N VAL I 362 24.22 -6.74 27.58
CA VAL I 362 24.64 -8.05 28.07
C VAL I 362 24.37 -8.19 29.56
N SER I 363 24.52 -7.09 30.31
CA SER I 363 24.29 -7.15 31.76
C SER I 363 22.83 -7.39 32.08
N LEU I 364 21.92 -6.72 31.36
CA LEU I 364 20.52 -6.92 31.71
C LEU I 364 20.04 -8.28 31.19
N VAL I 365 20.66 -8.78 30.10
CA VAL I 365 20.37 -10.15 29.66
C VAL I 365 20.78 -11.16 30.71
N VAL I 366 21.99 -11.04 31.24
CA VAL I 366 22.45 -12.00 32.24
C VAL I 366 21.63 -11.87 33.52
N ALA I 367 21.20 -10.63 33.84
CA ALA I 367 20.29 -10.45 34.97
C ALA I 367 18.97 -11.16 34.74
N THR I 368 18.44 -11.09 33.52
CA THR I 368 17.18 -11.76 33.20
C THR I 368 17.30 -13.27 33.35
N ILE I 369 18.35 -13.85 32.76
CA ILE I 369 18.46 -15.31 32.80
C ILE I 369 18.73 -15.78 34.23
N ARG I 370 19.51 -15.01 35.00
CA ARG I 370 19.77 -15.38 36.39
C ARG I 370 18.50 -15.26 37.24
N ASP I 371 17.69 -14.23 37.00
CA ASP I 371 16.49 -14.03 37.80
C ASP I 371 15.33 -14.93 37.39
N HIS I 372 15.39 -15.52 36.19
CA HIS I 372 14.29 -16.38 35.75
C HIS I 372 14.20 -17.68 36.53
N GLN I 373 15.24 -18.01 37.32
CA GLN I 373 15.37 -19.34 37.90
C GLN I 373 14.18 -19.73 38.76
N ASP I 374 13.48 -18.75 39.33
CA ASP I 374 12.29 -19.02 40.14
C ASP I 374 11.17 -19.65 39.30
N THR J 13 19.37 12.95 45.85
CA THR J 13 18.00 12.56 45.50
C THR J 13 17.64 13.06 44.10
N ALA J 14 16.34 12.99 43.77
CA ALA J 14 15.90 13.41 42.45
C ALA J 14 15.88 14.92 42.29
N LYS J 15 15.62 15.65 43.38
CA LYS J 15 15.55 17.11 43.29
C LYS J 15 16.90 17.72 42.91
N ARG J 16 17.98 17.20 43.48
CA ARG J 16 19.31 17.71 43.14
C ARG J 16 19.63 17.43 41.67
N LEU J 17 19.26 16.26 41.18
CA LEU J 17 19.46 15.95 39.76
C LEU J 17 18.64 16.89 38.87
N GLN J 18 17.40 17.16 39.26
CA GLN J 18 16.55 18.07 38.49
C GLN J 18 17.16 19.48 38.45
N TRP J 19 17.66 19.95 39.59
CA TRP J 19 18.29 21.27 39.64
C TRP J 19 19.53 21.32 38.78
N ALA J 20 20.44 20.35 38.95
CA ALA J 20 21.71 20.39 38.26
C ALA J 20 21.62 20.01 36.78
N LEU J 21 20.50 19.44 36.34
CA LEU J 21 20.36 19.01 34.96
C LEU J 21 19.50 19.95 34.11
N VAL J 22 18.53 20.63 34.71
CA VAL J 22 17.55 21.43 33.97
C VAL J 22 17.67 22.91 34.32
N TYR J 23 17.75 23.22 35.61
CA TYR J 23 17.68 24.62 36.04
C TYR J 23 18.95 25.38 35.67
N LEU J 24 20.09 24.94 36.20
CA LEU J 24 21.36 25.66 35.99
C LEU J 24 21.79 25.76 34.53
N PRO J 25 21.71 24.70 33.70
CA PRO J 25 22.04 24.91 32.27
C PRO J 25 21.16 25.97 31.61
N MET J 26 19.87 25.99 31.95
CA MET J 26 18.99 27.03 31.43
C MET J 26 19.44 28.40 31.89
N LEU J 27 19.82 28.53 33.16
CA LEU J 27 20.20 29.82 33.71
C LEU J 27 21.46 30.35 33.03
N VAL J 28 22.47 29.50 32.85
CA VAL J 28 23.69 29.98 32.22
C VAL J 28 23.43 30.30 30.75
N ALA J 29 22.59 29.50 30.07
CA ALA J 29 22.26 29.78 28.68
C ALA J 29 21.59 31.14 28.52
N THR J 30 20.60 31.44 29.37
CA THR J 30 19.87 32.69 29.20
C THR J 30 20.74 33.88 29.61
N VAL J 31 21.55 33.73 30.67
CA VAL J 31 22.38 34.86 31.06
C VAL J 31 23.41 35.15 29.98
N TYR J 32 23.93 34.10 29.32
CA TYR J 32 24.82 34.33 28.18
C TYR J 32 24.07 35.06 27.07
N PHE J 33 22.89 34.57 26.70
CA PHE J 33 22.20 35.11 25.52
C PHE J 33 21.76 36.56 25.75
N LEU J 34 21.46 36.94 26.99
CA LEU J 34 21.16 38.35 27.23
C LEU J 34 22.42 39.21 27.40
N VAL J 35 23.25 38.95 28.42
CA VAL J 35 24.28 39.94 28.74
C VAL J 35 25.67 39.62 28.20
N PHE J 36 25.81 38.62 27.32
CA PHE J 36 27.13 38.32 26.77
C PHE J 36 27.16 38.24 25.26
N SER J 37 26.06 37.86 24.62
CA SER J 37 26.07 37.66 23.17
C SER J 37 26.22 38.98 22.43
N ALA J 38 26.90 38.93 21.28
CA ALA J 38 27.08 40.08 20.42
C ALA J 38 26.18 39.95 19.21
N ASP J 39 25.52 41.05 18.86
CA ASP J 39 24.59 41.06 17.73
C ASP J 39 25.34 40.90 16.42
N ARG J 40 24.66 40.30 15.44
CA ARG J 40 25.25 39.99 14.14
C ARG J 40 24.32 40.47 13.04
N TYR J 41 24.68 41.60 12.42
CA TYR J 41 23.92 42.11 11.29
C TYR J 41 24.04 41.17 10.09
N VAL J 42 23.04 41.22 9.21
CA VAL J 42 22.94 40.33 8.07
C VAL J 42 22.67 41.16 6.83
N SER J 43 23.45 40.92 5.78
CA SER J 43 23.20 41.50 4.46
C SER J 43 22.77 40.39 3.52
N GLU J 44 21.58 40.53 2.94
CA GLU J 44 21.00 39.52 2.08
C GLU J 44 20.91 40.06 0.65
N SER J 45 21.44 39.30 -0.30
CA SER J 45 21.41 39.67 -1.70
C SER J 45 20.91 38.50 -2.52
N VAL J 46 20.29 38.80 -3.66
CA VAL J 46 19.75 37.78 -4.55
C VAL J 46 20.32 38.02 -5.94
N ILE J 47 21.10 37.06 -6.43
CA ILE J 47 21.78 37.14 -7.72
C ILE J 47 21.49 35.89 -8.52
N THR J 48 21.89 35.91 -9.78
CA THR J 48 21.76 34.76 -10.67
C THR J 48 22.75 34.91 -11.82
N VAL J 49 22.94 33.82 -12.54
CA VAL J 49 23.86 33.77 -13.68
C VAL J 49 23.04 33.48 -14.93
N ARG J 50 23.21 34.32 -15.95
CA ARG J 50 22.57 34.08 -17.24
C ARG J 50 23.50 34.55 -18.34
N GLN J 51 23.38 33.93 -19.51
CA GLN J 51 24.24 34.25 -20.63
C GLN J 51 23.91 35.61 -21.22
N ALA J 74 21.39 25.94 -19.37
CA ALA J 74 22.77 25.60 -19.03
C ALA J 74 23.28 26.48 -17.90
N SER J 75 22.48 27.47 -17.52
CA SER J 75 22.88 28.38 -16.45
C SER J 75 22.82 27.73 -15.07
N ARG J 76 22.12 26.60 -14.94
CA ARG J 76 22.10 25.89 -13.67
C ARG J 76 23.47 25.35 -13.31
N GLU J 77 24.22 24.90 -14.32
CA GLU J 77 25.58 24.42 -14.08
C GLU J 77 26.46 25.52 -13.50
N ASP J 78 26.40 26.71 -14.09
CA ASP J 78 27.20 27.82 -13.59
C ASP J 78 26.70 28.31 -12.24
N THR J 79 25.39 28.26 -12.02
CA THR J 79 24.84 28.65 -10.72
C THR J 79 25.36 27.74 -9.61
N CYS J 80 25.39 26.42 -9.86
CA CYS J 80 25.91 25.52 -8.83
C CYS J 80 27.43 25.59 -8.75
N TYR J 81 28.10 25.94 -9.86
CA TYR J 81 29.53 26.26 -9.79
C TYR J 81 29.78 27.40 -8.81
N LEU J 82 28.99 28.47 -8.91
CA LEU J 82 29.11 29.57 -7.97
C LEU J 82 28.75 29.14 -6.55
N GLN J 83 27.75 28.27 -6.42
CA GLN J 83 27.33 27.79 -5.11
C GLN J 83 28.48 27.06 -4.42
N THR J 84 29.21 26.23 -5.15
CA THR J 84 30.35 25.54 -4.55
C THR J 84 31.62 26.38 -4.53
N TYR J 85 31.65 27.50 -5.26
CA TYR J 85 32.82 28.36 -5.22
C TYR J 85 32.76 29.36 -4.07
N ILE J 86 31.56 29.76 -3.65
CA ILE J 86 31.43 30.74 -2.57
C ILE J 86 32.01 30.19 -1.27
N HIS J 87 31.94 28.87 -1.07
CA HIS J 87 32.47 28.24 0.13
C HIS J 87 33.86 27.64 -0.09
N SER J 88 34.54 28.02 -1.16
CA SER J 88 35.86 27.45 -1.47
C SER J 88 36.92 28.03 -0.53
N MET J 89 38.16 27.58 -0.75
CA MET J 89 39.31 28.05 0.04
C MET J 89 40.04 29.20 -0.62
N GLY J 90 40.20 29.19 -1.94
CA GLY J 90 40.84 30.31 -2.61
C GLY J 90 40.08 31.60 -2.44
N LEU J 91 38.75 31.54 -2.51
CA LEU J 91 37.93 32.72 -2.27
C LEU J 91 38.11 33.23 -0.85
N LEU J 92 38.19 32.32 0.12
CA LEU J 92 38.41 32.73 1.50
C LEU J 92 39.76 33.39 1.67
N GLN J 93 40.79 32.89 0.99
CA GLN J 93 42.10 33.53 1.04
C GLN J 93 42.05 34.92 0.42
N LYS J 94 41.37 35.07 -0.70
CA LYS J 94 41.24 36.39 -1.32
C LYS J 94 40.51 37.36 -0.40
N LEU J 95 39.43 36.90 0.24
CA LEU J 95 38.68 37.76 1.15
C LEU J 95 39.51 38.14 2.37
N ASP J 96 40.27 37.20 2.92
CA ASP J 96 41.12 37.50 4.06
C ASP J 96 42.20 38.51 3.68
N GLN J 97 42.77 38.39 2.48
CA GLN J 97 43.73 39.38 2.01
C GLN J 97 43.07 40.74 1.83
N GLN J 98 41.84 40.77 1.34
CA GLN J 98 41.18 42.02 1.00
C GLN J 98 40.70 42.77 2.25
N LEU J 99 39.78 42.16 2.99
CA LEU J 99 39.05 42.86 4.05
C LEU J 99 39.52 42.50 5.45
N LYS J 100 40.54 41.65 5.59
CA LYS J 100 41.08 41.24 6.89
C LYS J 100 39.99 40.63 7.77
N LEU J 101 39.49 39.48 7.31
CA LEU J 101 38.37 38.82 7.99
C LEU J 101 38.73 38.40 9.41
N ARG J 102 39.95 37.89 9.61
CA ARG J 102 40.32 37.33 10.91
C ARG J 102 40.28 38.39 12.01
N GLU J 103 40.87 39.56 11.73
CA GLU J 103 40.88 40.61 12.74
C GLU J 103 39.48 41.12 13.05
N HIS J 104 38.63 41.27 12.02
CA HIS J 104 37.27 41.73 12.25
C HIS J 104 36.47 40.72 13.06
N PHE J 105 36.60 39.44 12.73
CA PHE J 105 35.92 38.42 13.52
C PHE J 105 36.52 38.25 14.90
N GLY J 106 37.72 38.78 15.15
CA GLY J 106 38.31 38.74 16.46
C GLY J 106 38.00 39.91 17.37
N THR J 107 37.29 40.93 16.89
CA THR J 107 37.01 42.10 17.73
C THR J 107 36.15 41.82 18.95
N PRO J 108 35.01 41.06 18.88
CA PRO J 108 34.14 40.98 20.07
C PRO J 108 34.70 40.07 21.15
N LEU J 109 35.62 40.59 21.97
CA LEU J 109 36.18 39.81 23.07
C LEU J 109 35.13 39.46 24.13
N ARG J 110 34.05 40.24 24.22
CA ARG J 110 32.99 39.93 25.18
C ARG J 110 32.18 38.70 24.80
N ASP J 111 32.34 38.19 23.57
CA ASP J 111 31.64 37.00 23.13
C ASP J 111 32.58 35.81 23.27
N PRO J 112 32.31 34.86 24.16
CA PRO J 112 33.26 33.77 24.41
C PRO J 112 33.08 32.52 23.57
N LEU J 113 32.05 32.46 22.73
CA LEU J 113 31.80 31.25 21.94
C LEU J 113 31.80 31.49 20.44
N PHE J 114 31.18 32.57 19.97
CA PHE J 114 30.92 32.75 18.54
C PHE J 114 31.99 33.60 17.85
N ARG J 115 32.99 34.08 18.57
CA ARG J 115 34.07 34.83 17.95
C ARG J 115 35.15 33.89 17.45
N LEU J 116 35.94 34.38 16.50
CA LEU J 116 37.05 33.62 15.94
C LEU J 116 38.28 33.87 16.80
N TRP J 117 38.70 32.85 17.54
CA TRP J 117 39.88 32.98 18.40
C TRP J 117 41.14 33.19 17.56
N GLY J 118 42.05 33.99 18.08
CA GLY J 118 43.31 34.21 17.39
C GLY J 118 44.17 32.96 17.40
N GLY J 119 44.90 32.76 16.31
CA GLY J 119 45.81 31.62 16.21
C GLY J 119 45.14 30.29 15.96
N THR J 120 43.86 30.27 15.59
CA THR J 120 43.17 29.02 15.34
C THR J 120 43.64 28.38 14.04
N SER J 121 43.30 27.11 13.87
CA SER J 121 43.68 26.37 12.69
C SER J 121 42.98 26.90 11.44
N GLN J 122 43.62 26.70 10.29
CA GLN J 122 43.06 27.18 9.04
C GLN J 122 41.75 26.47 8.71
N GLU J 123 41.67 25.17 8.99
CA GLU J 123 40.44 24.42 8.74
C GLU J 123 39.29 24.96 9.58
N TRP J 124 39.57 25.33 10.84
CA TRP J 124 38.54 25.93 11.67
C TRP J 124 38.08 27.26 11.11
N PHE J 125 39.01 28.04 10.54
CA PHE J 125 38.63 29.30 9.91
C PHE J 125 37.74 29.06 8.69
N LEU J 126 38.07 28.02 7.90
CA LEU J 126 37.23 27.68 6.76
C LEU J 126 35.83 27.29 7.20
N GLU J 127 35.73 26.48 8.26
CA GLU J 127 34.41 26.09 8.77
C GLU J 127 33.65 27.30 9.30
N TYR J 128 34.36 28.21 9.97
CA TYR J 128 33.71 29.42 10.49
C TYR J 128 33.17 30.28 9.37
N TYR J 129 33.95 30.47 8.31
CA TYR J 129 33.48 31.25 7.17
C TYR J 129 32.31 30.56 6.47
N ARG J 130 32.36 29.24 6.36
CA ARG J 130 31.24 28.51 5.78
C ARG J 130 29.98 28.63 6.63
N SER J 131 30.15 28.74 7.95
CA SER J 131 28.99 28.90 8.82
C SER J 131 28.44 30.32 8.80
N ARG J 132 29.28 31.33 8.62
CA ARG J 132 28.84 32.71 8.66
C ARG J 132 28.43 33.26 7.29
N VAL J 133 28.40 32.42 6.26
CA VAL J 133 27.88 32.79 4.95
C VAL J 133 26.94 31.70 4.49
N GLU J 134 25.68 32.06 4.23
CA GLU J 134 24.65 31.11 3.87
C GLU J 134 24.26 31.30 2.40
N VAL J 135 24.26 30.21 1.65
CA VAL J 135 23.92 30.24 0.23
C VAL J 135 22.74 29.31 0.01
N LEU J 136 21.67 29.86 -0.56
CA LEU J 136 20.46 29.11 -0.86
C LEU J 136 20.20 29.13 -2.35
N MET J 137 19.83 27.98 -2.90
CA MET J 137 19.52 27.86 -4.32
C MET J 137 18.07 27.40 -4.47
N ASP J 138 17.32 28.10 -5.32
CA ASP J 138 15.95 27.72 -5.65
C ASP J 138 15.97 26.92 -6.94
N ASP J 139 15.47 25.69 -6.88
CA ASP J 139 15.54 24.79 -8.03
C ASP J 139 14.66 25.27 -9.19
N ILE J 140 13.48 25.80 -8.86
CA ILE J 140 12.50 26.13 -9.90
C ILE J 140 12.99 27.28 -10.76
N CYS J 141 13.45 28.37 -10.13
CA CYS J 141 13.80 29.58 -10.86
C CYS J 141 15.29 29.74 -11.13
N GLY J 142 16.14 29.00 -10.43
CA GLY J 142 17.57 29.16 -10.57
C GLY J 142 18.14 30.37 -9.87
N LEU J 143 17.40 30.98 -8.95
CA LEU J 143 17.86 32.17 -8.25
C LEU J 143 18.72 31.77 -7.06
N LEU J 144 19.82 32.49 -6.87
CA LEU J 144 20.76 32.27 -5.78
C LEU J 144 20.62 33.38 -4.75
N THR J 145 20.63 33.00 -3.48
CA THR J 145 20.50 33.95 -2.38
C THR J 145 21.72 33.82 -1.47
N VAL J 146 22.40 34.94 -1.24
CA VAL J 146 23.61 34.97 -0.42
C VAL J 146 23.31 35.84 0.80
N ARG J 147 23.41 35.25 1.98
CA ARG J 147 23.23 35.96 3.24
C ARG J 147 24.55 35.97 3.99
N VAL J 148 25.10 37.16 4.19
CA VAL J 148 26.42 37.33 4.79
C VAL J 148 26.24 37.96 6.16
N GLN J 149 26.82 37.32 7.18
CA GLN J 149 26.77 37.84 8.54
C GLN J 149 27.98 38.71 8.84
N GLY J 150 27.81 39.63 9.78
CA GLY J 150 28.89 40.50 10.17
C GLY J 150 28.62 41.09 11.54
N PHE J 151 29.68 41.61 12.15
CA PHE J 151 29.57 42.24 13.46
C PHE J 151 29.37 43.75 13.37
N GLU J 152 29.37 44.31 12.16
CA GLU J 152 29.10 45.71 11.91
C GLU J 152 28.11 45.83 10.76
N PRO J 153 27.25 46.85 10.77
CA PRO J 153 26.28 46.98 9.67
C PRO J 153 26.93 47.21 8.31
N GLU J 154 28.06 47.92 8.27
CA GLU J 154 28.70 48.22 7.00
C GLU J 154 29.62 47.10 6.54
N PHE J 155 30.27 46.40 7.47
CA PHE J 155 31.20 45.36 7.09
C PHE J 155 30.50 44.21 6.39
N ALA J 156 29.30 43.85 6.86
CA ALA J 156 28.57 42.75 6.23
C ALA J 156 28.18 43.10 4.79
N GLN J 157 27.73 44.33 4.56
CA GLN J 157 27.42 44.75 3.20
C GLN J 157 28.65 44.79 2.33
N ALA J 158 29.77 45.26 2.87
CA ALA J 158 31.02 45.27 2.11
C ALA J 158 31.47 43.85 1.75
N LEU J 159 31.32 42.93 2.70
CA LEU J 159 31.66 41.53 2.44
C LEU J 159 30.76 40.94 1.36
N ASN J 160 29.47 41.27 1.40
CA ASN J 160 28.54 40.80 0.36
C ASN J 160 28.94 41.33 -1.01
N ARG J 161 29.28 42.61 -1.09
CA ARG J 161 29.69 43.19 -2.37
C ARG J 161 30.98 42.55 -2.87
N ALA J 162 31.94 42.31 -1.96
CA ALA J 162 33.19 41.67 -2.35
C ALA J 162 32.94 40.25 -2.85
N ILE J 163 32.04 39.52 -2.19
CA ILE J 163 31.72 38.16 -2.61
C ILE J 163 31.09 38.16 -3.99
N LEU J 164 30.16 39.09 -4.23
CA LEU J 164 29.53 39.17 -5.54
C LEU J 164 30.53 39.48 -6.64
N GLU J 165 31.39 40.49 -6.40
CA GLU J 165 32.37 40.88 -7.39
C GLU J 165 33.36 39.75 -7.66
N GLU J 166 33.81 39.06 -6.60
CA GLU J 166 34.76 37.98 -6.76
C GLU J 166 34.13 36.79 -7.50
N SER J 167 32.85 36.51 -7.24
CA SER J 167 32.18 35.42 -7.96
C SER J 167 32.06 35.74 -9.44
N GLU J 168 31.67 36.98 -9.77
CA GLU J 168 31.59 37.36 -11.18
C GLU J 168 32.96 37.28 -11.84
N ARG J 169 34.00 37.77 -11.17
CA ARG J 169 35.34 37.71 -11.72
C ARG J 169 35.82 36.27 -11.87
N PHE J 170 35.41 35.39 -10.96
CA PHE J 170 35.81 33.99 -11.05
C PHE J 170 35.18 33.32 -12.27
N VAL J 171 33.88 33.57 -12.49
CA VAL J 171 33.23 33.00 -13.68
C VAL J 171 33.88 33.54 -14.94
N ASN J 172 34.14 34.86 -14.96
CA ASN J 172 34.76 35.49 -16.12
C ASN J 172 36.15 34.91 -16.39
N GLU J 173 36.97 34.76 -15.35
CA GLU J 173 38.32 34.26 -15.51
C GLU J 173 38.31 32.78 -15.88
N LEU J 174 37.35 32.02 -15.39
CA LEU J 174 37.22 30.63 -15.79
C LEU J 174 36.94 30.52 -17.28
N SER J 175 35.99 31.31 -17.78
CA SER J 175 35.69 31.29 -19.21
C SER J 175 36.89 31.77 -20.04
N HIS J 176 37.57 32.82 -19.55
CA HIS J 176 38.72 33.36 -20.27
C HIS J 176 39.86 32.36 -20.33
N ARG J 177 40.15 31.67 -19.22
CA ARG J 177 41.21 30.67 -19.22
C ARG J 177 40.84 29.46 -20.06
N MET J 178 39.55 29.12 -20.13
CA MET J 178 39.13 28.07 -21.04
C MET J 178 39.39 28.49 -22.49
N ALA J 179 39.03 29.73 -22.83
CA ALA J 179 39.20 30.22 -24.19
C ALA J 179 40.63 30.63 -24.52
N ARG J 180 41.54 30.61 -23.54
CA ARG J 180 42.91 31.04 -23.79
C ARG J 180 43.62 30.12 -24.79
N GLU J 181 43.43 28.81 -24.65
CA GLU J 181 44.09 27.86 -25.54
C GLU J 181 43.28 27.68 -26.82
N LYS J 323 34.75 39.21 -21.39
CA LYS J 323 33.41 39.21 -20.80
C LYS J 323 32.45 38.33 -21.59
N LEU J 324 32.18 37.13 -21.06
CA LEU J 324 31.27 36.19 -21.69
C LEU J 324 29.99 36.01 -20.87
N LYS J 325 30.11 35.61 -19.61
CA LYS J 325 28.96 35.38 -18.74
C LYS J 325 28.91 36.49 -17.70
N SER J 326 27.73 37.09 -17.53
CA SER J 326 27.54 38.22 -16.65
C SER J 326 26.68 37.83 -15.46
N LEU J 327 26.70 38.70 -14.45
CA LEU J 327 25.95 38.50 -13.21
C LEU J 327 24.72 39.40 -13.24
N VAL J 328 23.55 38.80 -13.04
CA VAL J 328 22.30 39.54 -12.92
C VAL J 328 21.97 39.62 -11.43
N VAL J 329 21.91 40.84 -10.91
CA VAL J 329 21.60 41.08 -9.51
C VAL J 329 20.13 41.45 -9.43
N VAL J 330 19.32 40.60 -8.80
CA VAL J 330 17.91 40.90 -8.66
C VAL J 330 17.68 41.77 -7.43
N GLU J 331 18.31 41.42 -6.31
CA GLU J 331 18.25 42.24 -5.09
C GLU J 331 19.67 42.58 -4.67
N PRO J 332 20.06 43.84 -4.70
CA PRO J 332 21.45 44.21 -4.38
C PRO J 332 21.73 44.04 -2.91
N PRO J 333 23.01 44.02 -2.51
CA PRO J 333 23.34 43.91 -1.09
C PRO J 333 22.73 45.07 -0.30
N VAL J 334 22.18 44.74 0.85
CA VAL J 334 21.43 45.70 1.66
C VAL J 334 22.26 46.11 2.86
N LEU J 335 21.95 47.28 3.40
CA LEU J 335 22.60 47.76 4.61
C LEU J 335 21.64 47.58 5.77
N PRO J 336 21.87 46.61 6.65
CA PRO J 336 20.93 46.36 7.74
C PRO J 336 20.96 47.47 8.78
N GLU J 337 19.89 47.53 9.57
CA GLU J 337 19.78 48.47 10.67
C GLU J 337 19.61 47.79 12.03
N ILE J 338 18.94 46.65 12.08
CA ILE J 338 18.80 45.87 13.30
C ILE J 338 19.29 44.46 12.98
N ALA J 339 20.05 43.87 13.90
CA ALA J 339 20.65 42.56 13.68
C ALA J 339 19.57 41.48 13.72
N GLU J 340 19.44 40.74 12.62
CA GLU J 340 18.50 39.63 12.56
C GLU J 340 18.95 38.42 13.37
N TYR J 341 20.22 38.40 13.79
CA TYR J 341 20.80 37.29 14.54
C TYR J 341 21.48 37.82 15.79
N PRO J 342 21.59 37.01 16.85
CA PRO J 342 21.13 35.62 16.99
C PRO J 342 19.67 35.50 17.38
N ARG J 343 19.10 34.31 17.20
CA ARG J 343 17.74 34.00 17.63
C ARG J 343 17.82 33.42 19.04
N ARG J 344 17.50 34.25 20.04
CA ARG J 344 17.64 33.84 21.43
C ARG J 344 16.62 32.76 21.78
N TRP J 345 15.33 33.09 21.65
CA TRP J 345 14.28 32.21 22.15
C TRP J 345 14.21 30.91 21.36
N TYR J 346 14.57 30.93 20.08
CA TYR J 346 14.59 29.69 19.30
C TYR J 346 15.60 28.70 19.87
N ASN J 347 16.83 29.15 20.08
CA ASN J 347 17.86 28.28 20.65
C ASN J 347 17.52 27.90 22.09
N LEU J 348 16.91 28.81 22.84
CA LEU J 348 16.50 28.49 24.20
C LEU J 348 15.45 27.36 24.22
N ALA J 349 14.48 27.42 23.31
CA ALA J 349 13.47 26.37 23.24
C ALA J 349 14.08 25.05 22.78
N THR J 350 15.00 25.11 21.81
CA THR J 350 15.67 23.87 21.37
C THR J 350 16.46 23.23 22.50
N LEU J 351 17.19 24.06 23.26
CA LEU J 351 17.93 23.55 24.41
C LEU J 351 16.99 23.01 25.48
N LEU J 352 15.82 23.64 25.64
CA LEU J 352 14.84 23.14 26.60
C LEU J 352 14.34 21.75 26.19
N VAL J 353 14.05 21.56 24.91
CA VAL J 353 13.57 20.25 24.44
C VAL J 353 14.65 19.19 24.65
N VAL J 354 15.89 19.50 24.25
CA VAL J 354 16.99 18.55 24.38
C VAL J 354 17.22 18.22 25.85
N CYS J 355 17.21 19.23 26.71
CA CYS J 355 17.43 19.04 28.13
C CYS J 355 16.34 18.20 28.76
N CYS J 356 15.07 18.43 28.38
CA CYS J 356 13.99 17.62 28.91
C CYS J 356 14.13 16.16 28.50
N LEU J 357 14.49 15.91 27.24
CA LEU J 357 14.66 14.54 26.78
C LEU J 357 15.79 13.83 27.52
N ILE J 358 16.95 14.50 27.64
CA ILE J 358 18.08 13.86 28.31
C ILE J 358 17.81 13.70 29.80
N TYR J 359 17.07 14.64 30.40
CA TYR J 359 16.72 14.49 31.81
C TYR J 359 15.81 13.29 32.02
N GLY J 360 14.82 13.12 31.14
CA GLY J 360 13.96 11.95 31.26
C GLY J 360 14.71 10.65 31.13
N VAL J 361 15.61 10.56 30.13
CA VAL J 361 16.37 9.33 29.92
C VAL J 361 17.27 9.03 31.11
N VAL J 362 18.01 10.05 31.58
CA VAL J 362 18.94 9.84 32.68
C VAL J 362 18.19 9.52 33.97
N SER J 363 17.07 10.21 34.22
CA SER J 363 16.29 9.95 35.41
C SER J 363 15.75 8.53 35.42
N LEU J 364 15.25 8.05 34.27
CA LEU J 364 14.82 6.67 34.17
C LEU J 364 15.96 5.71 34.48
N VAL J 365 17.09 5.89 33.81
CA VAL J 365 18.22 4.96 33.95
C VAL J 365 18.70 4.91 35.40
N VAL J 366 18.83 6.07 36.04
CA VAL J 366 19.27 6.12 37.42
C VAL J 366 18.21 5.53 38.35
N ALA J 367 16.92 5.77 38.05
CA ALA J 367 15.86 5.31 38.92
C ALA J 367 15.79 3.79 39.00
N THR J 368 15.97 3.09 37.87
CA THR J 368 15.92 1.63 37.94
C THR J 368 17.13 1.05 38.67
N ILE J 369 18.33 1.50 38.33
CA ILE J 369 19.52 1.00 39.01
C ILE J 369 19.83 1.90 40.21
N LYS K 16 19.56 -29.58 42.30
CA LYS K 16 18.90 -28.48 41.60
C LYS K 16 19.63 -28.15 40.30
N ARG K 17 18.91 -28.24 39.19
CA ARG K 17 19.48 -27.98 37.89
C ARG K 17 19.72 -26.47 37.70
N SER K 18 20.67 -26.16 36.81
CA SER K 18 21.01 -24.78 36.55
C SER K 18 19.87 -24.06 35.82
N PRO K 19 19.75 -22.74 35.99
CA PRO K 19 18.69 -22.01 35.28
C PRO K 19 18.84 -22.05 33.77
N TRP K 20 20.05 -22.28 33.25
CA TRP K 20 20.21 -22.38 31.80
C TRP K 20 19.53 -23.64 31.26
N GLN K 21 19.62 -24.75 31.99
CA GLN K 21 18.96 -25.97 31.56
C GLN K 21 17.44 -25.81 31.54
N ILE K 22 16.88 -25.17 32.57
CA ILE K 22 15.44 -24.96 32.60
C ILE K 22 15.02 -23.95 31.55
N GLN K 23 15.88 -22.98 31.23
CA GLN K 23 15.64 -22.10 30.09
C GLN K 23 15.57 -22.88 28.79
N GLN K 24 16.52 -23.80 28.58
CA GLN K 24 16.51 -24.60 27.36
C GLN K 24 15.25 -25.46 27.27
N ALA K 25 14.86 -26.07 28.39
CA ALA K 25 13.63 -26.87 28.40
C ALA K 25 12.41 -26.02 28.12
N VAL K 26 12.31 -24.84 28.73
CA VAL K 26 11.17 -23.96 28.53
C VAL K 26 11.11 -23.52 27.07
N LEU K 27 12.26 -23.13 26.51
CA LEU K 27 12.31 -22.68 25.13
C LEU K 27 11.92 -23.79 24.16
N PHE K 28 12.43 -25.01 24.39
CA PHE K 28 12.06 -26.11 23.51
C PHE K 28 10.58 -26.43 23.58
N ALA K 29 10.03 -26.48 24.80
CA ALA K 29 8.61 -26.79 24.96
C ALA K 29 7.75 -25.72 24.30
N LEU K 30 8.10 -24.45 24.49
CA LEU K 30 7.38 -23.37 23.82
C LEU K 30 7.56 -23.44 22.31
N PHE K 31 8.73 -23.93 21.87
CA PHE K 31 9.02 -24.00 20.41
C PHE K 31 7.98 -24.87 19.70
N LEU K 32 8.01 -26.18 19.95
CA LEU K 32 7.07 -27.11 19.27
C LEU K 32 5.63 -26.66 19.56
N ARG K 33 5.33 -26.27 20.80
CA ARG K 33 3.98 -25.75 21.14
C ARG K 33 3.59 -24.71 20.08
N GLU K 34 4.39 -23.65 19.95
CA GLU K 34 4.11 -22.62 18.96
C GLU K 34 4.09 -23.16 17.54
N LEU K 35 4.84 -24.24 17.28
CA LEU K 35 4.93 -24.75 15.91
C LEU K 35 3.59 -25.25 15.39
N LYS K 36 2.87 -26.03 16.21
CA LYS K 36 1.64 -26.66 15.74
C LYS K 36 0.54 -25.64 15.44
N THR K 37 0.62 -24.46 16.07
CA THR K 37 -0.38 -23.43 15.83
C THR K 37 0.05 -22.43 14.76
N ARG K 38 1.34 -22.07 14.72
CA ARG K 38 1.82 -21.18 13.67
C ARG K 38 1.74 -21.86 12.31
N LEU K 39 2.15 -23.13 12.23
CA LEU K 39 2.01 -23.87 10.99
C LEU K 39 0.56 -24.33 10.76
N GLY K 40 -0.14 -24.66 11.83
CA GLY K 40 -1.53 -25.08 11.71
C GLY K 40 -1.69 -26.57 11.54
N GLY K 41 -2.79 -27.10 12.09
CA GLY K 41 -3.09 -28.50 11.95
C GLY K 41 -3.60 -28.89 10.58
N ARG K 42 -4.07 -27.92 9.80
CA ARG K 42 -4.55 -28.16 8.44
C ARG K 42 -3.41 -28.28 7.44
N TRP K 43 -2.17 -28.06 7.88
CA TRP K 43 -0.98 -28.04 7.02
C TRP K 43 -1.07 -26.95 5.95
N LEU K 44 -1.93 -25.95 6.16
CA LEU K 44 -2.06 -24.84 5.23
C LEU K 44 -1.00 -23.77 5.46
N GLY K 45 -0.32 -23.79 6.62
CA GLY K 45 0.67 -22.77 6.89
C GLY K 45 1.86 -22.85 5.95
N VAL K 46 2.37 -24.06 5.70
CA VAL K 46 3.51 -24.22 4.81
C VAL K 46 3.15 -23.84 3.39
N PHE K 47 1.97 -24.27 2.92
CA PHE K 47 1.55 -23.91 1.57
C PHE K 47 1.34 -22.41 1.46
N TRP K 48 0.83 -21.78 2.52
CA TRP K 48 0.66 -20.32 2.51
C TRP K 48 2.01 -19.61 2.43
N VAL K 49 2.98 -20.03 3.25
CA VAL K 49 4.24 -19.31 3.32
C VAL K 49 5.23 -19.68 2.23
N LEU K 50 4.93 -20.70 1.41
CA LEU K 50 5.67 -20.89 0.16
C LEU K 50 4.82 -20.70 -1.09
N LEU K 51 3.58 -20.21 -0.97
CA LEU K 51 2.80 -19.81 -2.12
C LEU K 51 2.56 -18.31 -2.19
N GLU K 52 2.43 -17.65 -1.03
CA GLU K 52 2.37 -16.20 -1.00
C GLU K 52 3.64 -15.54 -1.54
N PRO K 53 4.87 -15.94 -1.17
CA PRO K 53 6.05 -15.23 -1.72
C PRO K 53 6.17 -15.35 -3.22
N VAL K 54 5.95 -16.53 -3.80
CA VAL K 54 6.04 -16.69 -5.25
C VAL K 54 4.93 -15.92 -5.93
N ALA K 55 3.74 -15.83 -5.31
CA ALA K 55 2.66 -15.04 -5.86
C ALA K 55 3.03 -13.56 -5.92
N HIS K 56 3.59 -13.02 -4.83
CA HIS K 56 4.11 -11.65 -4.89
C HIS K 56 5.19 -11.50 -5.95
N ILE K 57 6.10 -12.46 -6.04
CA ILE K 57 7.19 -12.36 -7.03
C ILE K 57 6.62 -12.26 -8.44
N ALA K 58 5.63 -13.11 -8.75
CA ALA K 58 5.00 -13.09 -10.06
C ALA K 58 4.28 -11.76 -10.31
N VAL K 59 3.66 -11.23 -9.26
CA VAL K 59 2.93 -9.93 -9.38
C VAL K 59 3.90 -8.82 -9.79
N MET K 60 4.85 -8.47 -8.92
CA MET K 60 5.77 -7.34 -9.22
C MET K 60 6.36 -7.52 -10.62
N THR K 61 6.89 -8.71 -10.92
CA THR K 61 7.56 -8.92 -12.22
C THR K 61 6.56 -8.59 -13.34
N THR K 62 5.36 -9.17 -13.30
CA THR K 62 4.37 -8.93 -14.35
C THR K 62 4.05 -7.44 -14.48
N LEU K 63 4.08 -6.70 -13.37
CA LEU K 63 3.81 -5.26 -13.48
C LEU K 63 5.05 -4.37 -13.61
N PHE K 64 6.27 -4.84 -13.34
CA PHE K 64 7.40 -3.93 -13.55
C PHE K 64 8.63 -4.54 -14.22
N SER K 65 8.48 -5.59 -15.04
CA SER K 65 9.64 -6.14 -15.73
C SER K 65 10.24 -5.13 -16.70
N LEU K 66 9.39 -4.49 -17.50
CA LEU K 66 9.87 -3.48 -18.46
C LEU K 66 10.48 -2.29 -17.73
N ALA K 67 9.84 -1.87 -16.63
CA ALA K 67 10.37 -0.73 -15.88
C ALA K 67 11.74 -1.04 -15.29
N HIS K 68 11.91 -2.24 -14.74
CA HIS K 68 13.22 -2.61 -14.20
C HIS K 68 14.27 -2.72 -15.30
N ARG K 69 13.91 -3.32 -16.43
CA ARG K 69 14.86 -3.44 -17.54
C ARG K 69 15.24 -2.07 -18.08
N ALA K 70 14.34 -1.09 -17.99
CA ALA K 70 14.68 0.27 -18.37
C ALA K 70 15.59 0.93 -17.34
N ALA K 71 15.33 0.67 -16.05
CA ALA K 71 16.12 1.31 -15.00
C ALA K 71 17.56 0.83 -15.00
N MET K 72 17.77 -0.48 -14.99
CA MET K 72 19.12 -1.06 -15.04
C MET K 72 19.05 -2.51 -15.49
N PRO K 73 19.78 -2.87 -16.55
CA PRO K 73 19.73 -4.24 -17.09
C PRO K 73 20.83 -5.18 -16.63
N SER K 74 21.66 -4.78 -15.66
CA SER K 74 22.79 -5.62 -15.27
C SER K 74 22.33 -6.92 -14.65
N ILE K 75 21.28 -6.89 -13.83
CA ILE K 75 20.77 -8.07 -13.14
C ILE K 75 19.29 -8.21 -13.44
N GLU K 76 18.79 -9.43 -13.26
CA GLU K 76 17.42 -9.77 -13.61
C GLU K 76 16.49 -9.56 -12.43
N TYR K 77 15.24 -9.21 -12.74
CA TYR K 77 14.23 -8.93 -11.71
C TYR K 77 13.93 -10.11 -10.78
N PRO K 78 13.71 -11.34 -11.27
CA PRO K 78 13.39 -12.44 -10.34
C PRO K 78 14.45 -12.69 -9.28
N VAL K 79 15.72 -12.44 -9.58
CA VAL K 79 16.74 -12.54 -8.56
C VAL K 79 17.02 -11.21 -7.88
N PHE K 80 16.65 -10.09 -8.51
CA PHE K 80 16.83 -8.79 -7.86
C PHE K 80 15.87 -8.62 -6.69
N LEU K 81 14.64 -9.14 -6.83
CA LEU K 81 13.64 -8.86 -5.81
C LEU K 81 13.62 -9.88 -4.68
N ILE K 82 14.00 -11.13 -4.92
CA ILE K 82 13.90 -12.16 -3.89
C ILE K 82 14.83 -11.84 -2.72
N THR K 83 16.05 -11.39 -3.03
CA THR K 83 17.06 -11.12 -2.01
C THR K 83 16.69 -9.95 -1.12
N GLY K 84 15.81 -9.07 -1.57
CA GLY K 84 15.34 -8.00 -0.73
C GLY K 84 13.99 -8.30 -0.13
N LEU K 85 13.26 -9.24 -0.71
CA LEU K 85 11.92 -9.57 -0.25
C LEU K 85 11.96 -10.50 0.94
N ILE K 86 12.67 -11.62 0.82
CA ILE K 86 12.65 -12.63 1.89
C ILE K 86 13.22 -12.08 3.21
N PRO K 87 14.35 -11.38 3.24
CA PRO K 87 14.73 -10.71 4.51
C PRO K 87 13.72 -9.70 4.99
N PHE K 88 13.10 -8.95 4.07
CA PHE K 88 12.06 -8.00 4.48
C PHE K 88 10.86 -8.73 5.07
N PHE K 89 10.46 -9.84 4.45
CA PHE K 89 9.35 -10.61 4.99
C PHE K 89 9.70 -11.19 6.35
N MET K 90 10.95 -11.62 6.51
CA MET K 90 11.41 -12.14 7.80
C MET K 90 11.32 -11.08 8.89
N PHE K 91 11.85 -9.88 8.62
CA PHE K 91 11.76 -8.79 9.60
C PHE K 91 10.32 -8.39 9.87
N ARG K 92 9.51 -8.31 8.81
CA ARG K 92 8.09 -7.97 8.95
C ARG K 92 7.38 -8.96 9.85
N GLY K 93 7.59 -10.26 9.63
CA GLY K 93 6.95 -11.25 10.46
C GLY K 93 7.44 -11.22 11.90
N LEU K 94 8.75 -11.08 12.10
CA LEU K 94 9.22 -11.07 13.49
C LEU K 94 8.96 -9.74 14.18
N VAL K 95 8.47 -8.72 13.48
CA VAL K 95 7.98 -7.54 14.17
C VAL K 95 6.46 -7.54 14.32
N THR K 96 5.74 -8.35 13.53
CA THR K 96 4.29 -8.35 13.60
C THR K 96 3.69 -9.56 14.30
N ARG K 97 4.46 -10.62 14.54
CA ARG K 97 3.93 -11.79 15.26
C ARG K 97 4.32 -11.79 16.73
N LEU K 98 5.30 -10.97 17.13
CA LEU K 98 5.66 -10.86 18.54
C LEU K 98 4.61 -10.10 19.34
N MET K 99 3.64 -9.48 18.66
CA MET K 99 2.55 -8.81 19.38
C MET K 99 1.74 -9.81 20.20
N GLU K 100 1.41 -10.95 19.61
CA GLU K 100 0.62 -11.98 20.29
C GLU K 100 1.50 -13.02 20.99
N ALA K 101 2.81 -12.82 21.02
CA ALA K 101 3.69 -13.73 21.75
C ALA K 101 3.40 -13.73 23.24
N ILE K 102 2.84 -12.65 23.77
CA ILE K 102 2.47 -12.55 25.18
C ILE K 102 0.95 -12.52 25.35
N ASP K 103 0.26 -11.73 24.53
CA ASP K 103 -1.18 -11.55 24.69
C ASP K 103 -1.93 -12.84 24.39
N SER K 104 -1.58 -13.52 23.30
CA SER K 104 -2.23 -14.79 22.99
C SER K 104 -1.69 -15.94 23.84
N ASN K 105 -0.54 -15.76 24.47
CA ASN K 105 0.04 -16.75 25.37
C ASN K 105 -0.15 -16.38 26.84
N ARG K 106 -1.05 -15.43 27.11
CA ARG K 106 -1.24 -14.94 28.48
C ARG K 106 -1.76 -16.04 29.40
N GLY K 107 -2.68 -16.87 28.91
CA GLY K 107 -3.30 -17.89 29.74
C GLY K 107 -2.37 -18.97 30.23
N LEU K 108 -1.16 -19.06 29.67
CA LEU K 108 -0.20 -20.08 30.06
C LEU K 108 0.73 -19.61 31.18
N PHE K 109 0.66 -18.33 31.57
CA PHE K 109 1.56 -17.76 32.57
C PHE K 109 1.15 -18.17 33.98
N ALA K 110 1.13 -19.48 34.22
CA ALA K 110 0.71 -19.98 35.52
C ALA K 110 1.54 -21.19 35.96
N TYR K 111 2.82 -21.25 35.60
CA TYR K 111 3.63 -22.41 35.92
C TYR K 111 4.98 -22.04 36.54
N ARG K 112 5.12 -20.80 37.02
CA ARG K 112 6.23 -20.34 37.84
C ARG K 112 7.57 -20.30 37.10
N GLN K 113 7.64 -20.77 35.86
CA GLN K 113 8.90 -20.80 35.13
C GLN K 113 8.77 -20.05 33.81
N VAL K 114 7.58 -20.04 33.23
CA VAL K 114 7.36 -19.35 31.98
C VAL K 114 7.39 -17.85 32.23
N LYS K 115 8.22 -17.15 31.44
CA LYS K 115 8.36 -15.72 31.52
C LYS K 115 8.10 -15.11 30.15
N PRO K 116 7.66 -13.85 30.10
CA PRO K 116 7.36 -13.23 28.80
C PRO K 116 8.53 -13.19 27.84
N ILE K 117 9.76 -13.07 28.35
CA ILE K 117 10.92 -13.04 27.46
C ILE K 117 11.07 -14.39 26.74
N ASP K 118 10.73 -15.49 27.43
CA ASP K 118 10.78 -16.79 26.79
C ASP K 118 9.78 -16.88 25.65
N THR K 119 8.57 -16.36 25.87
CA THR K 119 7.53 -16.45 24.85
C THR K 119 7.76 -15.48 23.69
N VAL K 120 8.49 -14.39 23.90
CA VAL K 120 8.76 -13.52 22.75
C VAL K 120 9.95 -14.03 21.95
N ILE K 121 10.97 -14.60 22.59
CA ILE K 121 12.10 -15.10 21.82
C ILE K 121 11.89 -16.50 21.23
N ALA K 122 10.98 -17.30 21.78
CA ALA K 122 10.70 -18.60 21.17
C ALA K 122 10.05 -18.44 19.81
N ARG K 123 9.09 -17.51 19.68
CA ARG K 123 8.47 -17.24 18.39
C ARG K 123 9.49 -16.70 17.40
N ALA K 124 10.43 -15.86 17.88
CA ALA K 124 11.47 -15.35 17.02
C ALA K 124 12.36 -16.46 16.49
N MET K 125 12.73 -17.41 17.35
CA MET K 125 13.53 -18.55 16.90
C MET K 125 12.76 -19.39 15.88
N LEU K 126 11.47 -19.64 16.16
CA LEU K 126 10.64 -20.41 15.23
C LEU K 126 10.61 -19.75 13.85
N GLU K 127 10.33 -18.45 13.80
CA GLU K 127 10.17 -17.83 12.50
C GLU K 127 11.52 -17.58 11.82
N ILE K 128 12.60 -17.45 12.60
CA ILE K 128 13.93 -17.42 12.00
C ILE K 128 14.21 -18.73 11.29
N SER K 129 13.88 -19.86 11.91
CA SER K 129 14.04 -21.15 11.26
C SER K 129 13.17 -21.25 10.01
N LEU K 130 11.91 -20.81 10.11
CA LEU K 130 10.99 -20.91 8.97
C LEU K 130 11.49 -20.09 7.79
N GLN K 131 11.93 -18.85 8.04
CA GLN K 131 12.37 -18.00 6.96
C GLN K 131 13.73 -18.43 6.40
N SER K 132 14.59 -19.01 7.25
CA SER K 132 15.82 -19.59 6.73
C SER K 132 15.53 -20.74 5.79
N ILE K 133 14.55 -21.59 6.14
CA ILE K 133 14.16 -22.69 5.26
C ILE K 133 13.61 -22.15 3.95
N VAL K 134 12.74 -21.14 4.02
CA VAL K 134 12.15 -20.61 2.79
C VAL K 134 13.22 -19.94 1.93
N TYR K 135 14.21 -19.29 2.55
CA TYR K 135 15.31 -18.70 1.80
C TYR K 135 16.14 -19.77 1.10
N LEU K 136 16.45 -20.86 1.81
CA LEU K 136 17.25 -21.92 1.21
C LEU K 136 16.53 -22.56 0.04
N ILE K 137 15.24 -22.88 0.23
CA ILE K 137 14.50 -23.53 -0.85
C ILE K 137 14.28 -22.59 -2.03
N ALA K 138 14.12 -21.28 -1.75
CA ALA K 138 13.95 -20.32 -2.83
C ALA K 138 15.24 -20.15 -3.62
N LEU K 139 16.38 -20.09 -2.94
CA LEU K 139 17.66 -20.03 -3.65
C LEU K 139 17.88 -21.30 -4.48
N GLY K 140 17.54 -22.46 -3.92
CA GLY K 140 17.68 -23.69 -4.68
C GLY K 140 16.82 -23.71 -5.93
N THR K 141 15.55 -23.29 -5.81
CA THR K 141 14.67 -23.32 -6.97
C THR K 141 15.05 -22.24 -7.97
N LEU K 142 15.64 -21.13 -7.51
CA LEU K 142 16.05 -20.09 -8.43
C LEU K 142 17.31 -20.50 -9.20
N GLY K 143 18.21 -21.22 -8.54
CA GLY K 143 19.31 -21.83 -9.26
C GLY K 143 18.84 -22.91 -10.22
N TRP K 144 17.80 -23.65 -9.84
CA TRP K 144 17.25 -24.67 -10.72
C TRP K 144 16.64 -24.06 -11.98
N LEU K 145 15.93 -22.94 -11.83
CA LEU K 145 15.32 -22.30 -12.99
C LEU K 145 16.31 -21.65 -13.94
N GLY K 146 17.58 -21.49 -13.52
CA GLY K 146 18.58 -20.93 -14.40
C GLY K 146 18.92 -19.49 -14.09
N PHE K 147 19.05 -19.16 -12.81
CA PHE K 147 19.38 -17.81 -12.37
C PHE K 147 20.51 -17.87 -11.35
N HIS K 148 21.17 -16.73 -11.17
CA HIS K 148 22.25 -16.64 -10.20
C HIS K 148 21.73 -16.91 -8.79
N PHE K 149 22.45 -17.77 -8.06
CA PHE K 149 22.00 -18.14 -6.71
C PHE K 149 23.15 -18.27 -5.71
N LEU K 150 24.34 -17.78 -6.03
CA LEU K 150 25.46 -17.81 -5.11
C LEU K 150 25.80 -16.40 -4.67
N PRO K 151 25.73 -16.07 -3.38
CA PRO K 151 26.17 -14.75 -2.93
C PRO K 151 27.67 -14.58 -3.14
N VAL K 152 28.05 -13.42 -3.68
CA VAL K 152 29.46 -13.18 -3.99
C VAL K 152 30.26 -12.99 -2.71
N ARG K 153 29.74 -12.21 -1.77
CA ARG K 153 30.36 -11.99 -0.47
C ARG K 153 29.34 -12.43 0.59
N ALA K 154 29.38 -13.71 0.94
CA ALA K 154 28.35 -14.27 1.80
C ALA K 154 28.53 -13.82 3.25
N LEU K 155 29.76 -13.55 3.68
CA LEU K 155 29.98 -13.14 5.07
C LEU K 155 29.33 -11.79 5.36
N GLU K 156 29.44 -10.85 4.43
CA GLU K 156 28.79 -9.55 4.61
C GLU K 156 27.28 -9.68 4.64
N LEU K 157 26.73 -10.57 3.80
CA LEU K 157 25.29 -10.83 3.83
C LEU K 157 24.86 -11.41 5.16
N ALA K 158 25.67 -12.34 5.70
CA ALA K 158 25.35 -12.92 7.01
C ALA K 158 25.38 -11.86 8.10
N GLY K 159 26.38 -10.98 8.06
CA GLY K 159 26.45 -9.92 9.06
C GLY K 159 25.30 -8.95 8.98
N VAL K 160 24.92 -8.56 7.76
CA VAL K 160 23.80 -7.65 7.58
C VAL K 160 22.50 -8.30 8.03
N SER K 161 22.32 -9.59 7.71
CA SER K 161 21.14 -10.31 8.18
C SER K 161 21.11 -10.38 9.71
N ALA K 162 22.27 -10.61 10.34
CA ALA K 162 22.32 -10.66 11.79
C ALA K 162 21.94 -9.32 12.41
N VAL K 163 22.44 -8.21 11.86
CA VAL K 163 22.09 -6.91 12.42
C VAL K 163 20.63 -6.58 12.15
N LEU K 164 20.08 -7.05 11.02
CA LEU K 164 18.65 -6.87 10.76
C LEU K 164 17.82 -7.64 11.77
N ILE K 165 18.25 -8.86 12.11
CA ILE K 165 17.55 -9.66 13.11
C ILE K 165 17.60 -8.97 14.46
N MET K 166 18.77 -8.44 14.83
CA MET K 166 18.90 -7.71 16.08
C MET K 166 17.93 -6.53 16.13
N LEU K 167 17.93 -5.70 15.08
CA LEU K 167 17.05 -4.53 15.05
C LEU K 167 15.58 -4.94 15.10
N GLY K 168 15.19 -5.92 14.29
CA GLY K 168 13.79 -6.30 14.22
C GLY K 168 13.29 -6.93 15.51
N ALA K 169 14.07 -7.83 16.10
CA ALA K 169 13.67 -8.45 17.36
C ALA K 169 13.60 -7.41 18.47
N SER K 170 14.55 -6.47 18.49
CA SER K 170 14.51 -5.40 19.47
C SER K 170 13.25 -4.55 19.33
N LEU K 171 12.92 -4.16 18.09
CA LEU K 171 11.72 -3.36 17.87
C LEU K 171 10.46 -4.12 18.24
N GLY K 172 10.42 -5.42 17.91
CA GLY K 172 9.27 -6.22 18.29
C GLY K 172 9.10 -6.33 19.79
N LEU K 173 10.21 -6.53 20.51
CA LEU K 173 10.14 -6.62 21.97
C LEU K 173 9.69 -5.29 22.58
N PHE K 174 10.22 -4.17 22.07
CA PHE K 174 9.83 -2.86 22.58
C PHE K 174 8.35 -2.61 22.34
N PHE K 175 7.87 -2.91 21.12
CA PHE K 175 6.47 -2.71 20.81
C PHE K 175 5.59 -3.61 21.66
N ALA K 176 6.01 -4.85 21.89
CA ALA K 176 5.22 -5.78 22.71
C ALA K 176 5.15 -5.30 24.15
N VAL K 177 6.25 -4.75 24.67
CA VAL K 177 6.24 -4.23 26.04
C VAL K 177 5.32 -3.02 26.13
N VAL K 178 5.36 -2.14 25.14
CA VAL K 178 4.56 -0.92 25.19
C VAL K 178 3.07 -1.24 25.02
N THR K 179 2.73 -2.16 24.14
CA THR K 179 1.35 -2.37 23.70
C THR K 179 0.48 -3.11 24.69
N ASN K 180 1.02 -3.59 25.81
CA ASN K 180 0.24 -4.43 26.72
C ASN K 180 -0.97 -3.70 27.29
N GLU K 181 -0.86 -2.39 27.49
CA GLU K 181 -1.99 -1.64 28.05
C GLU K 181 -3.11 -1.48 27.03
N ILE K 182 -2.78 -1.10 25.81
CA ILE K 182 -3.75 -0.79 24.77
C ILE K 182 -3.54 -1.77 23.61
N PRO K 183 -4.42 -2.77 23.47
CA PRO K 183 -4.28 -3.72 22.36
C PRO K 183 -4.66 -3.14 20.99
N GLN K 184 -5.04 -1.87 20.91
CA GLN K 184 -5.34 -1.26 19.62
C GLN K 184 -4.09 -1.12 18.75
N ALA K 185 -2.90 -1.15 19.36
CA ALA K 185 -1.66 -0.81 18.67
C ALA K 185 -1.38 -1.70 17.46
N ARG K 186 -1.98 -2.89 17.41
CA ARG K 186 -1.93 -3.73 16.22
C ARG K 186 -2.19 -2.90 14.96
N ALA K 187 -3.34 -2.22 14.96
CA ALA K 187 -3.73 -1.40 13.81
C ALA K 187 -2.61 -0.44 13.44
N ILE K 188 -2.01 0.21 14.44
CA ILE K 188 -0.93 1.16 14.18
C ILE K 188 0.21 0.49 13.43
N VAL K 189 0.68 -0.65 13.95
CA VAL K 189 1.80 -1.29 13.26
C VAL K 189 1.38 -1.72 11.87
N ARG K 190 0.09 -2.10 11.73
CA ARG K 190 -0.41 -2.48 10.42
C ARG K 190 -0.31 -1.32 9.44
N ILE K 191 -0.76 -0.12 9.85
CA ILE K 191 -0.58 1.01 8.95
C ILE K 191 0.89 1.38 8.88
N SER K 192 1.62 1.20 10.00
CA SER K 192 3.06 1.39 9.97
C SER K 192 3.74 0.36 9.08
N LEU K 193 3.02 -0.69 8.69
CA LEU K 193 3.60 -1.68 7.81
C LEU K 193 3.37 -1.36 6.34
N LEU K 194 2.55 -0.35 6.03
CA LEU K 194 2.26 -0.09 4.62
C LEU K 194 3.39 0.66 3.94
N PRO K 195 3.84 1.83 4.43
CA PRO K 195 4.94 2.52 3.72
C PRO K 195 6.25 1.75 3.76
N LEU K 196 6.47 0.94 4.79
CA LEU K 196 7.74 0.22 4.92
C LEU K 196 7.94 -0.77 3.78
N TYR K 197 6.86 -1.35 3.26
CA TYR K 197 6.98 -2.23 2.11
C TYR K 197 7.29 -1.45 0.84
N PHE K 198 6.98 -0.15 0.82
CA PHE K 198 7.16 0.66 -0.38
C PHE K 198 8.35 1.60 -0.29
N VAL K 199 8.53 2.29 0.85
CA VAL K 199 9.59 3.27 0.97
C VAL K 199 10.97 2.65 1.12
N SER K 200 11.04 1.35 1.38
CA SER K 200 12.33 0.69 1.58
C SER K 200 13.03 0.34 0.27
N GLY K 201 12.35 0.47 -0.87
CA GLY K 201 12.98 0.16 -2.14
C GLY K 201 13.15 -1.32 -2.42
N VAL K 202 12.37 -2.18 -1.78
CA VAL K 202 12.46 -3.60 -2.05
C VAL K 202 11.89 -3.94 -3.44
N ILE K 203 10.77 -3.32 -3.81
CA ILE K 203 10.12 -3.66 -5.07
C ILE K 203 10.91 -3.13 -6.26
N PHE K 204 11.45 -1.91 -6.14
CA PHE K 204 12.11 -1.26 -7.25
C PHE K 204 13.44 -0.65 -6.79
N PRO K 205 14.43 -0.57 -7.68
CA PRO K 205 15.70 0.06 -7.29
C PRO K 205 15.52 1.53 -6.97
N VAL K 206 16.41 2.04 -6.11
CA VAL K 206 16.33 3.40 -5.61
C VAL K 206 16.92 4.39 -6.60
N HIS K 207 17.30 3.90 -7.78
CA HIS K 207 17.85 4.78 -8.81
C HIS K 207 16.83 5.81 -9.26
N THR K 208 15.58 5.40 -9.45
CA THR K 208 14.54 6.28 -9.96
C THR K 208 14.07 7.31 -8.94
N ILE K 209 14.45 7.17 -7.68
CA ILE K 209 14.03 8.14 -6.65
C ILE K 209 14.71 9.48 -6.92
N PRO K 210 13.96 10.58 -6.96
CA PRO K 210 14.58 11.89 -7.16
C PRO K 210 15.53 12.24 -6.03
N PRO K 211 16.67 12.85 -6.34
CA PRO K 211 17.64 13.19 -5.29
C PRO K 211 17.11 14.18 -4.25
N GLN K 212 16.22 15.08 -4.66
CA GLN K 212 15.72 16.11 -3.74
C GLN K 212 14.93 15.51 -2.59
N TYR K 213 14.34 14.34 -2.79
CA TYR K 213 13.63 13.65 -1.73
C TYR K 213 14.54 12.75 -0.90
N LEU K 214 15.79 12.57 -1.31
CA LEU K 214 16.63 11.49 -0.78
C LEU K 214 16.80 11.46 0.74
N PRO K 215 16.97 12.58 1.46
CA PRO K 215 17.13 12.46 2.93
C PRO K 215 16.02 11.68 3.64
N LEU K 216 14.76 11.89 3.26
CA LEU K 216 13.68 11.19 3.94
C LEU K 216 13.72 9.69 3.68
N LEU K 217 14.26 9.27 2.53
CA LEU K 217 14.49 7.85 2.30
C LEU K 217 15.64 7.33 3.16
N GLN K 218 16.63 8.17 3.44
CA GLN K 218 17.82 7.71 4.16
C GLN K 218 17.58 7.52 5.65
N LEU K 219 16.42 7.93 6.15
CA LEU K 219 16.09 7.76 7.57
C LEU K 219 15.48 6.41 7.89
N ASN K 220 15.32 5.53 6.89
CA ASN K 220 14.74 4.22 7.11
C ASN K 220 15.86 3.19 7.23
N PRO K 221 16.09 2.60 8.41
CA PRO K 221 17.18 1.63 8.54
C PRO K 221 17.00 0.39 7.68
N VAL K 222 15.77 -0.05 7.47
CA VAL K 222 15.56 -1.26 6.67
C VAL K 222 15.94 -1.01 5.21
N LEU K 223 15.85 0.24 4.74
CA LEU K 223 16.33 0.56 3.41
C LEU K 223 17.84 0.35 3.32
N HIS K 224 18.58 0.81 4.33
CA HIS K 224 20.02 0.60 4.37
C HIS K 224 20.35 -0.89 4.41
N LEU K 225 19.62 -1.66 5.22
CA LEU K 225 19.90 -3.08 5.33
C LEU K 225 19.61 -3.82 4.02
N ILE K 226 18.51 -3.48 3.36
CA ILE K 226 18.19 -4.11 2.08
C ILE K 226 19.24 -3.75 1.02
N GLU K 227 19.66 -2.48 0.99
CA GLU K 227 20.67 -2.07 0.03
C GLU K 227 22.00 -2.78 0.28
N LEU K 228 22.39 -2.92 1.55
CA LEU K 228 23.63 -3.63 1.86
C LEU K 228 23.53 -5.11 1.49
N SER K 229 22.38 -5.73 1.74
CA SER K 229 22.19 -7.13 1.35
C SER K 229 22.30 -7.29 -0.17
N ARG K 230 21.67 -6.39 -0.91
CA ARG K 230 21.75 -6.47 -2.38
C ARG K 230 23.17 -6.23 -2.88
N ALA K 231 23.89 -5.29 -2.25
CA ALA K 231 25.27 -5.03 -2.66
C ALA K 231 26.17 -6.21 -2.36
N SER K 232 26.01 -6.84 -1.20
CA SER K 232 26.85 -7.96 -0.82
C SER K 232 26.42 -9.27 -1.47
N PHE K 233 25.25 -9.31 -2.11
CA PHE K 233 24.82 -10.51 -2.82
C PHE K 233 25.28 -10.50 -4.27
N PHE K 234 24.88 -9.47 -5.02
CA PHE K 234 25.26 -9.34 -6.41
C PHE K 234 26.70 -8.87 -6.55
N PRO K 235 27.37 -9.19 -7.66
CA PRO K 235 28.75 -8.74 -7.85
C PRO K 235 28.91 -7.35 -8.43
N GLN K 236 27.82 -6.68 -8.82
CA GLN K 236 27.95 -5.36 -9.44
C GLN K 236 26.93 -4.35 -8.93
N TYR K 237 26.19 -4.67 -7.87
CA TYR K 237 25.30 -3.67 -7.28
C TYR K 237 26.12 -2.55 -6.65
N ARG K 238 25.69 -1.31 -6.87
CA ARG K 238 26.34 -0.14 -6.33
C ARG K 238 25.41 0.55 -5.35
N VAL K 239 25.94 0.89 -4.18
CA VAL K 239 25.14 1.56 -3.15
C VAL K 239 25.06 3.05 -3.46
N LEU K 240 23.95 3.65 -3.04
CA LEU K 240 23.80 5.09 -3.16
C LEU K 240 24.59 5.78 -2.04
N GLN K 241 25.04 7.00 -2.33
CA GLN K 241 25.82 7.74 -1.35
C GLN K 241 24.96 8.11 -0.14
N GLY K 242 25.54 7.95 1.05
CA GLY K 242 24.84 8.14 2.30
C GLY K 242 24.38 6.86 2.95
N ILE K 243 24.31 5.76 2.20
CA ILE K 243 23.94 4.47 2.75
C ILE K 243 25.15 3.87 3.44
N ASN K 244 24.99 3.48 4.71
CA ASN K 244 26.08 2.97 5.51
C ASN K 244 25.58 1.88 6.43
N LEU K 245 26.50 1.33 7.23
CA LEU K 245 26.17 0.34 8.25
C LEU K 245 26.21 0.90 9.66
N ALA K 246 26.83 2.06 9.86
CA ALA K 246 26.88 2.65 11.21
C ALA K 246 25.50 3.01 11.72
N TYR K 247 24.66 3.60 10.85
CA TYR K 247 23.31 4.00 11.26
C TYR K 247 22.47 2.80 11.69
N PRO K 248 22.31 1.74 10.88
CA PRO K 248 21.48 0.62 11.35
C PRO K 248 22.05 -0.10 12.55
N ALA K 249 23.37 -0.21 12.66
CA ALA K 249 23.96 -0.86 13.82
C ALA K 249 23.71 -0.07 15.09
N GLY K 250 23.91 1.25 15.03
CA GLY K 250 23.61 2.08 16.19
C GLY K 250 22.14 2.07 16.55
N PHE K 251 21.27 2.09 15.53
CA PHE K 251 19.84 2.01 15.76
C PHE K 251 19.48 0.70 16.46
N ALA K 252 20.03 -0.41 15.98
CA ALA K 252 19.73 -1.70 16.59
C ALA K 252 20.22 -1.76 18.03
N LEU K 253 21.43 -1.26 18.29
CA LEU K 253 21.97 -1.31 19.64
C LEU K 253 21.15 -0.44 20.60
N LEU K 254 20.88 0.80 20.21
CA LEU K 254 20.12 1.70 21.08
C LEU K 254 18.72 1.19 21.30
N SER K 255 18.07 0.69 20.24
CA SER K 255 16.72 0.17 20.38
C SER K 255 16.69 -1.06 21.27
N LEU K 256 17.69 -1.94 21.14
CA LEU K 256 17.75 -3.11 22.00
C LEU K 256 17.95 -2.72 23.45
N PHE K 257 18.81 -1.74 23.71
CA PHE K 257 19.01 -1.26 25.06
C PHE K 257 17.72 -0.70 25.65
N LEU K 258 17.00 0.12 24.89
CA LEU K 258 15.77 0.72 25.40
C LEU K 258 14.66 -0.32 25.54
N ALA K 259 14.63 -1.32 24.65
CA ALA K 259 13.62 -2.37 24.76
C ALA K 259 13.83 -3.23 25.99
N LEU K 260 15.08 -3.67 26.19
CA LEU K 260 15.40 -4.46 27.41
C LEU K 260 15.15 -3.57 28.63
N MET K 261 15.48 -2.29 28.50
CA MET K 261 15.29 -1.32 29.62
C MET K 261 13.81 -1.29 29.99
N LEU K 262 12.92 -1.18 28.99
CA LEU K 262 11.47 -1.10 29.25
C LEU K 262 10.99 -2.43 29.83
N TYR K 263 11.31 -3.54 29.17
CA TYR K 263 10.85 -4.85 29.63
C TYR K 263 11.21 -5.07 31.10
N ARG K 264 12.42 -4.68 31.51
CA ARG K 264 12.81 -4.86 32.90
C ARG K 264 12.09 -3.88 33.82
N LEU K 265 11.63 -2.75 33.28
CA LEU K 265 10.87 -1.81 34.11
C LEU K 265 9.48 -2.33 34.41
N ARG K 266 8.85 -2.98 33.45
CA ARG K 266 7.47 -3.45 33.58
C ARG K 266 7.38 -4.97 33.49
N ARG K 267 8.32 -5.67 34.15
CA ARG K 267 8.32 -7.12 34.10
C ARG K 267 7.19 -7.71 34.94
N HIS K 268 6.95 -7.17 36.14
CA HIS K 268 5.93 -7.73 37.02
C HIS K 268 4.53 -7.46 36.52
N GLN K 269 4.32 -6.34 35.82
CA GLN K 269 3.01 -6.04 35.25
C GLN K 269 2.66 -6.93 34.07
N LEU K 270 3.62 -7.70 33.55
CA LEU K 270 3.38 -8.59 32.42
C LEU K 270 2.76 -9.89 32.94
N ALA K 271 1.47 -9.80 33.27
CA ALA K 271 0.72 -10.93 33.79
C ALA K 271 -0.76 -10.68 33.51
N SER K 272 -1.62 -11.45 34.18
CA SER K 272 -3.07 -11.33 34.07
C SER K 272 -3.57 -11.49 32.64
N ILE L 2 7.99 -22.58 54.79
CA ILE L 2 7.74 -21.25 54.24
C ILE L 2 7.69 -20.22 55.37
N GLU L 3 7.88 -18.95 55.04
CA GLU L 3 7.90 -17.88 56.03
C GLU L 3 6.87 -16.81 55.79
N LEU L 4 6.67 -16.40 54.54
CA LEU L 4 5.69 -15.36 54.14
C LEU L 4 5.97 -14.05 54.88
N ARG L 5 7.11 -13.46 54.54
CA ARG L 5 7.57 -12.24 55.17
C ARG L 5 6.69 -11.05 54.78
N ASN L 6 7.12 -9.86 55.22
CA ASN L 6 6.35 -8.64 55.00
C ASN L 6 6.15 -8.38 53.51
N LEU L 7 4.95 -7.94 53.15
CA LEU L 7 4.62 -7.67 51.76
C LEU L 7 3.50 -6.64 51.70
N THR L 8 3.35 -6.05 50.52
CA THR L 8 2.27 -5.11 50.23
C THR L 8 1.75 -5.43 48.83
N LYS L 9 0.45 -5.67 48.72
CA LYS L 9 -0.17 -6.05 47.45
C LYS L 9 -1.31 -5.09 47.14
N TRP L 10 -1.23 -4.44 45.98
CA TRP L 10 -2.26 -3.56 45.48
C TRP L 10 -2.41 -3.78 43.99
N TYR L 11 -3.47 -3.18 43.42
CA TYR L 11 -3.72 -3.28 41.99
C TYR L 11 -3.96 -1.89 41.43
N PRO L 12 -3.63 -1.67 40.14
CA PRO L 12 -3.82 -0.34 39.55
C PRO L 12 -5.28 -0.02 39.27
N THR L 13 -6.06 0.23 40.33
CA THR L 13 -7.45 0.60 40.15
C THR L 13 -7.55 2.05 39.68
N PRO L 14 -8.60 2.37 38.90
CA PRO L 14 -8.79 3.77 38.48
C PRO L 14 -8.97 4.74 39.65
N HIS L 15 -9.62 4.30 40.73
CA HIS L 15 -9.85 5.15 41.89
C HIS L 15 -8.66 5.03 42.86
N GLY L 16 -7.54 5.58 42.40
CA GLY L 16 -6.32 5.55 43.20
C GLY L 16 -5.63 4.20 43.14
N ARG L 17 -5.68 3.47 44.25
CA ARG L 17 -5.07 2.15 44.33
C ARG L 17 -5.67 1.41 45.51
N ARG L 18 -6.18 0.20 45.27
CA ARG L 18 -6.78 -0.62 46.33
C ARG L 18 -5.68 -1.46 46.97
N TYR L 19 -5.28 -1.09 48.17
CA TYR L 19 -4.22 -1.81 48.90
C TYR L 19 -4.85 -3.03 49.55
N VAL L 20 -4.84 -4.15 48.81
CA VAL L 20 -5.49 -5.36 49.27
C VAL L 20 -4.75 -5.94 50.48
N PHE L 21 -3.42 -5.97 50.41
CA PHE L 21 -2.61 -6.54 51.49
C PHE L 21 -1.61 -5.50 51.97
N ARG L 22 -1.53 -5.34 53.29
CA ARG L 22 -0.62 -4.38 53.91
C ARG L 22 0.08 -4.99 55.11
N ASN L 23 1.41 -5.02 55.05
CA ASN L 23 2.28 -5.37 56.17
C ASN L 23 1.92 -6.72 56.77
N LEU L 24 1.70 -7.70 55.89
CA LEU L 24 1.34 -9.04 56.31
C LEU L 24 2.61 -9.81 56.67
N ASN L 25 2.73 -10.17 57.94
CA ASN L 25 3.84 -10.97 58.45
C ASN L 25 3.22 -12.15 59.20
N PHE L 26 2.90 -13.21 58.45
CA PHE L 26 2.24 -14.39 59.01
C PHE L 26 3.06 -15.62 58.67
N ARG L 27 3.32 -16.46 59.67
CA ARG L 27 4.06 -17.70 59.49
C ARG L 27 3.07 -18.85 59.45
N PHE L 28 3.04 -19.56 58.32
CA PHE L 28 2.11 -20.66 58.15
C PHE L 28 2.51 -21.84 59.04
N PRO L 29 1.54 -22.65 59.48
CA PRO L 29 1.87 -23.84 60.26
C PRO L 29 2.58 -24.90 59.41
N ASP L 30 3.04 -25.98 60.05
CA ASP L 30 3.84 -26.99 59.38
C ASP L 30 3.20 -28.36 59.53
N ASP L 31 3.32 -29.16 58.47
CA ASP L 31 2.89 -30.56 58.44
C ASP L 31 1.41 -30.74 58.68
N VAL L 32 0.60 -29.72 58.37
CA VAL L 32 -0.85 -29.79 58.53
C VAL L 32 -1.50 -29.17 57.31
N SER L 33 -2.63 -29.74 56.89
CA SER L 33 -3.41 -29.16 55.80
C SER L 33 -4.03 -27.84 56.26
N ILE L 34 -3.97 -26.83 55.41
CA ILE L 34 -4.45 -25.49 55.73
C ILE L 34 -5.73 -25.23 54.97
N GLY L 35 -6.71 -24.64 55.65
CA GLY L 35 -7.94 -24.24 55.00
C GLY L 35 -8.16 -22.74 55.00
N LEU L 36 -8.13 -22.14 53.81
CA LEU L 36 -8.42 -20.72 53.67
C LEU L 36 -9.92 -20.52 53.51
N ILE L 37 -10.52 -19.73 54.38
CA ILE L 37 -11.96 -19.48 54.36
C ILE L 37 -12.26 -18.13 53.73
N GLY L 38 -11.70 -17.05 54.28
CA GLY L 38 -11.80 -15.71 53.76
C GLY L 38 -13.25 -15.24 53.65
N ARG L 39 -13.48 -14.41 52.64
CA ARG L 39 -14.81 -13.90 52.32
C ARG L 39 -14.72 -13.25 50.94
N ASN L 40 -15.87 -12.85 50.41
CA ASN L 40 -15.89 -12.11 49.17
C ASN L 40 -15.27 -10.73 49.38
N GLY L 41 -14.38 -10.33 48.47
CA GLY L 41 -13.61 -9.12 48.63
C GLY L 41 -12.28 -9.30 49.31
N ALA L 42 -11.99 -10.49 49.83
CA ALA L 42 -10.70 -10.77 50.47
C ALA L 42 -9.70 -11.18 49.39
N GLY L 43 -8.52 -11.64 49.83
CA GLY L 43 -7.47 -11.97 48.89
C GLY L 43 -7.02 -13.42 48.93
N LYS L 44 -7.97 -14.36 49.00
CA LYS L 44 -7.62 -15.77 49.02
C LYS L 44 -6.97 -16.19 47.70
N SER L 45 -7.62 -15.85 46.58
CA SER L 45 -7.06 -16.20 45.27
C SER L 45 -5.73 -15.47 45.03
N THR L 46 -5.68 -14.18 45.40
CA THR L 46 -4.44 -13.40 45.25
C THR L 46 -3.35 -14.07 46.09
N LEU L 47 -3.65 -14.35 47.36
CA LEU L 47 -2.67 -15.06 48.23
C LEU L 47 -2.36 -16.42 47.62
N MET L 48 -3.36 -17.08 47.03
CA MET L 48 -3.16 -18.41 46.41
C MET L 48 -2.10 -18.29 45.30
N ARG L 49 -2.25 -17.30 44.42
CA ARG L 49 -1.28 -17.09 43.31
C ARG L 49 0.10 -16.75 43.90
N LEU L 50 0.13 -15.91 44.94
CA LEU L 50 1.41 -15.52 45.57
C LEU L 50 2.13 -16.78 46.05
N LEU L 51 1.38 -17.72 46.65
CA LEU L 51 1.97 -18.98 47.14
C LEU L 51 2.52 -19.76 45.94
N GLY L 52 1.88 -19.63 44.78
CA GLY L 52 2.33 -20.35 43.60
C GLY L 52 3.39 -19.64 42.78
N GLY L 53 3.76 -18.41 43.16
CA GLY L 53 4.77 -17.69 42.42
C GLY L 53 4.33 -17.21 41.05
N ILE L 54 3.02 -17.09 40.82
CA ILE L 54 2.53 -16.65 39.52
C ILE L 54 2.91 -15.20 39.27
N GLU L 55 2.70 -14.34 40.27
CA GLU L 55 3.11 -12.95 40.21
C GLU L 55 3.92 -12.62 41.46
N ALA L 56 5.07 -11.99 41.28
CA ALA L 56 5.94 -11.66 42.40
C ALA L 56 5.41 -10.44 43.15
N PRO L 57 5.64 -10.38 44.46
CA PRO L 57 5.27 -9.17 45.21
C PRO L 57 6.11 -7.98 44.75
N ASN L 58 5.50 -6.80 44.76
CA ASN L 58 6.17 -5.58 44.33
C ASN L 58 6.77 -4.81 45.50
N GLU L 59 6.18 -4.91 46.68
CA GLU L 59 6.69 -4.26 47.89
C GLU L 59 6.83 -5.28 49.00
N GLY L 60 7.42 -6.43 48.67
CA GLY L 60 7.62 -7.48 49.65
C GLY L 60 8.20 -8.71 49.00
N GLU L 61 8.29 -9.77 49.81
CA GLU L 61 8.82 -11.04 49.33
C GLU L 61 8.32 -12.16 50.22
N VAL L 62 8.45 -13.39 49.73
CA VAL L 62 8.06 -14.58 50.47
C VAL L 62 9.19 -15.61 50.37
N VAL L 63 9.54 -16.19 51.51
CA VAL L 63 10.58 -17.22 51.58
C VAL L 63 9.90 -18.58 51.57
N THR L 64 10.25 -19.41 50.58
CA THR L 64 9.65 -20.73 50.41
C THR L 64 10.78 -21.73 50.16
N ASP L 65 11.27 -22.37 51.23
CA ASP L 65 12.32 -23.38 51.10
C ASP L 65 11.73 -24.78 50.97
N VAL L 66 10.79 -24.94 50.03
CA VAL L 66 10.14 -26.20 49.75
C VAL L 66 9.43 -26.10 48.41
N SER L 67 9.28 -27.22 47.71
CA SER L 67 8.67 -27.21 46.38
C SER L 67 7.18 -26.92 46.49
N ILE L 68 6.72 -25.94 45.71
CA ILE L 68 5.32 -25.52 45.69
C ILE L 68 4.72 -25.90 44.34
N SER L 69 3.63 -26.65 44.37
CA SER L 69 2.92 -26.97 43.14
C SER L 69 2.14 -25.76 42.63
N TRP L 70 1.90 -25.74 41.33
CA TRP L 70 1.17 -24.64 40.72
C TRP L 70 -0.30 -24.67 41.18
N PRO L 71 -0.94 -23.51 41.29
CA PRO L 71 -2.35 -23.48 41.69
C PRO L 71 -3.25 -24.16 40.66
N VAL L 72 -4.30 -24.78 41.16
CA VAL L 72 -5.26 -25.48 40.30
C VAL L 72 -6.33 -24.50 39.83
N GLY L 73 -7.09 -23.97 40.77
CA GLY L 73 -8.11 -22.99 40.46
C GLY L 73 -9.27 -23.57 39.65
N LEU L 74 -10.15 -22.67 39.23
CA LEU L 74 -11.26 -23.01 38.36
C LEU L 74 -11.17 -22.34 36.99
N SER L 75 -10.22 -21.44 36.79
CA SER L 75 -10.02 -20.78 35.50
C SER L 75 -8.56 -20.39 35.38
N GLY L 76 -8.02 -20.48 34.16
CA GLY L 76 -6.63 -20.19 33.93
C GLY L 76 -5.73 -21.37 34.24
N GLY L 77 -4.48 -21.26 33.78
CA GLY L 77 -3.51 -22.30 33.96
C GLY L 77 -3.46 -23.33 32.85
N PHE L 78 -4.38 -23.27 31.89
CA PHE L 78 -4.39 -24.17 30.75
C PHE L 78 -4.43 -23.36 29.46
N GLN L 79 -4.21 -24.05 28.35
CA GLN L 79 -4.19 -23.42 27.03
C GLN L 79 -5.40 -23.89 26.23
N GLY L 80 -6.16 -22.94 25.70
CA GLY L 80 -7.35 -23.26 24.94
C GLY L 80 -7.04 -23.72 23.53
N SER L 81 -8.11 -24.09 22.82
CA SER L 81 -8.06 -24.53 21.42
C SER L 81 -7.17 -25.75 21.23
N LEU L 82 -6.98 -26.56 22.28
CA LEU L 82 -6.15 -27.75 22.22
C LEU L 82 -6.81 -28.85 23.03
N THR L 83 -6.45 -30.10 22.71
CA THR L 83 -6.93 -31.20 23.52
C THR L 83 -6.07 -31.34 24.76
N ALA L 84 -6.57 -32.11 25.73
CA ALA L 84 -5.84 -32.31 26.98
C ALA L 84 -4.54 -33.07 26.77
N ARG L 85 -4.43 -33.83 25.67
CA ARG L 85 -3.23 -34.63 25.43
C ARG L 85 -2.00 -33.74 25.24
N GLU L 86 -2.08 -32.77 24.33
CA GLU L 86 -0.92 -31.90 24.12
C GLU L 86 -0.66 -31.03 25.34
N ASN L 87 -1.71 -30.67 26.08
CA ASN L 87 -1.53 -29.92 27.31
C ASN L 87 -0.71 -30.70 28.33
N VAL L 88 -1.02 -31.99 28.50
CA VAL L 88 -0.27 -32.77 29.49
C VAL L 88 1.14 -33.07 29.00
N LYS L 89 1.33 -33.27 27.69
CA LYS L 89 2.72 -33.36 27.20
C LYS L 89 3.49 -32.07 27.47
N PHE L 90 2.85 -30.91 27.28
CA PHE L 90 3.54 -29.66 27.59
C PHE L 90 3.86 -29.55 29.07
N VAL L 91 2.94 -29.96 29.94
CA VAL L 91 3.16 -29.77 31.37
C VAL L 91 4.22 -30.74 31.90
N CYS L 92 4.35 -31.95 31.32
CA CYS L 92 5.47 -32.79 31.74
C CYS L 92 6.78 -32.38 31.06
N ARG L 93 6.72 -31.73 29.90
CA ARG L 93 7.94 -31.23 29.29
C ARG L 93 8.45 -29.95 29.96
N ILE L 94 7.58 -29.21 30.65
CA ILE L 94 7.98 -27.92 31.19
C ILE L 94 8.87 -28.09 32.42
N TYR L 95 8.84 -29.27 33.05
CA TYR L 95 9.67 -29.54 34.22
C TYR L 95 10.91 -30.37 33.90
N GLY L 96 11.28 -30.45 32.63
CA GLY L 96 12.49 -31.16 32.23
C GLY L 96 12.48 -32.63 32.57
N THR L 97 11.58 -33.39 31.95
CA THR L 97 11.43 -34.81 32.22
C THR L 97 11.84 -35.63 31.00
N SER L 98 12.09 -36.91 31.24
CA SER L 98 12.44 -37.84 30.18
C SER L 98 11.17 -38.28 29.46
N HIS L 99 11.27 -39.33 28.64
CA HIS L 99 10.12 -39.80 27.90
C HIS L 99 9.30 -40.83 28.67
N GLU L 100 9.96 -41.74 29.40
CA GLU L 100 9.25 -42.80 30.09
C GLU L 100 8.37 -42.26 31.22
N ASP L 101 8.93 -41.39 32.06
CA ASP L 101 8.16 -40.80 33.15
C ASP L 101 7.04 -39.92 32.62
N MET L 102 7.33 -39.15 31.57
CA MET L 102 6.29 -38.32 30.93
C MET L 102 5.13 -39.18 30.43
N LEU L 103 5.45 -40.27 29.72
CA LEU L 103 4.40 -41.14 29.19
C LEU L 103 3.60 -41.81 30.31
N ARG L 104 4.28 -42.30 31.35
CA ARG L 104 3.56 -42.96 32.43
C ARG L 104 2.70 -41.97 33.21
N LYS L 105 3.15 -40.72 33.32
CA LYS L 105 2.38 -39.72 34.06
C LYS L 105 1.17 -39.27 33.25
N VAL L 106 1.33 -39.18 31.92
CA VAL L 106 0.18 -38.93 31.05
C VAL L 106 -0.82 -40.06 31.15
N ARG L 107 -0.33 -41.31 31.16
CA ARG L 107 -1.22 -42.46 31.29
C ARG L 107 -1.96 -42.44 32.61
N PHE L 108 -1.27 -42.05 33.69
CA PHE L 108 -1.95 -41.87 34.98
C PHE L 108 -3.02 -40.79 34.89
N VAL L 109 -2.74 -39.72 34.15
CA VAL L 109 -3.72 -38.64 33.98
C VAL L 109 -4.97 -39.15 33.29
N GLU L 110 -4.81 -39.95 32.22
CA GLU L 110 -5.99 -40.49 31.55
C GLU L 110 -6.70 -41.53 32.41
N GLU L 111 -5.94 -42.28 33.22
CA GLU L 111 -6.56 -43.32 34.05
C GLU L 111 -7.39 -42.71 35.16
N PHE L 112 -6.92 -41.63 35.78
CA PHE L 112 -7.66 -41.02 36.88
C PHE L 112 -8.98 -40.44 36.40
N ALA L 113 -8.98 -39.75 35.25
CA ALA L 113 -10.16 -39.09 34.74
C ALA L 113 -10.98 -40.07 33.90
N GLU L 114 -12.23 -40.30 34.31
CA GLU L 114 -13.13 -41.19 33.60
C GLU L 114 -13.71 -40.45 32.39
N ILE L 115 -12.83 -40.17 31.43
CA ILE L 115 -13.17 -39.44 30.21
C ILE L 115 -12.86 -40.33 29.02
N GLY L 116 -13.82 -40.46 28.11
CA GLY L 116 -13.65 -41.30 26.95
C GLY L 116 -13.04 -40.55 25.78
N GLU L 117 -13.75 -40.47 24.65
CA GLU L 117 -13.25 -39.77 23.48
C GLU L 117 -13.09 -38.27 23.72
N HIS L 118 -13.76 -37.73 24.74
CA HIS L 118 -13.68 -36.30 25.01
C HIS L 118 -12.28 -35.85 25.42
N PHE L 119 -11.41 -36.79 25.79
CA PHE L 119 -10.02 -36.45 26.06
C PHE L 119 -9.28 -36.01 24.81
N ASP L 120 -9.77 -36.40 23.63
CA ASP L 120 -9.17 -36.03 22.35
C ASP L 120 -9.96 -34.93 21.66
N LEU L 121 -10.48 -33.99 22.46
CA LEU L 121 -11.31 -32.90 21.97
C LEU L 121 -10.71 -31.57 22.43
N PRO L 122 -10.87 -30.51 21.64
CA PRO L 122 -10.25 -29.22 21.99
C PRO L 122 -10.82 -28.65 23.28
N MET L 123 -10.05 -27.72 23.87
CA MET L 123 -10.40 -27.18 25.18
C MET L 123 -11.72 -26.41 25.17
N LYS L 124 -12.20 -26.00 24.00
CA LYS L 124 -13.49 -25.31 23.94
C LYS L 124 -14.63 -26.25 24.33
N THR L 125 -14.58 -27.50 23.85
CA THR L 125 -15.69 -28.44 24.05
C THR L 125 -15.49 -29.33 25.28
N TYR L 126 -15.27 -28.70 26.43
CA TYR L 126 -15.37 -29.36 27.72
C TYR L 126 -16.44 -28.68 28.56
N SER L 127 -17.09 -29.47 29.41
CA SER L 127 -18.02 -28.92 30.39
C SER L 127 -17.24 -28.29 31.55
N SER L 128 -17.99 -27.72 32.49
CA SER L 128 -17.35 -27.10 33.65
C SER L 128 -16.69 -28.12 34.56
N GLY L 129 -17.04 -29.39 34.44
CA GLY L 129 -16.49 -30.42 35.30
C GLY L 129 -15.31 -31.17 34.72
N MET L 130 -15.28 -31.37 33.41
CA MET L 130 -14.20 -32.12 32.78
C MET L 130 -12.87 -31.41 32.92
N ARG L 131 -12.85 -30.10 32.69
CA ARG L 131 -11.61 -29.33 32.82
C ARG L 131 -11.09 -29.37 34.25
N SER L 132 -11.99 -29.22 35.23
CA SER L 132 -11.59 -29.31 36.62
C SER L 132 -11.05 -30.69 36.96
N ARG L 133 -11.69 -31.74 36.42
CA ARG L 133 -11.22 -33.10 36.66
C ARG L 133 -9.82 -33.31 36.09
N VAL L 134 -9.58 -32.80 34.87
CA VAL L 134 -8.26 -32.94 34.26
C VAL L 134 -7.21 -32.19 35.07
N ALA L 135 -7.54 -30.96 35.49
CA ALA L 135 -6.59 -30.17 36.27
C ALA L 135 -6.29 -30.83 37.61
N PHE L 136 -7.33 -31.38 38.26
CA PHE L 136 -7.14 -32.02 39.56
C PHE L 136 -6.31 -33.29 39.43
N GLY L 137 -6.55 -34.07 38.39
CA GLY L 137 -5.72 -35.24 38.15
C GLY L 137 -4.28 -34.87 37.84
N LEU L 138 -4.08 -33.74 37.15
CA LEU L 138 -2.73 -33.26 36.89
C LEU L 138 -2.04 -32.78 38.17
N SER L 139 -2.81 -32.23 39.11
CA SER L 139 -2.22 -31.70 40.34
C SER L 139 -1.53 -32.79 41.15
N MET L 140 -2.17 -33.94 41.30
CA MET L 140 -1.58 -35.05 42.02
C MET L 140 -0.74 -35.95 41.13
N ALA L 141 -0.60 -35.63 39.84
CA ALA L 141 0.32 -36.35 39.00
C ALA L 141 1.77 -36.07 39.41
N PHE L 142 2.13 -34.80 39.55
CA PHE L 142 3.49 -34.43 39.90
C PHE L 142 3.73 -34.61 41.39
N ASP L 143 5.01 -34.80 41.74
CA ASP L 143 5.43 -34.99 43.12
C ASP L 143 5.82 -33.64 43.70
N PHE L 144 5.17 -33.26 44.80
CA PHE L 144 5.42 -31.98 45.44
C PHE L 144 5.22 -32.18 46.94
N ASP L 145 5.11 -31.06 47.66
CA ASP L 145 4.86 -31.12 49.10
C ASP L 145 3.60 -30.35 49.44
N TYR L 146 3.34 -29.26 48.73
CA TYR L 146 2.26 -28.34 49.04
C TYR L 146 1.30 -28.32 47.86
N TYR L 147 0.10 -28.87 48.05
CA TYR L 147 -0.90 -28.95 46.99
C TYR L 147 -1.91 -27.82 47.15
N LEU L 148 -2.03 -26.98 46.13
CA LEU L 148 -2.83 -25.76 46.19
C LEU L 148 -4.17 -26.00 45.49
N ILE L 149 -5.26 -25.94 46.24
CA ILE L 149 -6.59 -26.27 45.74
C ILE L 149 -7.50 -25.05 45.92
N ASP L 150 -8.17 -24.65 44.83
CA ASP L 150 -9.13 -23.52 44.91
C ASP L 150 -10.53 -24.04 44.54
N GLU L 151 -11.25 -24.62 45.51
CA GLU L 151 -12.63 -25.13 45.26
C GLU L 151 -12.69 -25.78 43.85
N ALA L 152 -11.85 -26.79 43.61
CA ALA L 152 -11.76 -27.44 42.29
C ALA L 152 -12.74 -28.61 42.20
N MET L 153 -13.48 -28.87 43.28
CA MET L 153 -14.45 -30.00 43.30
C MET L 153 -15.88 -29.47 43.17
N ALA L 154 -16.07 -28.16 43.37
CA ALA L 154 -17.41 -27.58 43.30
C ALA L 154 -18.14 -27.93 42.02
N VAL L 155 -17.45 -28.45 41.00
CA VAL L 155 -18.08 -28.79 39.72
C VAL L 155 -17.85 -30.26 39.41
N GLY L 156 -17.67 -31.08 40.44
CA GLY L 156 -17.45 -32.50 40.24
C GLY L 156 -18.55 -33.36 40.85
N ASP L 157 -18.62 -34.62 40.42
CA ASP L 157 -19.63 -35.54 40.95
C ASP L 157 -19.09 -36.25 42.18
N ALA L 158 -19.89 -37.16 42.73
CA ALA L 158 -19.50 -37.89 43.94
C ALA L 158 -18.31 -38.79 43.67
N GLN L 159 -18.26 -39.41 42.49
CA GLN L 159 -17.12 -40.27 42.15
C GLN L 159 -15.83 -39.46 42.04
N PHE L 160 -15.93 -38.21 41.60
CA PHE L 160 -14.76 -37.35 41.55
C PHE L 160 -14.15 -37.16 42.94
N ARG L 161 -14.98 -36.78 43.91
CA ARG L 161 -14.51 -36.65 45.28
C ARG L 161 -14.02 -37.99 45.81
N ALA L 162 -14.69 -39.08 45.43
CA ALA L 162 -14.32 -40.40 45.95
C ALA L 162 -12.91 -40.79 45.52
N LYS L 163 -12.63 -40.76 44.21
CA LYS L 163 -11.30 -41.17 43.82
C LYS L 163 -10.24 -40.09 44.05
N SER L 164 -10.63 -38.82 44.18
CA SER L 164 -9.67 -37.81 44.62
C SER L 164 -9.22 -38.08 46.06
N ARG L 165 -10.18 -38.42 46.93
CA ARG L 165 -9.85 -38.78 48.31
C ARG L 165 -9.02 -40.06 48.35
N ALA L 166 -9.36 -41.02 47.48
CA ALA L 166 -8.58 -42.26 47.43
C ALA L 166 -7.13 -41.99 47.02
N VAL L 167 -6.93 -41.14 46.00
CA VAL L 167 -5.58 -40.82 45.55
C VAL L 167 -4.82 -40.08 46.65
N PHE L 168 -5.48 -39.11 47.30
CA PHE L 168 -4.80 -38.36 48.36
C PHE L 168 -4.42 -39.26 49.52
N ASP L 169 -5.33 -40.15 49.93
CA ASP L 169 -5.02 -41.09 51.01
C ASP L 169 -3.97 -42.10 50.59
N SER L 170 -3.82 -42.34 49.28
CA SER L 170 -2.68 -43.10 48.81
C SER L 170 -1.40 -42.28 48.82
N ARG L 171 -1.52 -40.95 48.87
CA ARG L 171 -0.35 -40.07 48.86
C ARG L 171 -0.19 -39.26 50.14
N VAL L 172 -0.86 -39.64 51.24
CA VAL L 172 -0.68 -38.94 52.51
C VAL L 172 0.65 -39.37 53.13
N GLY L 173 1.09 -38.61 54.15
CA GLY L 173 2.31 -38.91 54.85
C GLY L 173 3.54 -38.21 54.33
N GLN L 174 3.51 -37.72 53.10
CA GLN L 174 4.64 -37.01 52.50
C GLN L 174 4.29 -35.64 51.95
N ALA L 175 3.01 -35.29 51.83
CA ALA L 175 2.60 -33.99 51.31
C ALA L 175 1.40 -33.47 52.09
N ASN L 176 1.21 -32.15 52.04
CA ASN L 176 0.07 -31.51 52.68
C ASN L 176 -0.64 -30.61 51.68
N MET L 177 -1.88 -30.25 52.01
CA MET L 177 -2.77 -29.56 51.10
C MET L 177 -3.26 -28.26 51.71
N ILE L 178 -3.19 -27.18 50.92
CA ILE L 178 -3.78 -25.90 51.25
C ILE L 178 -4.95 -25.69 50.30
N LEU L 179 -6.15 -25.61 50.86
CA LEU L 179 -7.35 -25.53 50.02
C LEU L 179 -8.26 -24.42 50.49
N VAL L 180 -9.00 -23.86 49.53
CA VAL L 180 -10.03 -22.86 49.79
C VAL L 180 -11.32 -23.30 49.10
N SER L 181 -12.42 -23.28 49.85
CA SER L 181 -13.70 -23.70 49.32
C SER L 181 -14.82 -23.03 50.12
N HIS L 182 -16.02 -23.05 49.55
CA HIS L 182 -17.19 -22.46 50.18
C HIS L 182 -18.11 -23.50 50.82
N ASN L 183 -17.80 -24.78 50.67
CA ASN L 183 -18.58 -25.86 51.29
C ASN L 183 -17.77 -26.41 52.48
N MET L 184 -18.14 -25.93 53.67
CA MET L 184 -17.31 -26.20 54.84
C MET L 184 -17.56 -27.57 55.45
N ASN L 185 -18.59 -28.28 54.99
CA ASN L 185 -18.69 -29.71 55.30
C ASN L 185 -17.49 -30.45 54.72
N ASP L 186 -16.97 -29.99 53.58
CA ASP L 186 -15.79 -30.60 52.98
C ASP L 186 -14.51 -30.15 53.70
N ILE L 187 -14.41 -28.86 54.00
CA ILE L 187 -13.18 -28.35 54.60
C ILE L 187 -13.07 -28.78 56.06
N LYS L 188 -14.18 -29.18 56.67
CA LYS L 188 -14.14 -29.70 58.04
C LYS L 188 -13.35 -31.01 58.11
N GLU L 189 -13.52 -31.87 57.11
CA GLU L 189 -12.85 -33.17 57.08
C GLU L 189 -11.67 -33.22 56.13
N TYR L 190 -11.36 -32.12 55.42
CA TYR L 190 -10.21 -32.09 54.54
C TYR L 190 -9.05 -31.26 55.06
N CYS L 191 -9.19 -30.61 56.22
CA CYS L 191 -8.14 -29.72 56.72
C CYS L 191 -7.94 -29.93 58.20
N ASP L 192 -6.75 -29.52 58.67
CA ASP L 192 -6.37 -29.60 60.08
C ASP L 192 -6.55 -28.28 60.80
N VAL L 193 -6.02 -27.19 60.23
CA VAL L 193 -6.15 -25.85 60.81
C VAL L 193 -6.67 -24.91 59.74
N VAL L 194 -7.24 -23.79 60.20
CA VAL L 194 -7.95 -22.86 59.34
C VAL L 194 -7.29 -21.49 59.45
N VAL L 195 -7.35 -20.71 58.36
CA VAL L 195 -6.84 -19.36 58.32
C VAL L 195 -7.89 -18.44 57.73
N LEU L 196 -8.22 -17.37 58.46
CA LEU L 196 -9.23 -16.40 58.03
C LEU L 196 -8.55 -15.07 57.72
N VAL L 197 -8.88 -14.54 56.55
CA VAL L 197 -8.35 -13.22 56.13
C VAL L 197 -9.54 -12.27 56.06
N ASP L 198 -9.39 -11.06 56.63
CA ASP L 198 -10.47 -10.05 56.59
C ASP L 198 -9.85 -8.66 56.63
N GLN L 199 -10.34 -7.73 55.80
CA GLN L 199 -9.77 -6.36 55.75
C GLN L 199 -8.26 -6.46 55.49
N GLY L 200 -7.84 -7.32 54.55
CA GLY L 200 -6.41 -7.49 54.24
C GLY L 200 -5.70 -8.30 55.31
N GLN L 201 -6.13 -8.19 56.57
CA GLN L 201 -5.47 -8.89 57.69
C GLN L 201 -5.73 -10.40 57.57
N ALA L 202 -4.76 -11.24 57.97
CA ALA L 202 -4.93 -12.70 57.94
C ALA L 202 -4.77 -13.27 59.35
N THR L 203 -5.57 -14.28 59.70
CA THR L 203 -5.52 -14.87 61.07
C THR L 203 -5.59 -16.40 60.96
N LEU L 204 -4.98 -17.12 61.90
CA LEU L 204 -4.95 -18.61 61.85
C LEU L 204 -5.85 -19.18 62.97
N TYR L 205 -6.54 -20.28 62.68
CA TYR L 205 -7.42 -20.94 63.70
C TYR L 205 -7.13 -22.44 63.71
N GLU L 206 -6.66 -22.97 64.84
CA GLU L 206 -6.35 -24.42 64.95
C GLU L 206 -7.65 -25.22 64.81
N ASP L 207 -8.56 -25.09 65.78
CA ASP L 207 -9.81 -25.84 65.74
C ASP L 207 -10.61 -25.44 64.50
N VAL L 208 -11.09 -26.44 63.78
CA VAL L 208 -11.85 -26.17 62.56
C VAL L 208 -13.19 -25.52 62.89
N GLU L 209 -13.82 -25.96 63.98
CA GLU L 209 -15.09 -25.36 64.39
C GLU L 209 -14.91 -23.91 64.79
N ALA L 210 -13.80 -23.59 65.45
CA ALA L 210 -13.50 -22.20 65.80
C ALA L 210 -13.34 -21.34 64.55
N GLY L 211 -12.65 -21.87 63.54
CA GLY L 211 -12.53 -21.14 62.28
C GLY L 211 -13.87 -20.97 61.58
N ILE L 212 -14.73 -21.98 61.66
CA ILE L 212 -16.07 -21.87 61.06
C ILE L 212 -16.87 -20.78 61.77
N ALA L 213 -16.82 -20.76 63.10
CA ALA L 213 -17.53 -19.74 63.87
C ALA L 213 -16.98 -18.34 63.59
N ALA L 214 -15.66 -18.23 63.45
CA ALA L 214 -15.06 -16.95 63.09
C ALA L 214 -15.50 -16.52 61.69
N TYR L 215 -15.65 -17.48 60.78
CA TYR L 215 -16.18 -17.17 59.45
C TYR L 215 -17.58 -16.59 59.55
N GLN L 216 -18.46 -17.27 60.29
CA GLN L 216 -19.85 -16.85 60.41
C GLN L 216 -20.06 -15.81 61.50
N GLY L 217 -19.00 -15.39 62.19
CA GLY L 217 -19.11 -14.37 63.21
C GLY L 217 -19.11 -12.96 62.66
PB ADP M . -22.70 -30.36 32.34
O1B ADP M . -22.38 -28.89 32.38
O2B ADP M . -21.89 -31.20 33.31
O3B ADP M . -24.17 -30.69 32.30
PA ADP M . -22.65 -30.05 29.58
O1A ADP M . -21.86 -28.76 29.48
O2A ADP M . -24.16 -29.99 29.56
O3A ADP M . -22.18 -30.84 30.89
O5' ADP M . -22.18 -31.02 28.38
C5' ADP M . -22.51 -30.70 27.04
C4' ADP M . -21.75 -31.58 26.07
O4' ADP M . -21.75 -30.96 24.80
C3' ADP M . -20.32 -31.77 26.50
O3' ADP M . -20.06 -33.16 26.74
C2' ADP M . -19.46 -31.28 25.36
O2' ADP M . -18.61 -32.34 24.88
C1' ADP M . -20.42 -30.88 24.26
N9 ADP M . -20.14 -29.47 23.88
C8 ADP M . -20.40 -28.39 24.63
N7 ADP M . -20.03 -27.24 24.00
C5 ADP M . -19.52 -27.60 22.80
C6 ADP M . -18.94 -26.89 21.64
N6 ADP M . -18.83 -25.54 21.62
N1 ADP M . -18.53 -27.64 20.59
C2 ADP M . -18.63 -28.98 20.59
N3 ADP M . -19.14 -29.69 21.61
C4 ADP M . -19.60 -29.06 22.73
AL ALF N . -14.17 -16.32 45.67
F1 ALF N . -15.19 -14.94 46.13
F2 ALF N . -13.13 -17.70 45.21
F3 ALF N . -13.61 -15.42 44.23
F4 ALF N . -14.72 -17.21 47.11
AL ALF O . -20.94 -29.59 35.18
F1 ALF O . -19.98 -31.06 34.88
F2 ALF O . -21.90 -28.11 35.48
F3 ALF O . -20.24 -28.84 33.72
F4 ALF O . -21.64 -30.34 36.63
PB ADP P . -11.47 -14.31 46.34
O1B ADP P . -11.25 -15.09 45.07
O2B ADP P . -12.90 -14.30 46.82
O3B ADP P . -10.45 -14.57 47.42
PA ADP P . -9.81 -12.40 45.17
O1A ADP P . -9.93 -12.81 43.74
O2A ADP P . -8.66 -12.91 46.00
O3A ADP P . -11.18 -12.78 45.92
O5' ADP P . -9.80 -10.80 45.25
C5' ADP P . -8.67 -10.09 44.77
C4' ADP P . -8.98 -8.59 44.69
O4' ADP P . -8.03 -7.98 43.80
C3' ADP P . -10.36 -8.34 44.14
O3' ADP P . -11.14 -7.63 45.11
C2' ADP P . -10.19 -7.48 42.91
O2' ADP P . -10.90 -6.25 43.07
C1' ADP P . -8.70 -7.21 42.80
N9 ADP P . -8.22 -7.63 41.46
C8 ADP P . -8.12 -8.90 41.04
N7 ADP P . -7.65 -8.96 39.76
C5 ADP P . -7.47 -7.70 39.35
C6 ADP P . -7.01 -7.03 38.11
N6 ADP P . -6.64 -7.76 37.02
N1 ADP P . -6.95 -5.69 38.08
C2 ADP P . -7.31 -4.95 39.15
N3 ADP P . -7.75 -5.48 40.31
C4 ADP P . -7.85 -6.82 40.47
#